data_3IBZ
# 
_entry.id   3IBZ 
# 
_audit_conform.dict_name       mmcif_pdbx.dic 
_audit_conform.dict_version    5.399 
_audit_conform.dict_location   http://mmcif.pdb.org/dictionaries/ascii/mmcif_pdbx.dic 
# 
loop_
_database_2.database_id 
_database_2.database_code 
_database_2.pdbx_database_accession 
_database_2.pdbx_DOI 
PDB   3IBZ         pdb_00003ibz 10.2210/pdb3ibz/pdb 
RCSB  RCSB054222   ?            ?                   
WWPDB D_1000054222 ?            ?                   
# 
loop_
_pdbx_audit_revision_history.ordinal 
_pdbx_audit_revision_history.data_content_type 
_pdbx_audit_revision_history.major_revision 
_pdbx_audit_revision_history.minor_revision 
_pdbx_audit_revision_history.revision_date 
1 'Structure model' 1 0 2009-08-18 
2 'Structure model' 1 1 2011-07-13 
3 'Structure model' 1 2 2017-11-01 
4 'Structure model' 1 3 2022-04-13 
5 'Structure model' 1 4 2024-11-27 
# 
_pdbx_audit_revision_details.ordinal             1 
_pdbx_audit_revision_details.revision_ordinal    1 
_pdbx_audit_revision_details.data_content_type   'Structure model' 
_pdbx_audit_revision_details.provider            repository 
_pdbx_audit_revision_details.type                'Initial release' 
_pdbx_audit_revision_details.description         ? 
_pdbx_audit_revision_details.details             ? 
# 
loop_
_pdbx_audit_revision_group.ordinal 
_pdbx_audit_revision_group.revision_ordinal 
_pdbx_audit_revision_group.data_content_type 
_pdbx_audit_revision_group.group 
1  2 'Structure model' Advisory                    
2  2 'Structure model' 'Version format compliance' 
3  3 'Structure model' Advisory                    
4  3 'Structure model' 'Refinement description'    
5  4 'Structure model' Advisory                    
6  4 'Structure model' 'Database references'       
7  4 'Structure model' 'Derived calculations'      
8  4 'Structure model' 'Structure summary'         
9  5 'Structure model' 'Data collection'           
10 5 'Structure model' 'Structure summary'         
# 
loop_
_pdbx_audit_revision_category.ordinal 
_pdbx_audit_revision_category.revision_ordinal 
_pdbx_audit_revision_category.data_content_type 
_pdbx_audit_revision_category.category 
1  3 'Structure model' pdbx_unobs_or_zero_occ_atoms 
2  3 'Structure model' software                     
3  4 'Structure model' audit_author                 
4  4 'Structure model' citation_author              
5  4 'Structure model' database_2                   
6  4 'Structure model' pdbx_struct_conn_angle       
7  4 'Structure model' pdbx_unobs_or_zero_occ_atoms 
8  4 'Structure model' struct_conn                  
9  4 'Structure model' struct_site                  
10 5 'Structure model' chem_comp_atom               
11 5 'Structure model' chem_comp_bond               
12 5 'Structure model' pdbx_entry_details           
13 5 'Structure model' pdbx_modification_feature    
# 
loop_
_pdbx_audit_revision_item.ordinal 
_pdbx_audit_revision_item.revision_ordinal 
_pdbx_audit_revision_item.data_content_type 
_pdbx_audit_revision_item.item 
1  3 'Structure model' '_software.name'                            
2  4 'Structure model' '_audit_author.identifier_ORCID'            
3  4 'Structure model' '_citation_author.identifier_ORCID'         
4  4 'Structure model' '_database_2.pdbx_DOI'                      
5  4 'Structure model' '_database_2.pdbx_database_accession'       
6  4 'Structure model' '_pdbx_struct_conn_angle.ptnr1_auth_seq_id' 
7  4 'Structure model' '_pdbx_struct_conn_angle.ptnr3_auth_seq_id' 
8  4 'Structure model' '_pdbx_struct_conn_angle.value'             
9  4 'Structure model' '_struct_conn.pdbx_dist_value'              
10 4 'Structure model' '_struct_conn.pdbx_leaving_atom_flag'       
11 4 'Structure model' '_struct_conn.ptnr2_auth_seq_id'            
12 4 'Structure model' '_struct_site.pdbx_auth_asym_id'            
13 4 'Structure model' '_struct_site.pdbx_auth_comp_id'            
14 4 'Structure model' '_struct_site.pdbx_auth_seq_id'             
# 
_pdbx_database_status.status_code                     REL 
_pdbx_database_status.entry_id                        3IBZ 
_pdbx_database_status.recvd_initial_deposition_date   2009-07-17 
_pdbx_database_status.deposit_site                    RCSB 
_pdbx_database_status.process_site                    RCSB 
_pdbx_database_status.status_code_sf                  REL 
_pdbx_database_status.status_code_mr                  ? 
_pdbx_database_status.SG_entry                        Y 
_pdbx_database_status.pdb_format_compatible           Y 
_pdbx_database_status.status_code_cs                  ? 
_pdbx_database_status.methods_development_category    ? 
_pdbx_database_status.status_code_nmr_data            ? 
# 
_pdbx_database_related.db_name        TargetDB 
_pdbx_database_related.db_id          APC7348 
_pdbx_database_related.details        . 
_pdbx_database_related.content_type   unspecified 
# 
loop_
_audit_author.name 
_audit_author.pdbx_ordinal 
_audit_author.identifier_ORCID 
'Klimecka, M.'                                  1  ?                   
'Chruszcz, M.'                                  2  ?                   
'Cymborowski, M.'                               3  ?                   
'Xu, X.'                                        4  ?                   
'Cui, H.'                                       5  ?                   
'Joachimiak, A.'                                6  ?                   
'Edwards, A.'                                   7  ?                   
'Savchenko, A.'                                 8  ?                   
'Minor, W.'                                     9  0000-0001-7075-7090 
'Midwest Center for Structural Genomics (MCSG)' 10 ?                   
# 
_citation.id                        primary 
_citation.title                     
'Crystal structure of putative tellurium resistant like protein (TerD) from Streptomyces coelicolor A3(2)' 
_citation.journal_abbrev            'To be Published' 
_citation.journal_volume            ? 
_citation.page_first                ? 
_citation.page_last                 ? 
_citation.year                      ? 
_citation.journal_id_ASTM           ? 
_citation.country                   ? 
_citation.journal_id_ISSN           ? 
_citation.journal_id_CSD            0353 
_citation.book_publisher            ? 
_citation.pdbx_database_id_PubMed   ? 
_citation.pdbx_database_id_DOI      ? 
# 
loop_
_citation_author.citation_id 
_citation_author.name 
_citation_author.ordinal 
_citation_author.identifier_ORCID 
primary 'Klimecka, M.'    1 ?                   
primary 'Chruszcz, M.'    2 ?                   
primary 'Cymborowski, M.' 3 ?                   
primary 'Xu, X.'          4 ?                   
primary 'Cui, H.'         5 ?                   
primary 'Joachimiak, A.'  6 ?                   
primary 'Edwards, A.'     7 ?                   
primary 'Savchenko, A.'   8 ?                   
primary 'Minor, W.'       9 0000-0001-7075-7090 
# 
loop_
_entity.id 
_entity.type 
_entity.src_method 
_entity.pdbx_description 
_entity.formula_weight 
_entity.pdbx_number_of_molecules 
_entity.pdbx_ec 
_entity.pdbx_mutation 
_entity.pdbx_fragment 
_entity.details 
1 polymer     man 'Putative tellurium resistant like protein TerD' 20499.295 1   ? ? ? ? 
2 non-polymer syn 'CALCIUM ION'                                    40.078    2   ? ? ? ? 
3 non-polymer syn 'SULFATE ION'                                    96.063    3   ? ? ? ? 
4 water       nat water                                            18.015    126 ? ? ? ? 
# 
_entity_poly.entity_id                      1 
_entity_poly.type                           'polypeptide(L)' 
_entity_poly.nstd_linkage                   no 
_entity_poly.nstd_monomer                   yes 
_entity_poly.pdbx_seq_one_letter_code       
;(MSE)GVSLSKGGNVSLTKEAPGLTAVIVGLGWDIRTTTGTDFDLDASALLLNSGGKVASDAHFIFFNNLKSPDGSVEHT
GDNITGEGEGDDEQIKINLATVPADIEKIVFPVSIYDAENRQQSFGQVRNAFIRVVNQAGEAEIARYDLSEDASTETA
(MSE)VFGELYRHGAEWKFRAIGQGYASGLRGIAQDFGVNV
;
_entity_poly.pdbx_seq_one_letter_code_can   
;MGVSLSKGGNVSLTKEAPGLTAVIVGLGWDIRTTTGTDFDLDASALLLNSGGKVASDAHFIFFNNLKSPDGSVEHTGDNI
TGEGEGDDEQIKINLATVPADIEKIVFPVSIYDAENRQQSFGQVRNAFIRVVNQAGEAEIARYDLSEDASTETAMVFGEL
YRHGAEWKFRAIGQGYASGLRGIAQDFGVNV
;
_entity_poly.pdbx_strand_id                 A 
_entity_poly.pdbx_target_identifier         APC7348 
# 
loop_
_pdbx_entity_nonpoly.entity_id 
_pdbx_entity_nonpoly.name 
_pdbx_entity_nonpoly.comp_id 
2 'CALCIUM ION' CA  
3 'SULFATE ION' SO4 
4 water         HOH 
# 
loop_
_entity_poly_seq.entity_id 
_entity_poly_seq.num 
_entity_poly_seq.mon_id 
_entity_poly_seq.hetero 
1 1   MSE n 
1 2   GLY n 
1 3   VAL n 
1 4   SER n 
1 5   LEU n 
1 6   SER n 
1 7   LYS n 
1 8   GLY n 
1 9   GLY n 
1 10  ASN n 
1 11  VAL n 
1 12  SER n 
1 13  LEU n 
1 14  THR n 
1 15  LYS n 
1 16  GLU n 
1 17  ALA n 
1 18  PRO n 
1 19  GLY n 
1 20  LEU n 
1 21  THR n 
1 22  ALA n 
1 23  VAL n 
1 24  ILE n 
1 25  VAL n 
1 26  GLY n 
1 27  LEU n 
1 28  GLY n 
1 29  TRP n 
1 30  ASP n 
1 31  ILE n 
1 32  ARG n 
1 33  THR n 
1 34  THR n 
1 35  THR n 
1 36  GLY n 
1 37  THR n 
1 38  ASP n 
1 39  PHE n 
1 40  ASP n 
1 41  LEU n 
1 42  ASP n 
1 43  ALA n 
1 44  SER n 
1 45  ALA n 
1 46  LEU n 
1 47  LEU n 
1 48  LEU n 
1 49  ASN n 
1 50  SER n 
1 51  GLY n 
1 52  GLY n 
1 53  LYS n 
1 54  VAL n 
1 55  ALA n 
1 56  SER n 
1 57  ASP n 
1 58  ALA n 
1 59  HIS n 
1 60  PHE n 
1 61  ILE n 
1 62  PHE n 
1 63  PHE n 
1 64  ASN n 
1 65  ASN n 
1 66  LEU n 
1 67  LYS n 
1 68  SER n 
1 69  PRO n 
1 70  ASP n 
1 71  GLY n 
1 72  SER n 
1 73  VAL n 
1 74  GLU n 
1 75  HIS n 
1 76  THR n 
1 77  GLY n 
1 78  ASP n 
1 79  ASN n 
1 80  ILE n 
1 81  THR n 
1 82  GLY n 
1 83  GLU n 
1 84  GLY n 
1 85  GLU n 
1 86  GLY n 
1 87  ASP n 
1 88  ASP n 
1 89  GLU n 
1 90  GLN n 
1 91  ILE n 
1 92  LYS n 
1 93  ILE n 
1 94  ASN n 
1 95  LEU n 
1 96  ALA n 
1 97  THR n 
1 98  VAL n 
1 99  PRO n 
1 100 ALA n 
1 101 ASP n 
1 102 ILE n 
1 103 GLU n 
1 104 LYS n 
1 105 ILE n 
1 106 VAL n 
1 107 PHE n 
1 108 PRO n 
1 109 VAL n 
1 110 SER n 
1 111 ILE n 
1 112 TYR n 
1 113 ASP n 
1 114 ALA n 
1 115 GLU n 
1 116 ASN n 
1 117 ARG n 
1 118 GLN n 
1 119 GLN n 
1 120 SER n 
1 121 PHE n 
1 122 GLY n 
1 123 GLN n 
1 124 VAL n 
1 125 ARG n 
1 126 ASN n 
1 127 ALA n 
1 128 PHE n 
1 129 ILE n 
1 130 ARG n 
1 131 VAL n 
1 132 VAL n 
1 133 ASN n 
1 134 GLN n 
1 135 ALA n 
1 136 GLY n 
1 137 GLU n 
1 138 ALA n 
1 139 GLU n 
1 140 ILE n 
1 141 ALA n 
1 142 ARG n 
1 143 TYR n 
1 144 ASP n 
1 145 LEU n 
1 146 SER n 
1 147 GLU n 
1 148 ASP n 
1 149 ALA n 
1 150 SER n 
1 151 THR n 
1 152 GLU n 
1 153 THR n 
1 154 ALA n 
1 155 MSE n 
1 156 VAL n 
1 157 PHE n 
1 158 GLY n 
1 159 GLU n 
1 160 LEU n 
1 161 TYR n 
1 162 ARG n 
1 163 HIS n 
1 164 GLY n 
1 165 ALA n 
1 166 GLU n 
1 167 TRP n 
1 168 LYS n 
1 169 PHE n 
1 170 ARG n 
1 171 ALA n 
1 172 ILE n 
1 173 GLY n 
1 174 GLN n 
1 175 GLY n 
1 176 TYR n 
1 177 ALA n 
1 178 SER n 
1 179 GLY n 
1 180 LEU n 
1 181 ARG n 
1 182 GLY n 
1 183 ILE n 
1 184 ALA n 
1 185 GLN n 
1 186 ASP n 
1 187 PHE n 
1 188 GLY n 
1 189 VAL n 
1 190 ASN n 
1 191 VAL n 
# 
_entity_src_gen.entity_id                          1 
_entity_src_gen.pdbx_src_id                        1 
_entity_src_gen.pdbx_alt_source_flag               sample 
_entity_src_gen.pdbx_seq_type                      ? 
_entity_src_gen.pdbx_beg_seq_num                   ? 
_entity_src_gen.pdbx_end_seq_num                   ? 
_entity_src_gen.gene_src_common_name               ? 
_entity_src_gen.gene_src_genus                     ? 
_entity_src_gen.pdbx_gene_src_gene                 'SCC8A.26c, SCO2368' 
_entity_src_gen.gene_src_species                   ? 
_entity_src_gen.gene_src_strain                    ? 
_entity_src_gen.gene_src_tissue                    ? 
_entity_src_gen.gene_src_tissue_fraction           ? 
_entity_src_gen.gene_src_details                   ? 
_entity_src_gen.pdbx_gene_src_fragment             ? 
_entity_src_gen.pdbx_gene_src_scientific_name      'Streptomyces coelicolor A3(2)' 
_entity_src_gen.pdbx_gene_src_ncbi_taxonomy_id     100226 
_entity_src_gen.pdbx_gene_src_variant              ? 
_entity_src_gen.pdbx_gene_src_cell_line            ? 
_entity_src_gen.pdbx_gene_src_atcc                 ? 
_entity_src_gen.pdbx_gene_src_organ                ? 
_entity_src_gen.pdbx_gene_src_organelle            ? 
_entity_src_gen.pdbx_gene_src_cell                 ? 
_entity_src_gen.pdbx_gene_src_cellular_location    ? 
_entity_src_gen.host_org_common_name               ? 
_entity_src_gen.pdbx_host_org_scientific_name      'Escherichia coli BL21(DE3)' 
_entity_src_gen.pdbx_host_org_ncbi_taxonomy_id     469008 
_entity_src_gen.host_org_genus                     ? 
_entity_src_gen.pdbx_host_org_gene                 ? 
_entity_src_gen.pdbx_host_org_organ                ? 
_entity_src_gen.host_org_species                   ? 
_entity_src_gen.pdbx_host_org_tissue               ? 
_entity_src_gen.pdbx_host_org_tissue_fraction      ? 
_entity_src_gen.pdbx_host_org_strain               'BL21 DE3 GOLD MAGIC' 
_entity_src_gen.pdbx_host_org_variant              ? 
_entity_src_gen.pdbx_host_org_cell_line            ? 
_entity_src_gen.pdbx_host_org_atcc                 ? 
_entity_src_gen.pdbx_host_org_culture_collection   ? 
_entity_src_gen.pdbx_host_org_cell                 ? 
_entity_src_gen.pdbx_host_org_organelle            ? 
_entity_src_gen.pdbx_host_org_cellular_location    ? 
_entity_src_gen.pdbx_host_org_vector_type          PLASMID 
_entity_src_gen.pdbx_host_org_vector               ? 
_entity_src_gen.host_org_details                   ? 
_entity_src_gen.expression_system_id               ? 
_entity_src_gen.plasmid_name                       'P15TV LIC' 
_entity_src_gen.plasmid_details                    ? 
_entity_src_gen.pdbx_description                   ? 
# 
loop_
_chem_comp.id 
_chem_comp.type 
_chem_comp.mon_nstd_flag 
_chem_comp.name 
_chem_comp.pdbx_synonyms 
_chem_comp.formula 
_chem_comp.formula_weight 
ALA 'L-peptide linking' y ALANINE          ? 'C3 H7 N O2'     89.093  
ARG 'L-peptide linking' y ARGININE         ? 'C6 H15 N4 O2 1' 175.209 
ASN 'L-peptide linking' y ASPARAGINE       ? 'C4 H8 N2 O3'    132.118 
ASP 'L-peptide linking' y 'ASPARTIC ACID'  ? 'C4 H7 N O4'     133.103 
CA  non-polymer         . 'CALCIUM ION'    ? 'Ca 2'           40.078  
GLN 'L-peptide linking' y GLUTAMINE        ? 'C5 H10 N2 O3'   146.144 
GLU 'L-peptide linking' y 'GLUTAMIC ACID'  ? 'C5 H9 N O4'     147.129 
GLY 'peptide linking'   y GLYCINE          ? 'C2 H5 N O2'     75.067  
HIS 'L-peptide linking' y HISTIDINE        ? 'C6 H10 N3 O2 1' 156.162 
HOH non-polymer         . WATER            ? 'H2 O'           18.015  
ILE 'L-peptide linking' y ISOLEUCINE       ? 'C6 H13 N O2'    131.173 
LEU 'L-peptide linking' y LEUCINE          ? 'C6 H13 N O2'    131.173 
LYS 'L-peptide linking' y LYSINE           ? 'C6 H15 N2 O2 1' 147.195 
MSE 'L-peptide linking' n SELENOMETHIONINE ? 'C5 H11 N O2 Se' 196.106 
PHE 'L-peptide linking' y PHENYLALANINE    ? 'C9 H11 N O2'    165.189 
PRO 'L-peptide linking' y PROLINE          ? 'C5 H9 N O2'     115.130 
SER 'L-peptide linking' y SERINE           ? 'C3 H7 N O3'     105.093 
SO4 non-polymer         . 'SULFATE ION'    ? 'O4 S -2'        96.063  
THR 'L-peptide linking' y THREONINE        ? 'C4 H9 N O3'     119.119 
TRP 'L-peptide linking' y TRYPTOPHAN       ? 'C11 H12 N2 O2'  204.225 
TYR 'L-peptide linking' y TYROSINE         ? 'C9 H11 N O3'    181.189 
VAL 'L-peptide linking' y VALINE           ? 'C5 H11 N O2'    117.146 
# 
loop_
_pdbx_poly_seq_scheme.asym_id 
_pdbx_poly_seq_scheme.entity_id 
_pdbx_poly_seq_scheme.seq_id 
_pdbx_poly_seq_scheme.mon_id 
_pdbx_poly_seq_scheme.ndb_seq_num 
_pdbx_poly_seq_scheme.pdb_seq_num 
_pdbx_poly_seq_scheme.auth_seq_num 
_pdbx_poly_seq_scheme.pdb_mon_id 
_pdbx_poly_seq_scheme.auth_mon_id 
_pdbx_poly_seq_scheme.pdb_strand_id 
_pdbx_poly_seq_scheme.pdb_ins_code 
_pdbx_poly_seq_scheme.hetero 
A 1 1   MSE 1   1   ?   ?   ?   A . n 
A 1 2   GLY 2   2   ?   ?   ?   A . n 
A 1 3   VAL 3   3   ?   ?   ?   A . n 
A 1 4   SER 4   4   ?   ?   ?   A . n 
A 1 5   LEU 5   5   ?   ?   ?   A . n 
A 1 6   SER 6   6   ?   ?   ?   A . n 
A 1 7   LYS 7   7   ?   ?   ?   A . n 
A 1 8   GLY 8   8   ?   ?   ?   A . n 
A 1 9   GLY 9   9   ?   ?   ?   A . n 
A 1 10  ASN 10  10  ?   ?   ?   A . n 
A 1 11  VAL 11  11  ?   ?   ?   A . n 
A 1 12  SER 12  12  ?   ?   ?   A . n 
A 1 13  LEU 13  13  13  LEU LEU A . n 
A 1 14  THR 14  14  14  THR THR A . n 
A 1 15  LYS 15  15  15  LYS LYS A . n 
A 1 16  GLU 16  16  16  GLU GLU A . n 
A 1 17  ALA 17  17  ?   ?   ?   A . n 
A 1 18  PRO 18  18  ?   ?   ?   A . n 
A 1 19  GLY 19  19  19  GLY GLY A . n 
A 1 20  LEU 20  20  20  LEU LEU A . n 
A 1 21  THR 21  21  21  THR THR A . n 
A 1 22  ALA 22  22  22  ALA ALA A . n 
A 1 23  VAL 23  23  23  VAL VAL A . n 
A 1 24  ILE 24  24  24  ILE ILE A . n 
A 1 25  VAL 25  25  25  VAL VAL A . n 
A 1 26  GLY 26  26  26  GLY GLY A . n 
A 1 27  LEU 27  27  27  LEU LEU A . n 
A 1 28  GLY 28  28  28  GLY GLY A . n 
A 1 29  TRP 29  29  29  TRP TRP A . n 
A 1 30  ASP 30  30  30  ASP ASP A . n 
A 1 31  ILE 31  31  31  ILE ILE A . n 
A 1 32  ARG 32  32  32  ARG ARG A . n 
A 1 33  THR 33  33  33  THR THR A . n 
A 1 34  THR 34  34  34  THR THR A . n 
A 1 35  THR 35  35  35  THR THR A . n 
A 1 36  GLY 36  36  36  GLY GLY A . n 
A 1 37  THR 37  37  37  THR THR A . n 
A 1 38  ASP 38  38  38  ASP ASP A . n 
A 1 39  PHE 39  39  39  PHE PHE A . n 
A 1 40  ASP 40  40  40  ASP ASP A . n 
A 1 41  LEU 41  41  41  LEU LEU A . n 
A 1 42  ASP 42  42  42  ASP ASP A . n 
A 1 43  ALA 43  43  43  ALA ALA A . n 
A 1 44  SER 44  44  44  SER SER A . n 
A 1 45  ALA 45  45  45  ALA ALA A . n 
A 1 46  LEU 46  46  46  LEU LEU A . n 
A 1 47  LEU 47  47  47  LEU LEU A . n 
A 1 48  LEU 48  48  48  LEU LEU A . n 
A 1 49  ASN 49  49  49  ASN ASN A . n 
A 1 50  SER 50  50  50  SER SER A . n 
A 1 51  GLY 51  51  51  GLY GLY A . n 
A 1 52  GLY 52  52  52  GLY GLY A . n 
A 1 53  LYS 53  53  53  LYS LYS A . n 
A 1 54  VAL 54  54  54  VAL VAL A . n 
A 1 55  ALA 55  55  55  ALA ALA A . n 
A 1 56  SER 56  56  56  SER SER A . n 
A 1 57  ASP 57  57  57  ASP ASP A . n 
A 1 58  ALA 58  58  58  ALA ALA A . n 
A 1 59  HIS 59  59  59  HIS HIS A . n 
A 1 60  PHE 60  60  60  PHE PHE A . n 
A 1 61  ILE 61  61  61  ILE ILE A . n 
A 1 62  PHE 62  62  62  PHE PHE A . n 
A 1 63  PHE 63  63  63  PHE PHE A . n 
A 1 64  ASN 64  64  64  ASN ASN A . n 
A 1 65  ASN 65  65  65  ASN ASN A . n 
A 1 66  LEU 66  66  66  LEU LEU A . n 
A 1 67  LYS 67  67  67  LYS LYS A . n 
A 1 68  SER 68  68  68  SER SER A . n 
A 1 69  PRO 69  69  69  PRO PRO A . n 
A 1 70  ASP 70  70  70  ASP ASP A . n 
A 1 71  GLY 71  71  71  GLY GLY A . n 
A 1 72  SER 72  72  72  SER SER A . n 
A 1 73  VAL 73  73  73  VAL VAL A . n 
A 1 74  GLU 74  74  74  GLU GLU A . n 
A 1 75  HIS 75  75  75  HIS HIS A . n 
A 1 76  THR 76  76  76  THR THR A . n 
A 1 77  GLY 77  77  77  GLY GLY A . n 
A 1 78  ASP 78  78  78  ASP ASP A . n 
A 1 79  ASN 79  79  79  ASN ASN A . n 
A 1 80  ILE 80  80  80  ILE ILE A . n 
A 1 81  THR 81  81  81  THR THR A . n 
A 1 82  GLY 82  82  82  GLY GLY A . n 
A 1 83  GLU 83  83  83  GLU GLU A . n 
A 1 84  GLY 84  84  84  GLY GLY A . n 
A 1 85  GLU 85  85  85  GLU GLU A . n 
A 1 86  GLY 86  86  86  GLY GLY A . n 
A 1 87  ASP 87  87  87  ASP ASP A . n 
A 1 88  ASP 88  88  88  ASP ASP A . n 
A 1 89  GLU 89  89  89  GLU GLU A . n 
A 1 90  GLN 90  90  90  GLN GLN A . n 
A 1 91  ILE 91  91  91  ILE ILE A . n 
A 1 92  LYS 92  92  92  LYS LYS A . n 
A 1 93  ILE 93  93  93  ILE ILE A . n 
A 1 94  ASN 94  94  94  ASN ASN A . n 
A 1 95  LEU 95  95  95  LEU LEU A . n 
A 1 96  ALA 96  96  96  ALA ALA A . n 
A 1 97  THR 97  97  97  THR THR A . n 
A 1 98  VAL 98  98  98  VAL VAL A . n 
A 1 99  PRO 99  99  99  PRO PRO A . n 
A 1 100 ALA 100 100 100 ALA ALA A . n 
A 1 101 ASP 101 101 101 ASP ASP A . n 
A 1 102 ILE 102 102 102 ILE ILE A . n 
A 1 103 GLU 103 103 103 GLU GLU A . n 
A 1 104 LYS 104 104 104 LYS LYS A . n 
A 1 105 ILE 105 105 105 ILE ILE A . n 
A 1 106 VAL 106 106 106 VAL VAL A . n 
A 1 107 PHE 107 107 107 PHE PHE A . n 
A 1 108 PRO 108 108 108 PRO PRO A . n 
A 1 109 VAL 109 109 109 VAL VAL A . n 
A 1 110 SER 110 110 110 SER SER A . n 
A 1 111 ILE 111 111 111 ILE ILE A . n 
A 1 112 TYR 112 112 112 TYR TYR A . n 
A 1 113 ASP 113 113 113 ASP ASP A . n 
A 1 114 ALA 114 114 114 ALA ALA A . n 
A 1 115 GLU 115 115 115 GLU GLU A . n 
A 1 116 ASN 116 116 116 ASN ASN A . n 
A 1 117 ARG 117 117 117 ARG ARG A . n 
A 1 118 GLN 118 118 118 GLN GLN A . n 
A 1 119 GLN 119 119 119 GLN GLN A . n 
A 1 120 SER 120 120 120 SER SER A . n 
A 1 121 PHE 121 121 121 PHE PHE A . n 
A 1 122 GLY 122 122 122 GLY GLY A . n 
A 1 123 GLN 123 123 123 GLN GLN A . n 
A 1 124 VAL 124 124 124 VAL VAL A . n 
A 1 125 ARG 125 125 125 ARG ARG A . n 
A 1 126 ASN 126 126 126 ASN ASN A . n 
A 1 127 ALA 127 127 127 ALA ALA A . n 
A 1 128 PHE 128 128 128 PHE PHE A . n 
A 1 129 ILE 129 129 129 ILE ILE A . n 
A 1 130 ARG 130 130 130 ARG ARG A . n 
A 1 131 VAL 131 131 131 VAL VAL A . n 
A 1 132 VAL 132 132 132 VAL VAL A . n 
A 1 133 ASN 133 133 133 ASN ASN A . n 
A 1 134 GLN 134 134 134 GLN GLN A . n 
A 1 135 ALA 135 135 135 ALA ALA A . n 
A 1 136 GLY 136 136 136 GLY GLY A . n 
A 1 137 GLU 137 137 137 GLU GLU A . n 
A 1 138 ALA 138 138 138 ALA ALA A . n 
A 1 139 GLU 139 139 139 GLU GLU A . n 
A 1 140 ILE 140 140 140 ILE ILE A . n 
A 1 141 ALA 141 141 141 ALA ALA A . n 
A 1 142 ARG 142 142 142 ARG ARG A . n 
A 1 143 TYR 143 143 143 TYR TYR A . n 
A 1 144 ASP 144 144 144 ASP ASP A . n 
A 1 145 LEU 145 145 145 LEU LEU A . n 
A 1 146 SER 146 146 146 SER SER A . n 
A 1 147 GLU 147 147 147 GLU GLU A . n 
A 1 148 ASP 148 148 148 ASP ASP A . n 
A 1 149 ALA 149 149 149 ALA ALA A . n 
A 1 150 SER 150 150 150 SER SER A . n 
A 1 151 THR 151 151 151 THR THR A . n 
A 1 152 GLU 152 152 152 GLU GLU A . n 
A 1 153 THR 153 153 153 THR THR A . n 
A 1 154 ALA 154 154 154 ALA ALA A . n 
A 1 155 MSE 155 155 155 MSE MET A . n 
A 1 156 VAL 156 156 156 VAL VAL A . n 
A 1 157 PHE 157 157 157 PHE PHE A . n 
A 1 158 GLY 158 158 158 GLY GLY A . n 
A 1 159 GLU 159 159 159 GLU GLU A . n 
A 1 160 LEU 160 160 160 LEU LEU A . n 
A 1 161 TYR 161 161 161 TYR TYR A . n 
A 1 162 ARG 162 162 162 ARG ARG A . n 
A 1 163 HIS 163 163 163 HIS HIS A . n 
A 1 164 GLY 164 164 164 GLY GLY A . n 
A 1 165 ALA 165 165 165 ALA ALA A . n 
A 1 166 GLU 166 166 166 GLU GLU A . n 
A 1 167 TRP 167 167 167 TRP TRP A . n 
A 1 168 LYS 168 168 168 LYS LYS A . n 
A 1 169 PHE 169 169 169 PHE PHE A . n 
A 1 170 ARG 170 170 170 ARG ARG A . n 
A 1 171 ALA 171 171 171 ALA ALA A . n 
A 1 172 ILE 172 172 172 ILE ILE A . n 
A 1 173 GLY 173 173 173 GLY GLY A . n 
A 1 174 GLN 174 174 174 GLN GLN A . n 
A 1 175 GLY 175 175 175 GLY GLY A . n 
A 1 176 TYR 176 176 176 TYR TYR A . n 
A 1 177 ALA 177 177 177 ALA ALA A . n 
A 1 178 SER 178 178 178 SER SER A . n 
A 1 179 GLY 179 179 179 GLY GLY A . n 
A 1 180 LEU 180 180 180 LEU LEU A . n 
A 1 181 ARG 181 181 181 ARG ARG A . n 
A 1 182 GLY 182 182 182 GLY GLY A . n 
A 1 183 ILE 183 183 183 ILE ILE A . n 
A 1 184 ALA 184 184 184 ALA ALA A . n 
A 1 185 GLN 185 185 185 GLN GLN A . n 
A 1 186 ASP 186 186 186 ASP ASP A . n 
A 1 187 PHE 187 187 187 PHE PHE A . n 
A 1 188 GLY 188 188 188 GLY GLY A . n 
A 1 189 VAL 189 189 189 VAL VAL A . n 
A 1 190 ASN 190 190 190 ASN ASN A . n 
A 1 191 VAL 191 191 191 VAL VAL A . n 
# 
loop_
_pdbx_nonpoly_scheme.asym_id 
_pdbx_nonpoly_scheme.entity_id 
_pdbx_nonpoly_scheme.mon_id 
_pdbx_nonpoly_scheme.ndb_seq_num 
_pdbx_nonpoly_scheme.pdb_seq_num 
_pdbx_nonpoly_scheme.auth_seq_num 
_pdbx_nonpoly_scheme.pdb_mon_id 
_pdbx_nonpoly_scheme.auth_mon_id 
_pdbx_nonpoly_scheme.pdb_strand_id 
_pdbx_nonpoly_scheme.pdb_ins_code 
B 2 CA  1   192 1   CA  CA  A . 
C 2 CA  1   193 1   CA  CA  A . 
D 3 SO4 1   194 1   SO4 SO4 A . 
E 3 SO4 1   195 2   SO4 SO4 A . 
F 3 SO4 1   196 1   SO4 SO4 A . 
G 4 HOH 1   197 2   HOH HOH A . 
G 4 HOH 2   198 4   HOH HOH A . 
G 4 HOH 3   199 6   HOH HOH A . 
G 4 HOH 4   200 8   HOH HOH A . 
G 4 HOH 5   201 9   HOH HOH A . 
G 4 HOH 6   202 10  HOH HOH A . 
G 4 HOH 7   203 11  HOH HOH A . 
G 4 HOH 8   204 13  HOH HOH A . 
G 4 HOH 9   205 14  HOH HOH A . 
G 4 HOH 10  206 15  HOH HOH A . 
G 4 HOH 11  207 16  HOH HOH A . 
G 4 HOH 12  208 17  HOH HOH A . 
G 4 HOH 13  209 18  HOH HOH A . 
G 4 HOH 14  210 19  HOH HOH A . 
G 4 HOH 15  211 20  HOH HOH A . 
G 4 HOH 16  212 21  HOH HOH A . 
G 4 HOH 17  213 22  HOH HOH A . 
G 4 HOH 18  214 26  HOH HOH A . 
G 4 HOH 19  215 27  HOH HOH A . 
G 4 HOH 20  216 28  HOH HOH A . 
G 4 HOH 21  217 29  HOH HOH A . 
G 4 HOH 22  218 30  HOH HOH A . 
G 4 HOH 23  219 31  HOH HOH A . 
G 4 HOH 24  220 32  HOH HOH A . 
G 4 HOH 25  221 33  HOH HOH A . 
G 4 HOH 26  222 34  HOH HOH A . 
G 4 HOH 27  223 35  HOH HOH A . 
G 4 HOH 28  224 36  HOH HOH A . 
G 4 HOH 29  225 37  HOH HOH A . 
G 4 HOH 30  226 39  HOH HOH A . 
G 4 HOH 31  227 40  HOH HOH A . 
G 4 HOH 32  228 41  HOH HOH A . 
G 4 HOH 33  229 42  HOH HOH A . 
G 4 HOH 34  230 45  HOH HOH A . 
G 4 HOH 35  231 48  HOH HOH A . 
G 4 HOH 36  232 49  HOH HOH A . 
G 4 HOH 37  233 51  HOH HOH A . 
G 4 HOH 38  234 52  HOH HOH A . 
G 4 HOH 39  235 53  HOH HOH A . 
G 4 HOH 40  236 54  HOH HOH A . 
G 4 HOH 41  237 56  HOH HOH A . 
G 4 HOH 42  238 57  HOH HOH A . 
G 4 HOH 43  239 58  HOH HOH A . 
G 4 HOH 44  240 59  HOH HOH A . 
G 4 HOH 45  241 60  HOH HOH A . 
G 4 HOH 46  242 61  HOH HOH A . 
G 4 HOH 47  243 62  HOH HOH A . 
G 4 HOH 48  244 63  HOH HOH A . 
G 4 HOH 49  245 64  HOH HOH A . 
G 4 HOH 50  246 68  HOH HOH A . 
G 4 HOH 51  247 69  HOH HOH A . 
G 4 HOH 52  248 71  HOH HOH A . 
G 4 HOH 53  249 72  HOH HOH A . 
G 4 HOH 54  250 73  HOH HOH A . 
G 4 HOH 55  251 76  HOH HOH A . 
G 4 HOH 56  252 77  HOH HOH A . 
G 4 HOH 57  253 78  HOH HOH A . 
G 4 HOH 58  254 80  HOH HOH A . 
G 4 HOH 59  255 81  HOH HOH A . 
G 4 HOH 60  256 82  HOH HOH A . 
G 4 HOH 61  257 84  HOH HOH A . 
G 4 HOH 62  258 87  HOH HOH A . 
G 4 HOH 63  259 94  HOH HOH A . 
G 4 HOH 64  260 95  HOH HOH A . 
G 4 HOH 65  261 96  HOH HOH A . 
G 4 HOH 66  262 97  HOH HOH A . 
G 4 HOH 67  263 98  HOH HOH A . 
G 4 HOH 68  264 99  HOH HOH A . 
G 4 HOH 69  265 100 HOH HOH A . 
G 4 HOH 70  266 101 HOH HOH A . 
G 4 HOH 71  267 102 HOH HOH A . 
G 4 HOH 72  268 103 HOH HOH A . 
G 4 HOH 73  269 104 HOH HOH A . 
G 4 HOH 74  270 105 HOH HOH A . 
G 4 HOH 75  271 106 HOH HOH A . 
G 4 HOH 76  272 107 HOH HOH A . 
G 4 HOH 77  273 108 HOH HOH A . 
G 4 HOH 78  274 109 HOH HOH A . 
G 4 HOH 79  275 110 HOH HOH A . 
G 4 HOH 80  276 111 HOH HOH A . 
G 4 HOH 81  277 112 HOH HOH A . 
G 4 HOH 82  278 113 HOH HOH A . 
G 4 HOH 83  279 114 HOH HOH A . 
G 4 HOH 84  280 117 HOH HOH A . 
G 4 HOH 85  281 118 HOH HOH A . 
G 4 HOH 86  282 119 HOH HOH A . 
G 4 HOH 87  283 120 HOH HOH A . 
G 4 HOH 88  284 121 HOH HOH A . 
G 4 HOH 89  285 122 HOH HOH A . 
G 4 HOH 90  286 123 HOH HOH A . 
G 4 HOH 91  287 124 HOH HOH A . 
G 4 HOH 92  288 125 HOH HOH A . 
G 4 HOH 93  289 126 HOH HOH A . 
G 4 HOH 94  290 2   HOH HOH A . 
G 4 HOH 95  291 3   HOH HOH A . 
G 4 HOH 96  292 4   HOH HOH A . 
G 4 HOH 97  293 6   HOH HOH A . 
G 4 HOH 98  294 7   HOH HOH A . 
G 4 HOH 99  295 9   HOH HOH A . 
G 4 HOH 100 296 10  HOH HOH A . 
G 4 HOH 101 297 11  HOH HOH A . 
G 4 HOH 102 298 12  HOH HOH A . 
G 4 HOH 103 299 13  HOH HOH A . 
G 4 HOH 104 300 15  HOH HOH A . 
G 4 HOH 105 301 16  HOH HOH A . 
G 4 HOH 106 302 19  HOH HOH A . 
G 4 HOH 107 303 21  HOH HOH A . 
G 4 HOH 108 304 22  HOH HOH A . 
G 4 HOH 109 305 23  HOH HOH A . 
G 4 HOH 110 306 24  HOH HOH A . 
G 4 HOH 111 307 25  HOH HOH A . 
G 4 HOH 112 308 2   HOH HOH A . 
G 4 HOH 113 309 4   HOH HOH A . 
G 4 HOH 114 310 5   HOH HOH A . 
G 4 HOH 115 311 6   HOH HOH A . 
G 4 HOH 116 312 7   HOH HOH A . 
G 4 HOH 117 313 9   HOH HOH A . 
G 4 HOH 118 314 10  HOH HOH A . 
G 4 HOH 119 315 11  HOH HOH A . 
G 4 HOH 120 316 12  HOH HOH A . 
G 4 HOH 121 317 13  HOH HOH A . 
G 4 HOH 122 318 14  HOH HOH A . 
G 4 HOH 123 319 15  HOH HOH A . 
G 4 HOH 124 320 16  HOH HOH A . 
G 4 HOH 125 321 17  HOH HOH A . 
G 4 HOH 126 322 18  HOH HOH A . 
# 
loop_
_pdbx_unobs_or_zero_occ_atoms.id 
_pdbx_unobs_or_zero_occ_atoms.PDB_model_num 
_pdbx_unobs_or_zero_occ_atoms.polymer_flag 
_pdbx_unobs_or_zero_occ_atoms.occupancy_flag 
_pdbx_unobs_or_zero_occ_atoms.auth_asym_id 
_pdbx_unobs_or_zero_occ_atoms.auth_comp_id 
_pdbx_unobs_or_zero_occ_atoms.auth_seq_id 
_pdbx_unobs_or_zero_occ_atoms.PDB_ins_code 
_pdbx_unobs_or_zero_occ_atoms.auth_atom_id 
_pdbx_unobs_or_zero_occ_atoms.label_alt_id 
_pdbx_unobs_or_zero_occ_atoms.label_asym_id 
_pdbx_unobs_or_zero_occ_atoms.label_comp_id 
_pdbx_unobs_or_zero_occ_atoms.label_seq_id 
_pdbx_unobs_or_zero_occ_atoms.label_atom_id 
1 1 Y 0 A GLU 103 ? N   A A GLU 103 N   
2 1 Y 0 A GLU 103 ? CA  A A GLU 103 CA  
3 1 Y 0 A GLU 103 ? C   A A GLU 103 C   
4 1 Y 0 A GLU 103 ? O   A A GLU 103 O   
5 1 Y 0 A GLU 103 ? CB  A A GLU 103 CB  
6 1 Y 0 A GLU 103 ? CG  A A GLU 103 CG  
7 1 Y 0 A GLU 103 ? CD  A A GLU 103 CD  
8 1 Y 0 A GLU 103 ? OE1 A A GLU 103 OE1 
9 1 Y 0 A GLU 103 ? OE2 A A GLU 103 OE2 
# 
loop_
_software.name 
_software.classification 
_software.version 
_software.citation_id 
_software.pdbx_ordinal 
HKL-3000 'data collection' .        ? 1  
HKL-3000 phasing           .        ? 2  
MLPHARE  phasing           .        ? 3  
DM       'model building'  .        ? 4  
SHELXD   phasing           .        ? 5  
RESOLVE  'model building'  .        ? 6  
ARP      'model building'  WARP     ? 7  
Coot     'model building'  .        ? 8  
CCP4     'model building'  .        ? 9  
SHELXE   'model building'  .        ? 10 
REFMAC   refinement        5.5.0072 ? 11 
HKL-3000 'data reduction'  .        ? 12 
HKL-3000 'data scaling'    .        ? 13 
DM       phasing           .        ? 14 
RESOLVE  phasing           .        ? 15 
CCP4     phasing           .        ? 16 
# 
_cell.entry_id           3IBZ 
_cell.length_a           34.836 
_cell.length_b           61.456 
_cell.length_c           85.713 
_cell.angle_alpha        90.00 
_cell.angle_beta         90.00 
_cell.angle_gamma        90.00 
_cell.Z_PDB              4 
_cell.pdbx_unique_axis   ? 
_cell.length_a_esd       ? 
_cell.length_b_esd       ? 
_cell.length_c_esd       ? 
_cell.angle_alpha_esd    ? 
_cell.angle_beta_esd     ? 
_cell.angle_gamma_esd    ? 
# 
_symmetry.entry_id                         3IBZ 
_symmetry.space_group_name_H-M             'P 21 21 21' 
_symmetry.pdbx_full_space_group_name_H-M   ? 
_symmetry.cell_setting                     ? 
_symmetry.Int_Tables_number                19 
_symmetry.space_group_name_Hall            ? 
# 
_exptl.entry_id          3IBZ 
_exptl.method            'X-RAY DIFFRACTION' 
_exptl.crystals_number   1 
# 
_exptl_crystal.id                    1 
_exptl_crystal.density_meas          ? 
_exptl_crystal.density_Matthews      2.24 
_exptl_crystal.density_percent_sol   45.04 
_exptl_crystal.description           ? 
_exptl_crystal.F_000                 ? 
_exptl_crystal.preparation           ? 
# 
_exptl_crystal_grow.crystal_id      1 
_exptl_crystal_grow.method          'VAPOR DIFFUSION' 
_exptl_crystal_grow.temp            293 
_exptl_crystal_grow.temp_details    ? 
_exptl_crystal_grow.pH              8.5 
_exptl_crystal_grow.pdbx_details    
'0.1M TRIS PH8.5, 12% GLYCEROL, 1.5M NH4SO4, VAPOR DIFFUSION - SITTING DROP, TEMPERATURE 273K, temperature 293K' 
_exptl_crystal_grow.pdbx_pH_range   ? 
# 
_diffrn.id                     1 
_diffrn.ambient_temp           100.0 
_diffrn.ambient_temp_details   ? 
_diffrn.crystal_id             1 
# 
_diffrn_detector.diffrn_id              1 
_diffrn_detector.detector               CCD 
_diffrn_detector.type                   'ADSC QUANTUM 315' 
_diffrn_detector.pdbx_collection_date   2009-06-14 
_diffrn_detector.details                MIRROR 
# 
_diffrn_radiation.diffrn_id                        1 
_diffrn_radiation.wavelength_id                    1 
_diffrn_radiation.pdbx_monochromatic_or_laue_m_l   M 
_diffrn_radiation.monochromator                    'SI-111 CHANNEL' 
_diffrn_radiation.pdbx_diffrn_protocol             'SINGLE WAVELENGTH' 
_diffrn_radiation.pdbx_scattering_type             x-ray 
# 
_diffrn_radiation_wavelength.id           1 
_diffrn_radiation_wavelength.wavelength   0.9793 
_diffrn_radiation_wavelength.wt           1.0 
# 
_diffrn_source.diffrn_id                   1 
_diffrn_source.source                      SYNCHROTRON 
_diffrn_source.type                        'APS BEAMLINE 19-ID' 
_diffrn_source.pdbx_synchrotron_site       APS 
_diffrn_source.pdbx_synchrotron_beamline   19-ID 
_diffrn_source.pdbx_wavelength             0.9793 
_diffrn_source.pdbx_wavelength_list        0.9793 
# 
_reflns.entry_id                     3IBZ 
_reflns.observed_criterion_sigma_I   -3.000 
_reflns.observed_criterion_sigma_F   0 
_reflns.d_resolution_low             49.940 
_reflns.d_resolution_high            1.78 
_reflns.number_obs                   18188 
_reflns.number_all                   ? 
_reflns.percent_possible_obs         99.1 
_reflns.pdbx_Rmerge_I_obs            0.071 
_reflns.pdbx_Rsym_value              0.071 
_reflns.pdbx_netI_over_sigmaI        22.1 
_reflns.B_iso_Wilson_estimate        ? 
_reflns.pdbx_redundancy              3.3 
_reflns.R_free_details               ? 
_reflns.limit_h_max                  ? 
_reflns.limit_h_min                  ? 
_reflns.limit_k_max                  ? 
_reflns.limit_k_min                  ? 
_reflns.limit_l_max                  ? 
_reflns.limit_l_min                  ? 
_reflns.observed_criterion_F_max     ? 
_reflns.observed_criterion_F_min     ? 
_reflns.pdbx_chi_squared             ? 
_reflns.pdbx_scaling_rejects         ? 
_reflns.pdbx_ordinal                 1 
_reflns.pdbx_diffrn_id               1 
# 
_reflns_shell.d_res_high             1.78 
_reflns_shell.d_res_low              1.81 
_reflns_shell.percent_possible_all   100 
_reflns_shell.Rmerge_I_obs           0.554 
_reflns_shell.pdbx_Rsym_value        0.554 
_reflns_shell.meanI_over_sigI_obs    2.2 
_reflns_shell.pdbx_redundancy        ? 
_reflns_shell.percent_possible_obs   ? 
_reflns_shell.number_unique_all      ? 
_reflns_shell.number_measured_all    ? 
_reflns_shell.number_measured_obs    ? 
_reflns_shell.number_unique_obs      ? 
_reflns_shell.pdbx_chi_squared       ? 
_reflns_shell.pdbx_ordinal           1 
_reflns_shell.pdbx_diffrn_id         1 
# 
_refine.entry_id                                 3IBZ 
_refine.ls_number_reflns_obs                     18123 
_refine.ls_number_reflns_all                     18123 
_refine.pdbx_ls_sigma_I                          0 
_refine.pdbx_ls_sigma_F                          0.000 
_refine.pdbx_data_cutoff_high_absF               ? 
_refine.pdbx_data_cutoff_low_absF                ? 
_refine.pdbx_data_cutoff_high_rms_absF           ? 
_refine.ls_d_res_low                             49.94 
_refine.ls_d_res_high                            1.78 
_refine.ls_percent_reflns_obs                    98.980 
_refine.ls_R_factor_obs                          0.164 
_refine.ls_R_factor_all                          0.164 
_refine.ls_R_factor_R_work                       0.163 
_refine.ls_R_factor_R_free                       0.200 
_refine.ls_R_factor_R_free_error                 ? 
_refine.ls_R_factor_R_free_error_details         ? 
_refine.ls_percent_reflns_R_free                 5.100 
_refine.ls_number_reflns_R_free                  929 
_refine.ls_number_parameters                     ? 
_refine.ls_number_restraints                     ? 
_refine.occupancy_min                            ? 
_refine.occupancy_max                            ? 
_refine.correlation_coeff_Fo_to_Fc               0.967 
_refine.correlation_coeff_Fo_to_Fc_free          0.952 
_refine.B_iso_mean                               7.48 
_refine.aniso_B[1][1]                            -1.80000 
_refine.aniso_B[2][2]                            -0.28000 
_refine.aniso_B[3][3]                            2.08000 
_refine.aniso_B[1][2]                            0.00000 
_refine.aniso_B[1][3]                            0.00000 
_refine.aniso_B[2][3]                            0.00000 
_refine.solvent_model_details                    MASK 
_refine.solvent_model_param_ksol                 ? 
_refine.solvent_model_param_bsol                 ? 
_refine.pdbx_solvent_vdw_probe_radii             1.20 
_refine.pdbx_solvent_ion_probe_radii             0.80 
_refine.pdbx_solvent_shrinkage_radii             0.80 
_refine.pdbx_ls_cross_valid_method               THROUGHOUT 
_refine.details                                  'HYDROGENS HAVE BEEN ADDED IN THE' 
_refine.pdbx_starting_model                      ? 
_refine.pdbx_method_to_determine_struct          SAD 
_refine.pdbx_isotropic_thermal_model             ? 
_refine.pdbx_stereochemistry_target_values       'MAXIMUM LIKELIHOOD' 
_refine.pdbx_stereochem_target_val_spec_case     ? 
_refine.pdbx_R_Free_selection_details            RANDOM 
_refine.pdbx_overall_ESU_R                       0.110 
_refine.pdbx_overall_ESU_R_Free                  0.109 
_refine.overall_SU_ML                            0.073 
_refine.overall_SU_B                             4.864 
_refine.ls_redundancy_reflns_obs                 ? 
_refine.B_iso_min                                ? 
_refine.B_iso_max                                ? 
_refine.overall_SU_R_Cruickshank_DPI             ? 
_refine.overall_SU_R_free                        ? 
_refine.ls_wR_factor_R_free                      ? 
_refine.ls_wR_factor_R_work                      ? 
_refine.overall_FOM_free_R_set                   ? 
_refine.overall_FOM_work_R_set                   ? 
_refine.pdbx_overall_phase_error                 ? 
_refine.pdbx_refine_id                           'X-RAY DIFFRACTION' 
_refine.pdbx_TLS_residual_ADP_flag               'LIKELY RESIDUAL' 
_refine.pdbx_diffrn_id                           1 
_refine.pdbx_overall_SU_R_free_Cruickshank_DPI   ? 
_refine.pdbx_overall_SU_R_Blow_DPI               ? 
_refine.pdbx_overall_SU_R_free_Blow_DPI          ? 
# 
_refine_hist.pdbx_refine_id                   'X-RAY DIFFRACTION' 
_refine_hist.cycle_id                         LAST 
_refine_hist.pdbx_number_atoms_protein        1349 
_refine_hist.pdbx_number_atoms_nucleic_acid   0 
_refine_hist.pdbx_number_atoms_ligand         17 
_refine_hist.number_atoms_solvent             126 
_refine_hist.number_atoms_total               1492 
_refine_hist.d_res_high                       1.78 
_refine_hist.d_res_low                        49.94 
# 
loop_
_refine_ls_restr.type 
_refine_ls_restr.dev_ideal 
_refine_ls_restr.dev_ideal_target 
_refine_ls_restr.weight 
_refine_ls_restr.number 
_refine_ls_restr.pdbx_refine_id 
_refine_ls_restr.pdbx_restraint_function 
r_bond_refined_d             0.020  0.022  ? 1436 'X-RAY DIFFRACTION' ? 
r_bond_other_d               0.002  0.020  ? 928  'X-RAY DIFFRACTION' ? 
r_angle_refined_deg          1.789  1.942  ? 1952 'X-RAY DIFFRACTION' ? 
r_angle_other_deg            2.349  3.000  ? 2263 'X-RAY DIFFRACTION' ? 
r_dihedral_angle_1_deg       6.421  5.000  ? 186  'X-RAY DIFFRACTION' ? 
r_dihedral_angle_2_deg       34.288 25.205 ? 73   'X-RAY DIFFRACTION' ? 
r_dihedral_angle_3_deg       14.327 15.000 ? 228  'X-RAY DIFFRACTION' ? 
r_dihedral_angle_4_deg       23.350 15.000 ? 8    'X-RAY DIFFRACTION' ? 
r_chiral_restr               0.120  0.200  ? 213  'X-RAY DIFFRACTION' ? 
r_gen_planes_refined         0.008  0.020  ? 1669 'X-RAY DIFFRACTION' ? 
r_gen_planes_other           0.006  0.020  ? 297  'X-RAY DIFFRACTION' ? 
r_nbd_refined                ?      ?      ? ?    'X-RAY DIFFRACTION' ? 
r_nbd_other                  ?      ?      ? ?    'X-RAY DIFFRACTION' ? 
r_nbtor_refined              ?      ?      ? ?    'X-RAY DIFFRACTION' ? 
r_nbtor_other                ?      ?      ? ?    'X-RAY DIFFRACTION' ? 
r_xyhbond_nbd_refined        ?      ?      ? ?    'X-RAY DIFFRACTION' ? 
r_xyhbond_nbd_other          ?      ?      ? ?    'X-RAY DIFFRACTION' ? 
r_metal_ion_refined          ?      ?      ? ?    'X-RAY DIFFRACTION' ? 
r_metal_ion_other            ?      ?      ? ?    'X-RAY DIFFRACTION' ? 
r_symmetry_vdw_refined       ?      ?      ? ?    'X-RAY DIFFRACTION' ? 
r_symmetry_vdw_other         ?      ?      ? ?    'X-RAY DIFFRACTION' ? 
r_symmetry_hbond_refined     ?      ?      ? ?    'X-RAY DIFFRACTION' ? 
r_symmetry_hbond_other       ?      ?      ? ?    'X-RAY DIFFRACTION' ? 
r_symmetry_metal_ion_refined ?      ?      ? ?    'X-RAY DIFFRACTION' ? 
r_symmetry_metal_ion_other   ?      ?      ? ?    'X-RAY DIFFRACTION' ? 
r_mcbond_it                  1.219  1.500  ? 901  'X-RAY DIFFRACTION' ? 
r_mcbond_other               0.189  1.500  ? 382  'X-RAY DIFFRACTION' ? 
r_mcangle_it                 2.191  2.000  ? 1442 'X-RAY DIFFRACTION' ? 
r_scbond_it                  3.348  3.000  ? 535  'X-RAY DIFFRACTION' ? 
r_scangle_it                 5.398  4.500  ? 510  'X-RAY DIFFRACTION' ? 
r_rigid_bond_restr           ?      ?      ? ?    'X-RAY DIFFRACTION' ? 
r_sphericity_free            ?      ?      ? ?    'X-RAY DIFFRACTION' ? 
r_sphericity_bonded          ?      ?      ? ?    'X-RAY DIFFRACTION' ? 
# 
_refine_ls_shell.pdbx_total_number_of_bins_used   20 
_refine_ls_shell.d_res_high                       1.78 
_refine_ls_shell.d_res_low                        1.83 
_refine_ls_shell.number_reflns_R_work             1238 
_refine_ls_shell.R_factor_R_work                  0.2260 
_refine_ls_shell.percent_reflns_obs               98.44 
_refine_ls_shell.R_factor_R_free                  0.2830 
_refine_ls_shell.R_factor_R_free_error            ? 
_refine_ls_shell.percent_reflns_R_free            ? 
_refine_ls_shell.number_reflns_R_free             85 
_refine_ls_shell.number_reflns_all                ? 
_refine_ls_shell.R_factor_all                     ? 
_refine_ls_shell.number_reflns_obs                ? 
_refine_ls_shell.redundancy_reflns_obs            ? 
_refine_ls_shell.pdbx_refine_id                   'X-RAY DIFFRACTION' 
# 
_struct.entry_id                  3IBZ 
_struct.title                     
'Crystal structure of putative tellurium resistant like protein (TerD) from Streptomyces coelicolor A3(2)' 
_struct.pdbx_model_details        ? 
_struct.pdbx_CASP_flag            ? 
_struct.pdbx_model_type_details   ? 
# 
_struct_keywords.entry_id        3IBZ 
_struct_keywords.pdbx_keywords   'structural genomics, unknown function' 
_struct_keywords.text            
;structural genomics, stress protein, tellurium resistance, PSI-2, Protein Structure Initiative, Midwest Center for Structural Genomics, MCSG, unknown function
;
# 
loop_
_struct_asym.id 
_struct_asym.pdbx_blank_PDB_chainid_flag 
_struct_asym.pdbx_modified 
_struct_asym.entity_id 
_struct_asym.details 
A N N 1 ? 
B N N 2 ? 
C N N 2 ? 
D N N 3 ? 
E N N 3 ? 
F N N 3 ? 
G N N 4 ? 
# 
_struct_ref.id                         1 
_struct_ref.db_name                    UNP 
_struct_ref.db_code                    Q9KY22_STRCO 
_struct_ref.pdbx_db_accession          Q9KY22 
_struct_ref.entity_id                  1 
_struct_ref.pdbx_seq_one_letter_code   
;MGVSLSKGGNVSLTKEAPGLTAVIVGLGWDIRTTTGTDFDLDASALLLNSGGKVASDAHFIFFNNLKSPDGSVEHTGDNI
TGEGEGDDEQIKINLATVPADIEKIVFPVSIYDAENRQQSFGQVRNAFIRVVNQAGEAEIARYDLSEDASTETAMVFGEL
YRHGAEWKFRAIGQGYASGLRGIAQDFGVNV
;
_struct_ref.pdbx_align_begin           1 
_struct_ref.pdbx_db_isoform            ? 
# 
_struct_ref_seq.align_id                      1 
_struct_ref_seq.ref_id                        1 
_struct_ref_seq.pdbx_PDB_id_code              3IBZ 
_struct_ref_seq.pdbx_strand_id                A 
_struct_ref_seq.seq_align_beg                 1 
_struct_ref_seq.pdbx_seq_align_beg_ins_code   ? 
_struct_ref_seq.seq_align_end                 191 
_struct_ref_seq.pdbx_seq_align_end_ins_code   ? 
_struct_ref_seq.pdbx_db_accession             Q9KY22 
_struct_ref_seq.db_align_beg                  1 
_struct_ref_seq.pdbx_db_align_beg_ins_code    ? 
_struct_ref_seq.db_align_end                  191 
_struct_ref_seq.pdbx_db_align_end_ins_code    ? 
_struct_ref_seq.pdbx_auth_seq_align_beg       1 
_struct_ref_seq.pdbx_auth_seq_align_end       191 
# 
_pdbx_struct_assembly.id                   1 
_pdbx_struct_assembly.details              author_and_software_defined_assembly 
_pdbx_struct_assembly.method_details       PISA 
_pdbx_struct_assembly.oligomeric_details   monomeric 
_pdbx_struct_assembly.oligomeric_count     1 
# 
_pdbx_struct_assembly_gen.assembly_id       1 
_pdbx_struct_assembly_gen.oper_expression   1 
_pdbx_struct_assembly_gen.asym_id_list      A,B,C,D,E,F,G 
# 
_pdbx_struct_oper_list.id                   1 
_pdbx_struct_oper_list.type                 'identity operation' 
_pdbx_struct_oper_list.name                 1_555 
_pdbx_struct_oper_list.symmetry_operation   x,y,z 
_pdbx_struct_oper_list.matrix[1][1]         1.0000000000 
_pdbx_struct_oper_list.matrix[1][2]         0.0000000000 
_pdbx_struct_oper_list.matrix[1][3]         0.0000000000 
_pdbx_struct_oper_list.vector[1]            0.0000000000 
_pdbx_struct_oper_list.matrix[2][1]         0.0000000000 
_pdbx_struct_oper_list.matrix[2][2]         1.0000000000 
_pdbx_struct_oper_list.matrix[2][3]         0.0000000000 
_pdbx_struct_oper_list.vector[2]            0.0000000000 
_pdbx_struct_oper_list.matrix[3][1]         0.0000000000 
_pdbx_struct_oper_list.matrix[3][2]         0.0000000000 
_pdbx_struct_oper_list.matrix[3][3]         1.0000000000 
_pdbx_struct_oper_list.vector[3]            0.0000000000 
# 
_struct_biol.id        1 
_struct_biol.details   ? 
# 
loop_
_struct_conf.conf_type_id 
_struct_conf.id 
_struct_conf.pdbx_PDB_helix_id 
_struct_conf.beg_label_comp_id 
_struct_conf.beg_label_asym_id 
_struct_conf.beg_label_seq_id 
_struct_conf.pdbx_beg_PDB_ins_code 
_struct_conf.end_label_comp_id 
_struct_conf.end_label_asym_id 
_struct_conf.end_label_seq_id 
_struct_conf.pdbx_end_PDB_ins_code 
_struct_conf.beg_auth_comp_id 
_struct_conf.beg_auth_asym_id 
_struct_conf.beg_auth_seq_id 
_struct_conf.end_auth_comp_id 
_struct_conf.end_auth_asym_id 
_struct_conf.end_auth_seq_id 
_struct_conf.pdbx_PDB_helix_class 
_struct_conf.details 
_struct_conf.pdbx_PDB_helix_length 
HELX_P HELX_P1 1 SER A 56  ? ALA A 58  ? SER A 56  ALA A 58  5 ? 3  
HELX_P HELX_P2 2 ALA A 96  ? VAL A 98  ? ALA A 96  VAL A 98  5 ? 3  
HELX_P HELX_P3 3 ASP A 113 ? GLN A 118 ? ASP A 113 GLN A 118 1 ? 6  
HELX_P HELX_P4 4 SER A 120 ? VAL A 124 ? SER A 120 VAL A 124 5 ? 5  
HELX_P HELX_P5 5 LEU A 145 ? ALA A 149 ? LEU A 145 ALA A 149 1 ? 5  
HELX_P HELX_P6 6 SER A 178 ? PHE A 187 ? SER A 178 PHE A 187 1 ? 10 
# 
_struct_conf_type.id          HELX_P 
_struct_conf_type.criteria    ? 
_struct_conf_type.reference   ? 
# 
loop_
_struct_conn.id 
_struct_conn.conn_type_id 
_struct_conn.pdbx_leaving_atom_flag 
_struct_conn.pdbx_PDB_id 
_struct_conn.ptnr1_label_asym_id 
_struct_conn.ptnr1_label_comp_id 
_struct_conn.ptnr1_label_seq_id 
_struct_conn.ptnr1_label_atom_id 
_struct_conn.pdbx_ptnr1_label_alt_id 
_struct_conn.pdbx_ptnr1_PDB_ins_code 
_struct_conn.pdbx_ptnr1_standard_comp_id 
_struct_conn.ptnr1_symmetry 
_struct_conn.ptnr2_label_asym_id 
_struct_conn.ptnr2_label_comp_id 
_struct_conn.ptnr2_label_seq_id 
_struct_conn.ptnr2_label_atom_id 
_struct_conn.pdbx_ptnr2_label_alt_id 
_struct_conn.pdbx_ptnr2_PDB_ins_code 
_struct_conn.ptnr1_auth_asym_id 
_struct_conn.ptnr1_auth_comp_id 
_struct_conn.ptnr1_auth_seq_id 
_struct_conn.ptnr2_auth_asym_id 
_struct_conn.ptnr2_auth_comp_id 
_struct_conn.ptnr2_auth_seq_id 
_struct_conn.ptnr2_symmetry 
_struct_conn.pdbx_ptnr3_label_atom_id 
_struct_conn.pdbx_ptnr3_label_seq_id 
_struct_conn.pdbx_ptnr3_label_comp_id 
_struct_conn.pdbx_ptnr3_label_asym_id 
_struct_conn.pdbx_ptnr3_label_alt_id 
_struct_conn.pdbx_ptnr3_PDB_ins_code 
_struct_conn.details 
_struct_conn.pdbx_dist_value 
_struct_conn.pdbx_value_order 
_struct_conn.pdbx_role 
covale1  covale both ? A ALA 154 C   ? ? ? 1_555 A MSE 155 N  ? ? A ALA 154 A MSE 155 1_555 ? ? ? ? ? ? ? 1.319 ? ? 
covale2  covale both ? A MSE 155 C   ? ? ? 1_555 A VAL 156 N  ? ? A MSE 155 A VAL 156 1_555 ? ? ? ? ? ? ? 1.308 ? ? 
metalc1  metalc ?    ? A TRP 29  O   ? ? ? 1_555 C CA  .   CA ? ? A TRP 29  A CA  193 1_555 ? ? ? ? ? ? ? 2.151 ? ? 
metalc2  metalc ?    ? A ASP 40  OD1 ? ? ? 1_555 B CA  .   CA ? ? A ASP 40  A CA  192 1_555 ? ? ? ? ? ? ? 2.363 ? ? 
metalc3  metalc ?    ? A LEU 41  O   ? ? ? 1_555 B CA  .   CA ? ? A LEU 41  A CA  192 1_555 ? ? ? ? ? ? ? 2.303 ? ? 
metalc4  metalc ?    ? A ASP 42  OD1 ? ? ? 1_555 B CA  .   CA ? ? A ASP 42  A CA  192 1_555 ? ? ? ? ? ? ? 2.352 ? ? 
metalc5  metalc ?    ? A ASP 78  OD1 ? ? ? 1_555 B CA  .   CA ? ? A ASP 78  A CA  192 1_555 ? ? ? ? ? ? ? 2.245 ? ? 
metalc6  metalc ?    ? A ASN 79  O   ? ? ? 1_555 B CA  .   CA ? ? A ASN 79  A CA  192 1_555 ? ? ? ? ? ? ? 2.413 ? ? 
metalc7  metalc ?    ? A GLY 82  O   ? ? ? 1_555 C CA  .   CA ? ? A GLY 82  A CA  193 1_555 ? ? ? ? ? ? ? 2.290 ? ? 
metalc8  metalc ?    ? A GLY 84  O   ? ? ? 1_555 C CA  .   CA ? ? A GLY 84  A CA  193 1_555 ? ? ? ? ? ? ? 2.290 ? ? 
metalc9  metalc ?    ? A ASP 88  OD1 ? ? ? 1_555 C CA  .   CA ? ? A ASP 88  A CA  193 1_555 ? ? ? ? ? ? ? 2.741 ? ? 
metalc10 metalc ?    ? A ASP 88  OD2 ? ? ? 1_555 C CA  .   CA ? ? A ASP 88  A CA  193 1_555 ? ? ? ? ? ? ? 2.422 ? ? 
metalc11 metalc ?    ? A GLU 89  OE2 ? ? ? 1_555 B CA  .   CA ? ? A GLU 89  A CA  192 1_555 ? ? ? ? ? ? ? 2.346 ? ? 
metalc12 metalc ?    ? C CA  .   CA  ? ? ? 1_555 G HOH .   O  ? ? A CA  193 A HOH 231 1_555 ? ? ? ? ? ? ? 2.401 ? ? 
metalc13 metalc ?    ? C CA  .   CA  ? ? ? 1_555 G HOH .   O  ? ? A CA  193 A HOH 240 1_555 ? ? ? ? ? ? ? 2.477 ? ? 
# 
loop_
_struct_conn_type.id 
_struct_conn_type.criteria 
_struct_conn_type.reference 
covale ? ? 
metalc ? ? 
# 
loop_
_pdbx_struct_conn_angle.id 
_pdbx_struct_conn_angle.ptnr1_label_atom_id 
_pdbx_struct_conn_angle.ptnr1_label_alt_id 
_pdbx_struct_conn_angle.ptnr1_label_asym_id 
_pdbx_struct_conn_angle.ptnr1_label_comp_id 
_pdbx_struct_conn_angle.ptnr1_label_seq_id 
_pdbx_struct_conn_angle.ptnr1_auth_atom_id 
_pdbx_struct_conn_angle.ptnr1_auth_asym_id 
_pdbx_struct_conn_angle.ptnr1_auth_comp_id 
_pdbx_struct_conn_angle.ptnr1_auth_seq_id 
_pdbx_struct_conn_angle.ptnr1_PDB_ins_code 
_pdbx_struct_conn_angle.ptnr1_symmetry 
_pdbx_struct_conn_angle.ptnr2_label_atom_id 
_pdbx_struct_conn_angle.ptnr2_label_alt_id 
_pdbx_struct_conn_angle.ptnr2_label_asym_id 
_pdbx_struct_conn_angle.ptnr2_label_comp_id 
_pdbx_struct_conn_angle.ptnr2_label_seq_id 
_pdbx_struct_conn_angle.ptnr2_auth_atom_id 
_pdbx_struct_conn_angle.ptnr2_auth_asym_id 
_pdbx_struct_conn_angle.ptnr2_auth_comp_id 
_pdbx_struct_conn_angle.ptnr2_auth_seq_id 
_pdbx_struct_conn_angle.ptnr2_PDB_ins_code 
_pdbx_struct_conn_angle.ptnr2_symmetry 
_pdbx_struct_conn_angle.ptnr3_label_atom_id 
_pdbx_struct_conn_angle.ptnr3_label_alt_id 
_pdbx_struct_conn_angle.ptnr3_label_asym_id 
_pdbx_struct_conn_angle.ptnr3_label_comp_id 
_pdbx_struct_conn_angle.ptnr3_label_seq_id 
_pdbx_struct_conn_angle.ptnr3_auth_atom_id 
_pdbx_struct_conn_angle.ptnr3_auth_asym_id 
_pdbx_struct_conn_angle.ptnr3_auth_comp_id 
_pdbx_struct_conn_angle.ptnr3_auth_seq_id 
_pdbx_struct_conn_angle.ptnr3_PDB_ins_code 
_pdbx_struct_conn_angle.ptnr3_symmetry 
_pdbx_struct_conn_angle.value 
_pdbx_struct_conn_angle.value_esd 
1  O   ? A TRP 29 ? A TRP 29  ? 1_555 CA ? C CA . ? A CA 193 ? 1_555 O   ? A GLY 82 ? A GLY 82  ? 1_555 86.1  ? 
2  O   ? A TRP 29 ? A TRP 29  ? 1_555 CA ? C CA . ? A CA 193 ? 1_555 O   ? A GLY 84 ? A GLY 84  ? 1_555 161.4 ? 
3  O   ? A GLY 82 ? A GLY 82  ? 1_555 CA ? C CA . ? A CA 193 ? 1_555 O   ? A GLY 84 ? A GLY 84  ? 1_555 95.6  ? 
4  O   ? A TRP 29 ? A TRP 29  ? 1_555 CA ? C CA . ? A CA 193 ? 1_555 OD1 ? A ASP 88 ? A ASP 88  ? 1_555 127.5 ? 
5  O   ? A GLY 82 ? A GLY 82  ? 1_555 CA ? C CA . ? A CA 193 ? 1_555 OD1 ? A ASP 88 ? A ASP 88  ? 1_555 92.1  ? 
6  O   ? A GLY 84 ? A GLY 84  ? 1_555 CA ? C CA . ? A CA 193 ? 1_555 OD1 ? A ASP 88 ? A ASP 88  ? 1_555 71.0  ? 
7  O   ? A TRP 29 ? A TRP 29  ? 1_555 CA ? C CA . ? A CA 193 ? 1_555 OD2 ? A ASP 88 ? A ASP 88  ? 1_555 76.7  ? 
8  O   ? A GLY 82 ? A GLY 82  ? 1_555 CA ? C CA . ? A CA 193 ? 1_555 OD2 ? A ASP 88 ? A ASP 88  ? 1_555 89.0  ? 
9  O   ? A GLY 84 ? A GLY 84  ? 1_555 CA ? C CA . ? A CA 193 ? 1_555 OD2 ? A ASP 88 ? A ASP 88  ? 1_555 121.7 ? 
10 OD1 ? A ASP 88 ? A ASP 88  ? 1_555 CA ? C CA . ? A CA 193 ? 1_555 OD2 ? A ASP 88 ? A ASP 88  ? 1_555 50.8  ? 
11 O   ? A TRP 29 ? A TRP 29  ? 1_555 CA ? C CA . ? A CA 193 ? 1_555 O   ? G HOH .  ? A HOH 231 ? 1_555 81.2  ? 
12 O   ? A GLY 82 ? A GLY 82  ? 1_555 CA ? C CA . ? A CA 193 ? 1_555 O   ? G HOH .  ? A HOH 231 ? 1_555 96.8  ? 
13 O   ? A GLY 84 ? A GLY 84  ? 1_555 CA ? C CA . ? A CA 193 ? 1_555 O   ? G HOH .  ? A HOH 231 ? 1_555 80.2  ? 
14 OD1 ? A ASP 88 ? A ASP 88  ? 1_555 CA ? C CA . ? A CA 193 ? 1_555 O   ? G HOH .  ? A HOH 231 ? 1_555 150.6 ? 
15 OD2 ? A ASP 88 ? A ASP 88  ? 1_555 CA ? C CA . ? A CA 193 ? 1_555 O   ? G HOH .  ? A HOH 231 ? 1_555 156.7 ? 
16 O   ? A TRP 29 ? A TRP 29  ? 1_555 CA ? C CA . ? A CA 193 ? 1_555 O   ? G HOH .  ? A HOH 240 ? 1_555 88.7  ? 
17 O   ? A GLY 82 ? A GLY 82  ? 1_555 CA ? C CA . ? A CA 193 ? 1_555 O   ? G HOH .  ? A HOH 240 ? 1_555 174.5 ? 
18 O   ? A GLY 84 ? A GLY 84  ? 1_555 CA ? C CA . ? A CA 193 ? 1_555 O   ? G HOH .  ? A HOH 240 ? 1_555 89.9  ? 
19 OD1 ? A ASP 88 ? A ASP 88  ? 1_555 CA ? C CA . ? A CA 193 ? 1_555 O   ? G HOH .  ? A HOH 240 ? 1_555 89.5  ? 
20 OD2 ? A ASP 88 ? A ASP 88  ? 1_555 CA ? C CA . ? A CA 193 ? 1_555 O   ? G HOH .  ? A HOH 240 ? 1_555 87.9  ? 
21 O   ? G HOH .  ? A HOH 231 ? 1_555 CA ? C CA . ? A CA 193 ? 1_555 O   ? G HOH .  ? A HOH 240 ? 1_555 84.3  ? 
22 OD1 ? A ASP 40 ? A ASP 40  ? 1_555 CA ? B CA . ? A CA 192 ? 1_555 O   ? A LEU 41 ? A LEU 41  ? 1_555 91.9  ? 
23 OD1 ? A ASP 40 ? A ASP 40  ? 1_555 CA ? B CA . ? A CA 192 ? 1_555 OD1 ? A ASP 42 ? A ASP 42  ? 1_555 91.2  ? 
24 O   ? A LEU 41 ? A LEU 41  ? 1_555 CA ? B CA . ? A CA 192 ? 1_555 OD1 ? A ASP 42 ? A ASP 42  ? 1_555 82.7  ? 
25 OD1 ? A ASP 40 ? A ASP 40  ? 1_555 CA ? B CA . ? A CA 192 ? 1_555 OD1 ? A ASP 78 ? A ASP 78  ? 1_555 102.2 ? 
26 O   ? A LEU 41 ? A LEU 41  ? 1_555 CA ? B CA . ? A CA 192 ? 1_555 OD1 ? A ASP 78 ? A ASP 78  ? 1_555 163.9 ? 
27 OD1 ? A ASP 42 ? A ASP 42  ? 1_555 CA ? B CA . ? A CA 192 ? 1_555 OD1 ? A ASP 78 ? A ASP 78  ? 1_555 89.4  ? 
28 OD1 ? A ASP 40 ? A ASP 40  ? 1_555 CA ? B CA . ? A CA 192 ? 1_555 O   ? A ASN 79 ? A ASN 79  ? 1_555 84.0  ? 
29 O   ? A LEU 41 ? A LEU 41  ? 1_555 CA ? B CA . ? A CA 192 ? 1_555 O   ? A ASN 79 ? A ASN 79  ? 1_555 103.0 ? 
30 OD1 ? A ASP 42 ? A ASP 42  ? 1_555 CA ? B CA . ? A CA 192 ? 1_555 O   ? A ASN 79 ? A ASN 79  ? 1_555 172.7 ? 
31 OD1 ? A ASP 78 ? A ASP 78  ? 1_555 CA ? B CA . ? A CA 192 ? 1_555 O   ? A ASN 79 ? A ASN 79  ? 1_555 86.2  ? 
32 OD1 ? A ASP 40 ? A ASP 40  ? 1_555 CA ? B CA . ? A CA 192 ? 1_555 OE2 ? A GLU 89 ? A GLU 89  ? 1_555 167.2 ? 
33 O   ? A LEU 41 ? A LEU 41  ? 1_555 CA ? B CA . ? A CA 192 ? 1_555 OE2 ? A GLU 89 ? A GLU 89  ? 1_555 85.9  ? 
34 OD1 ? A ASP 42 ? A ASP 42  ? 1_555 CA ? B CA . ? A CA 192 ? 1_555 OE2 ? A GLU 89 ? A GLU 89  ? 1_555 101.0 ? 
35 OD1 ? A ASP 78 ? A ASP 78  ? 1_555 CA ? B CA . ? A CA 192 ? 1_555 OE2 ? A GLU 89 ? A GLU 89  ? 1_555 81.9  ? 
36 O   ? A ASN 79 ? A ASN 79  ? 1_555 CA ? B CA . ? A CA 192 ? 1_555 OE2 ? A GLU 89 ? A GLU 89  ? 1_555 84.2  ? 
# 
_pdbx_modification_feature.ordinal                            1 
_pdbx_modification_feature.label_comp_id                      MSE 
_pdbx_modification_feature.label_asym_id                      A 
_pdbx_modification_feature.label_seq_id                       155 
_pdbx_modification_feature.label_alt_id                       ? 
_pdbx_modification_feature.modified_residue_label_comp_id     . 
_pdbx_modification_feature.modified_residue_label_asym_id     . 
_pdbx_modification_feature.modified_residue_label_seq_id      . 
_pdbx_modification_feature.modified_residue_label_alt_id      . 
_pdbx_modification_feature.auth_comp_id                       MSE 
_pdbx_modification_feature.auth_asym_id                       A 
_pdbx_modification_feature.auth_seq_id                        155 
_pdbx_modification_feature.PDB_ins_code                       ? 
_pdbx_modification_feature.symmetry                           1_555 
_pdbx_modification_feature.modified_residue_auth_comp_id      . 
_pdbx_modification_feature.modified_residue_auth_asym_id      . 
_pdbx_modification_feature.modified_residue_auth_seq_id       . 
_pdbx_modification_feature.modified_residue_PDB_ins_code      . 
_pdbx_modification_feature.modified_residue_symmetry          . 
_pdbx_modification_feature.comp_id_linking_atom               . 
_pdbx_modification_feature.modified_residue_id_linking_atom   . 
_pdbx_modification_feature.modified_residue_id                MET 
_pdbx_modification_feature.ref_pcm_id                         1 
_pdbx_modification_feature.ref_comp_id                        MSE 
_pdbx_modification_feature.type                               Selenomethionine 
_pdbx_modification_feature.category                           'Named protein modification' 
# 
loop_
_struct_sheet.id 
_struct_sheet.type 
_struct_sheet.number_strands 
_struct_sheet.details 
A ? 5 ? 
B ? 4 ? 
C ? 4 ? 
# 
loop_
_struct_sheet_order.sheet_id 
_struct_sheet_order.range_id_1 
_struct_sheet_order.range_id_2 
_struct_sheet_order.offset 
_struct_sheet_order.sense 
A 1 2 ? anti-parallel 
A 2 3 ? anti-parallel 
A 3 4 ? anti-parallel 
A 4 5 ? anti-parallel 
B 1 2 ? anti-parallel 
B 2 3 ? anti-parallel 
B 3 4 ? anti-parallel 
C 1 2 ? anti-parallel 
C 2 3 ? anti-parallel 
C 3 4 ? anti-parallel 
# 
loop_
_struct_sheet_range.sheet_id 
_struct_sheet_range.id 
_struct_sheet_range.beg_label_comp_id 
_struct_sheet_range.beg_label_asym_id 
_struct_sheet_range.beg_label_seq_id 
_struct_sheet_range.pdbx_beg_PDB_ins_code 
_struct_sheet_range.end_label_comp_id 
_struct_sheet_range.end_label_asym_id 
_struct_sheet_range.end_label_seq_id 
_struct_sheet_range.pdbx_end_PDB_ins_code 
_struct_sheet_range.beg_auth_comp_id 
_struct_sheet_range.beg_auth_asym_id 
_struct_sheet_range.beg_auth_seq_id 
_struct_sheet_range.end_auth_comp_id 
_struct_sheet_range.end_auth_asym_id 
_struct_sheet_range.end_auth_seq_id 
A 1 VAL A 73  ? HIS A 75  ? VAL A 73  HIS A 75  
A 2 GLU A 89  ? ASN A 94  ? GLU A 89  ASN A 94  
A 3 ALA A 22  ? GLY A 28  ? ALA A 22  GLY A 28  
A 4 PHE A 128 ? ASN A 133 ? PHE A 128 ASN A 133 
A 5 ALA A 138 ? ASP A 144 ? ALA A 138 ASP A 144 
B 1 LEU A 41  ? ALA A 43  ? LEU A 41  ALA A 43  
B 2 LYS A 104 ? ILE A 111 ? LYS A 104 ILE A 111 
B 3 ALA A 45  ? LEU A 48  ? ALA A 45  LEU A 48  
B 4 PHE A 60  ? ILE A 61  ? PHE A 60  ILE A 61  
C 1 LEU A 41  ? ALA A 43  ? LEU A 41  ALA A 43  
C 2 LYS A 104 ? ILE A 111 ? LYS A 104 ILE A 111 
C 3 ALA A 154 ? HIS A 163 ? ALA A 154 HIS A 163 
C 4 GLU A 166 ? GLY A 175 ? GLU A 166 GLY A 175 
# 
loop_
_pdbx_struct_sheet_hbond.sheet_id 
_pdbx_struct_sheet_hbond.range_id_1 
_pdbx_struct_sheet_hbond.range_id_2 
_pdbx_struct_sheet_hbond.range_1_label_atom_id 
_pdbx_struct_sheet_hbond.range_1_label_comp_id 
_pdbx_struct_sheet_hbond.range_1_label_asym_id 
_pdbx_struct_sheet_hbond.range_1_label_seq_id 
_pdbx_struct_sheet_hbond.range_1_PDB_ins_code 
_pdbx_struct_sheet_hbond.range_1_auth_atom_id 
_pdbx_struct_sheet_hbond.range_1_auth_comp_id 
_pdbx_struct_sheet_hbond.range_1_auth_asym_id 
_pdbx_struct_sheet_hbond.range_1_auth_seq_id 
_pdbx_struct_sheet_hbond.range_2_label_atom_id 
_pdbx_struct_sheet_hbond.range_2_label_comp_id 
_pdbx_struct_sheet_hbond.range_2_label_asym_id 
_pdbx_struct_sheet_hbond.range_2_label_seq_id 
_pdbx_struct_sheet_hbond.range_2_PDB_ins_code 
_pdbx_struct_sheet_hbond.range_2_auth_atom_id 
_pdbx_struct_sheet_hbond.range_2_auth_comp_id 
_pdbx_struct_sheet_hbond.range_2_auth_asym_id 
_pdbx_struct_sheet_hbond.range_2_auth_seq_id 
A 1 2 N GLU A 74  ? N GLU A 74  O LYS A 92  ? O LYS A 92  
A 2 3 O GLU A 89  ? O GLU A 89  N LEU A 27  ? N LEU A 27  
A 3 4 N GLY A 26  ? N GLY A 26  O ARG A 130 ? O ARG A 130 
A 4 5 N ASN A 133 ? N ASN A 133 O ALA A 138 ? O ALA A 138 
B 1 2 N ASP A 42  ? N ASP A 42  O SER A 110 ? O SER A 110 
B 2 3 O LYS A 104 ? O LYS A 104 N LEU A 48  ? N LEU A 48  
B 3 4 N ALA A 45  ? N ALA A 45  O ILE A 61  ? O ILE A 61  
C 1 2 N ASP A 42  ? N ASP A 42  O SER A 110 ? O SER A 110 
C 2 3 N PHE A 107 ? N PHE A 107 O PHE A 157 ? O PHE A 157 
C 3 4 N PHE A 157 ? N PHE A 157 O ILE A 172 ? O ILE A 172 
# 
loop_
_struct_site.id 
_struct_site.pdbx_evidence_code 
_struct_site.pdbx_auth_asym_id 
_struct_site.pdbx_auth_comp_id 
_struct_site.pdbx_auth_seq_id 
_struct_site.pdbx_auth_ins_code 
_struct_site.pdbx_num_residues 
_struct_site.details 
AC1 Software A CA  192 ? 6  'BINDING SITE FOR RESIDUE CA A 192'  
AC2 Software A CA  193 ? 6  'BINDING SITE FOR RESIDUE CA A 193'  
AC3 Software A SO4 194 ? 4  'BINDING SITE FOR RESIDUE SO4 A 194' 
AC4 Software A SO4 195 ? 10 'BINDING SITE FOR RESIDUE SO4 A 195' 
AC5 Software A SO4 196 ? 4  'BINDING SITE FOR RESIDUE SO4 A 196' 
# 
loop_
_struct_site_gen.id 
_struct_site_gen.site_id 
_struct_site_gen.pdbx_num_res 
_struct_site_gen.label_comp_id 
_struct_site_gen.label_asym_id 
_struct_site_gen.label_seq_id 
_struct_site_gen.pdbx_auth_ins_code 
_struct_site_gen.auth_comp_id 
_struct_site_gen.auth_asym_id 
_struct_site_gen.auth_seq_id 
_struct_site_gen.label_atom_id 
_struct_site_gen.label_alt_id 
_struct_site_gen.symmetry 
_struct_site_gen.details 
1  AC1 6  ASP A 40  ? ASP A 40  . ? 1_555 ? 
2  AC1 6  LEU A 41  ? LEU A 41  . ? 1_555 ? 
3  AC1 6  ASP A 42  ? ASP A 42  . ? 1_555 ? 
4  AC1 6  ASP A 78  ? ASP A 78  . ? 1_555 ? 
5  AC1 6  ASN A 79  ? ASN A 79  . ? 1_555 ? 
6  AC1 6  GLU A 89  ? GLU A 89  . ? 1_555 ? 
7  AC2 6  TRP A 29  ? TRP A 29  . ? 1_555 ? 
8  AC2 6  GLY A 82  ? GLY A 82  . ? 1_555 ? 
9  AC2 6  GLY A 84  ? GLY A 84  . ? 1_555 ? 
10 AC2 6  ASP A 88  ? ASP A 88  . ? 1_555 ? 
11 AC2 6  HOH G .   ? HOH A 231 . ? 1_555 ? 
12 AC2 6  HOH G .   ? HOH A 240 . ? 1_555 ? 
13 AC3 4  GLY A 36  ? GLY A 36  . ? 1_555 ? 
14 AC3 4  THR A 37  ? THR A 37  . ? 1_555 ? 
15 AC3 4  THR A 97  ? THR A 97  . ? 2_565 ? 
16 AC3 4  HOH G .   ? HOH A 316 . ? 1_555 ? 
17 AC4 10 ILE A 111 ? ILE A 111 . ? 1_555 ? 
18 AC4 10 ASP A 113 ? ASP A 113 . ? 1_555 ? 
19 AC4 10 ALA A 114 ? ALA A 114 . ? 1_555 ? 
20 AC4 10 GLU A 115 ? GLU A 115 . ? 1_555 ? 
21 AC4 10 GLY A 179 ? GLY A 179 . ? 1_555 ? 
22 AC4 10 HOH G .   ? HOH A 216 . ? 1_555 ? 
23 AC4 10 HOH G .   ? HOH A 221 . ? 1_555 ? 
24 AC4 10 HOH G .   ? HOH A 238 . ? 1_555 ? 
25 AC4 10 HOH G .   ? HOH A 291 . ? 1_555 ? 
26 AC4 10 HOH G .   ? HOH A 309 . ? 1_555 ? 
27 AC5 4  LEU A 13  ? LEU A 13  . ? 2_565 ? 
28 AC5 4  THR A 14  ? THR A 14  . ? 2_565 ? 
29 AC5 4  ARG A 181 ? ARG A 181 . ? 1_555 ? 
30 AC5 4  HOH G .   ? HOH A 302 . ? 1_555 ? 
# 
_pdbx_entry_details.entry_id                   3IBZ 
_pdbx_entry_details.compound_details           ? 
_pdbx_entry_details.source_details             ? 
_pdbx_entry_details.nonpolymer_details         ? 
_pdbx_entry_details.sequence_details           ? 
_pdbx_entry_details.has_ligand_of_interest     ? 
_pdbx_entry_details.has_protein_modification   Y 
# 
loop_
_pdbx_validate_torsion.id 
_pdbx_validate_torsion.PDB_model_num 
_pdbx_validate_torsion.auth_comp_id 
_pdbx_validate_torsion.auth_asym_id 
_pdbx_validate_torsion.auth_seq_id 
_pdbx_validate_torsion.PDB_ins_code 
_pdbx_validate_torsion.label_alt_id 
_pdbx_validate_torsion.phi 
_pdbx_validate_torsion.psi 
1 1 ASN A 65  ? ? -155.62 87.83  
2 1 GLU A 137 ? ? 59.56   9.58   
3 1 ILE A 172 ? ? -121.47 -60.87 
# 
_pdbx_SG_project.id                    1 
_pdbx_SG_project.project_name          'PSI, Protein Structure Initiative' 
_pdbx_SG_project.full_name_of_center   'Midwest Center for Structural Genomics' 
_pdbx_SG_project.initial_of_center     MCSG 
# 
_pdbx_struct_mod_residue.id               1 
_pdbx_struct_mod_residue.label_asym_id    A 
_pdbx_struct_mod_residue.label_comp_id    MSE 
_pdbx_struct_mod_residue.label_seq_id     155 
_pdbx_struct_mod_residue.auth_asym_id     A 
_pdbx_struct_mod_residue.auth_comp_id     MSE 
_pdbx_struct_mod_residue.auth_seq_id      155 
_pdbx_struct_mod_residue.PDB_ins_code     ? 
_pdbx_struct_mod_residue.parent_comp_id   MET 
_pdbx_struct_mod_residue.details          SELENOMETHIONINE 
# 
loop_
_pdbx_refine_tls.pdbx_refine_id 
_pdbx_refine_tls.id 
_pdbx_refine_tls.details 
_pdbx_refine_tls.method 
_pdbx_refine_tls.origin_x 
_pdbx_refine_tls.origin_y 
_pdbx_refine_tls.origin_z 
_pdbx_refine_tls.T[1][1] 
_pdbx_refine_tls.T[2][2] 
_pdbx_refine_tls.T[3][3] 
_pdbx_refine_tls.T[1][2] 
_pdbx_refine_tls.T[1][3] 
_pdbx_refine_tls.T[2][3] 
_pdbx_refine_tls.L[1][1] 
_pdbx_refine_tls.L[2][2] 
_pdbx_refine_tls.L[3][3] 
_pdbx_refine_tls.L[1][2] 
_pdbx_refine_tls.L[1][3] 
_pdbx_refine_tls.L[2][3] 
_pdbx_refine_tls.S[1][1] 
_pdbx_refine_tls.S[1][2] 
_pdbx_refine_tls.S[1][3] 
_pdbx_refine_tls.S[2][1] 
_pdbx_refine_tls.S[2][2] 
_pdbx_refine_tls.S[2][3] 
_pdbx_refine_tls.S[3][1] 
_pdbx_refine_tls.S[3][2] 
_pdbx_refine_tls.S[3][3] 
'X-RAY DIFFRACTION' 1 ? refined -2.9557 -21.6013 -0.5994 0.5077 0.1963 0.6566 -0.1752 0.2024  -0.1568 15.7201 49.4416 0.0366 26.9270 0.7253  1.3270  -1.1691 0.4129  -1.1755 -2.6853 1.2006  -1.5089 -0.0795 0.0242  -0.0314 
'X-RAY DIFFRACTION' 2 ? refined 3.4657  2.7222   4.2485  0.1364 0.0883 0.2580 -0.0976 0.0161  -0.0449 1.9369  1.9536  1.0903 0.8834  -0.7358 -0.3381 0.0212  -0.0804 -0.0455 0.0144  -0.0009 -0.2664 -0.0629 0.1469  -0.0203 
'X-RAY DIFFRACTION' 3 ? refined -0.4750 -1.2829  -3.8033 0.1692 0.1042 0.2188 -0.0989 0.0274  -0.0579 2.7065  2.9415  1.8467 1.2371  -1.0455 -0.5669 -0.2020 0.3673  -0.1376 -0.3463 0.1585  -0.1500 0.1013  -0.0855 0.0436  
'X-RAY DIFFRACTION' 4 ? refined -8.6489 10.1285  2.7092  0.1729 0.0482 0.2943 -0.0756 -0.0061 -0.0431 12.0158 4.6826  7.3195 2.2842  -3.2806 -2.3902 0.0320  -0.0269 0.6103  0.0922  0.1140  0.0594  -0.3147 -0.0216 -0.1460  
# 
loop_
_pdbx_refine_tls_group.pdbx_refine_id 
_pdbx_refine_tls_group.id 
_pdbx_refine_tls_group.refine_tls_id 
_pdbx_refine_tls_group.beg_auth_asym_id 
_pdbx_refine_tls_group.beg_auth_seq_id 
_pdbx_refine_tls_group.beg_label_asym_id 
_pdbx_refine_tls_group.beg_label_seq_id 
_pdbx_refine_tls_group.end_auth_asym_id 
_pdbx_refine_tls_group.end_auth_seq_id 
_pdbx_refine_tls_group.end_label_asym_id 
_pdbx_refine_tls_group.end_label_seq_id 
_pdbx_refine_tls_group.selection 
_pdbx_refine_tls_group.selection_details 
'X-RAY DIFFRACTION' 1 1 A 15  ? ? A 23  ? ? ? ? 
'X-RAY DIFFRACTION' 2 2 A 24  ? ? A 91  ? ? ? ? 
'X-RAY DIFFRACTION' 3 3 A 92  ? ? A 177 ? ? ? ? 
'X-RAY DIFFRACTION' 4 4 A 178 ? ? A 192 ? ? ? ? 
# 
loop_
_pdbx_unobs_or_zero_occ_residues.id 
_pdbx_unobs_or_zero_occ_residues.PDB_model_num 
_pdbx_unobs_or_zero_occ_residues.polymer_flag 
_pdbx_unobs_or_zero_occ_residues.occupancy_flag 
_pdbx_unobs_or_zero_occ_residues.auth_asym_id 
_pdbx_unobs_or_zero_occ_residues.auth_comp_id 
_pdbx_unobs_or_zero_occ_residues.auth_seq_id 
_pdbx_unobs_or_zero_occ_residues.PDB_ins_code 
_pdbx_unobs_or_zero_occ_residues.label_asym_id 
_pdbx_unobs_or_zero_occ_residues.label_comp_id 
_pdbx_unobs_or_zero_occ_residues.label_seq_id 
1  1 Y 1 A MSE 1  ? A MSE 1  
2  1 Y 1 A GLY 2  ? A GLY 2  
3  1 Y 1 A VAL 3  ? A VAL 3  
4  1 Y 1 A SER 4  ? A SER 4  
5  1 Y 1 A LEU 5  ? A LEU 5  
6  1 Y 1 A SER 6  ? A SER 6  
7  1 Y 1 A LYS 7  ? A LYS 7  
8  1 Y 1 A GLY 8  ? A GLY 8  
9  1 Y 1 A GLY 9  ? A GLY 9  
10 1 Y 1 A ASN 10 ? A ASN 10 
11 1 Y 1 A VAL 11 ? A VAL 11 
12 1 Y 1 A SER 12 ? A SER 12 
13 1 Y 1 A ALA 17 ? A ALA 17 
14 1 Y 1 A PRO 18 ? A PRO 18 
# 
loop_
_chem_comp_atom.comp_id 
_chem_comp_atom.atom_id 
_chem_comp_atom.type_symbol 
_chem_comp_atom.pdbx_aromatic_flag 
_chem_comp_atom.pdbx_stereo_config 
_chem_comp_atom.pdbx_ordinal 
ALA N    N  N N 1   
ALA CA   C  N S 2   
ALA C    C  N N 3   
ALA O    O  N N 4   
ALA CB   C  N N 5   
ALA OXT  O  N N 6   
ALA H    H  N N 7   
ALA H2   H  N N 8   
ALA HA   H  N N 9   
ALA HB1  H  N N 10  
ALA HB2  H  N N 11  
ALA HB3  H  N N 12  
ALA HXT  H  N N 13  
ARG N    N  N N 14  
ARG CA   C  N S 15  
ARG C    C  N N 16  
ARG O    O  N N 17  
ARG CB   C  N N 18  
ARG CG   C  N N 19  
ARG CD   C  N N 20  
ARG NE   N  N N 21  
ARG CZ   C  N N 22  
ARG NH1  N  N N 23  
ARG NH2  N  N N 24  
ARG OXT  O  N N 25  
ARG H    H  N N 26  
ARG H2   H  N N 27  
ARG HA   H  N N 28  
ARG HB2  H  N N 29  
ARG HB3  H  N N 30  
ARG HG2  H  N N 31  
ARG HG3  H  N N 32  
ARG HD2  H  N N 33  
ARG HD3  H  N N 34  
ARG HE   H  N N 35  
ARG HH11 H  N N 36  
ARG HH12 H  N N 37  
ARG HH21 H  N N 38  
ARG HH22 H  N N 39  
ARG HXT  H  N N 40  
ASN N    N  N N 41  
ASN CA   C  N S 42  
ASN C    C  N N 43  
ASN O    O  N N 44  
ASN CB   C  N N 45  
ASN CG   C  N N 46  
ASN OD1  O  N N 47  
ASN ND2  N  N N 48  
ASN OXT  O  N N 49  
ASN H    H  N N 50  
ASN H2   H  N N 51  
ASN HA   H  N N 52  
ASN HB2  H  N N 53  
ASN HB3  H  N N 54  
ASN HD21 H  N N 55  
ASN HD22 H  N N 56  
ASN HXT  H  N N 57  
ASP N    N  N N 58  
ASP CA   C  N S 59  
ASP C    C  N N 60  
ASP O    O  N N 61  
ASP CB   C  N N 62  
ASP CG   C  N N 63  
ASP OD1  O  N N 64  
ASP OD2  O  N N 65  
ASP OXT  O  N N 66  
ASP H    H  N N 67  
ASP H2   H  N N 68  
ASP HA   H  N N 69  
ASP HB2  H  N N 70  
ASP HB3  H  N N 71  
ASP HD2  H  N N 72  
ASP HXT  H  N N 73  
CA  CA   CA N N 74  
GLN N    N  N N 75  
GLN CA   C  N S 76  
GLN C    C  N N 77  
GLN O    O  N N 78  
GLN CB   C  N N 79  
GLN CG   C  N N 80  
GLN CD   C  N N 81  
GLN OE1  O  N N 82  
GLN NE2  N  N N 83  
GLN OXT  O  N N 84  
GLN H    H  N N 85  
GLN H2   H  N N 86  
GLN HA   H  N N 87  
GLN HB2  H  N N 88  
GLN HB3  H  N N 89  
GLN HG2  H  N N 90  
GLN HG3  H  N N 91  
GLN HE21 H  N N 92  
GLN HE22 H  N N 93  
GLN HXT  H  N N 94  
GLU N    N  N N 95  
GLU CA   C  N S 96  
GLU C    C  N N 97  
GLU O    O  N N 98  
GLU CB   C  N N 99  
GLU CG   C  N N 100 
GLU CD   C  N N 101 
GLU OE1  O  N N 102 
GLU OE2  O  N N 103 
GLU OXT  O  N N 104 
GLU H    H  N N 105 
GLU H2   H  N N 106 
GLU HA   H  N N 107 
GLU HB2  H  N N 108 
GLU HB3  H  N N 109 
GLU HG2  H  N N 110 
GLU HG3  H  N N 111 
GLU HE2  H  N N 112 
GLU HXT  H  N N 113 
GLY N    N  N N 114 
GLY CA   C  N N 115 
GLY C    C  N N 116 
GLY O    O  N N 117 
GLY OXT  O  N N 118 
GLY H    H  N N 119 
GLY H2   H  N N 120 
GLY HA2  H  N N 121 
GLY HA3  H  N N 122 
GLY HXT  H  N N 123 
HIS N    N  N N 124 
HIS CA   C  N S 125 
HIS C    C  N N 126 
HIS O    O  N N 127 
HIS CB   C  N N 128 
HIS CG   C  Y N 129 
HIS ND1  N  Y N 130 
HIS CD2  C  Y N 131 
HIS CE1  C  Y N 132 
HIS NE2  N  Y N 133 
HIS OXT  O  N N 134 
HIS H    H  N N 135 
HIS H2   H  N N 136 
HIS HA   H  N N 137 
HIS HB2  H  N N 138 
HIS HB3  H  N N 139 
HIS HD1  H  N N 140 
HIS HD2  H  N N 141 
HIS HE1  H  N N 142 
HIS HE2  H  N N 143 
HIS HXT  H  N N 144 
HOH O    O  N N 145 
HOH H1   H  N N 146 
HOH H2   H  N N 147 
ILE N    N  N N 148 
ILE CA   C  N S 149 
ILE C    C  N N 150 
ILE O    O  N N 151 
ILE CB   C  N S 152 
ILE CG1  C  N N 153 
ILE CG2  C  N N 154 
ILE CD1  C  N N 155 
ILE OXT  O  N N 156 
ILE H    H  N N 157 
ILE H2   H  N N 158 
ILE HA   H  N N 159 
ILE HB   H  N N 160 
ILE HG12 H  N N 161 
ILE HG13 H  N N 162 
ILE HG21 H  N N 163 
ILE HG22 H  N N 164 
ILE HG23 H  N N 165 
ILE HD11 H  N N 166 
ILE HD12 H  N N 167 
ILE HD13 H  N N 168 
ILE HXT  H  N N 169 
LEU N    N  N N 170 
LEU CA   C  N S 171 
LEU C    C  N N 172 
LEU O    O  N N 173 
LEU CB   C  N N 174 
LEU CG   C  N N 175 
LEU CD1  C  N N 176 
LEU CD2  C  N N 177 
LEU OXT  O  N N 178 
LEU H    H  N N 179 
LEU H2   H  N N 180 
LEU HA   H  N N 181 
LEU HB2  H  N N 182 
LEU HB3  H  N N 183 
LEU HG   H  N N 184 
LEU HD11 H  N N 185 
LEU HD12 H  N N 186 
LEU HD13 H  N N 187 
LEU HD21 H  N N 188 
LEU HD22 H  N N 189 
LEU HD23 H  N N 190 
LEU HXT  H  N N 191 
LYS N    N  N N 192 
LYS CA   C  N S 193 
LYS C    C  N N 194 
LYS O    O  N N 195 
LYS CB   C  N N 196 
LYS CG   C  N N 197 
LYS CD   C  N N 198 
LYS CE   C  N N 199 
LYS NZ   N  N N 200 
LYS OXT  O  N N 201 
LYS H    H  N N 202 
LYS H2   H  N N 203 
LYS HA   H  N N 204 
LYS HB2  H  N N 205 
LYS HB3  H  N N 206 
LYS HG2  H  N N 207 
LYS HG3  H  N N 208 
LYS HD2  H  N N 209 
LYS HD3  H  N N 210 
LYS HE2  H  N N 211 
LYS HE3  H  N N 212 
LYS HZ1  H  N N 213 
LYS HZ2  H  N N 214 
LYS HZ3  H  N N 215 
LYS HXT  H  N N 216 
MSE N    N  N N 217 
MSE CA   C  N S 218 
MSE C    C  N N 219 
MSE O    O  N N 220 
MSE OXT  O  N N 221 
MSE CB   C  N N 222 
MSE CG   C  N N 223 
MSE SE   SE N N 224 
MSE CE   C  N N 225 
MSE H    H  N N 226 
MSE H2   H  N N 227 
MSE HA   H  N N 228 
MSE HXT  H  N N 229 
MSE HB2  H  N N 230 
MSE HB3  H  N N 231 
MSE HG2  H  N N 232 
MSE HG3  H  N N 233 
MSE HE1  H  N N 234 
MSE HE2  H  N N 235 
MSE HE3  H  N N 236 
PHE N    N  N N 237 
PHE CA   C  N S 238 
PHE C    C  N N 239 
PHE O    O  N N 240 
PHE CB   C  N N 241 
PHE CG   C  Y N 242 
PHE CD1  C  Y N 243 
PHE CD2  C  Y N 244 
PHE CE1  C  Y N 245 
PHE CE2  C  Y N 246 
PHE CZ   C  Y N 247 
PHE OXT  O  N N 248 
PHE H    H  N N 249 
PHE H2   H  N N 250 
PHE HA   H  N N 251 
PHE HB2  H  N N 252 
PHE HB3  H  N N 253 
PHE HD1  H  N N 254 
PHE HD2  H  N N 255 
PHE HE1  H  N N 256 
PHE HE2  H  N N 257 
PHE HZ   H  N N 258 
PHE HXT  H  N N 259 
PRO N    N  N N 260 
PRO CA   C  N S 261 
PRO C    C  N N 262 
PRO O    O  N N 263 
PRO CB   C  N N 264 
PRO CG   C  N N 265 
PRO CD   C  N N 266 
PRO OXT  O  N N 267 
PRO H    H  N N 268 
PRO HA   H  N N 269 
PRO HB2  H  N N 270 
PRO HB3  H  N N 271 
PRO HG2  H  N N 272 
PRO HG3  H  N N 273 
PRO HD2  H  N N 274 
PRO HD3  H  N N 275 
PRO HXT  H  N N 276 
SER N    N  N N 277 
SER CA   C  N S 278 
SER C    C  N N 279 
SER O    O  N N 280 
SER CB   C  N N 281 
SER OG   O  N N 282 
SER OXT  O  N N 283 
SER H    H  N N 284 
SER H2   H  N N 285 
SER HA   H  N N 286 
SER HB2  H  N N 287 
SER HB3  H  N N 288 
SER HG   H  N N 289 
SER HXT  H  N N 290 
SO4 S    S  N N 291 
SO4 O1   O  N N 292 
SO4 O2   O  N N 293 
SO4 O3   O  N N 294 
SO4 O4   O  N N 295 
THR N    N  N N 296 
THR CA   C  N S 297 
THR C    C  N N 298 
THR O    O  N N 299 
THR CB   C  N R 300 
THR OG1  O  N N 301 
THR CG2  C  N N 302 
THR OXT  O  N N 303 
THR H    H  N N 304 
THR H2   H  N N 305 
THR HA   H  N N 306 
THR HB   H  N N 307 
THR HG1  H  N N 308 
THR HG21 H  N N 309 
THR HG22 H  N N 310 
THR HG23 H  N N 311 
THR HXT  H  N N 312 
TRP N    N  N N 313 
TRP CA   C  N S 314 
TRP C    C  N N 315 
TRP O    O  N N 316 
TRP CB   C  N N 317 
TRP CG   C  Y N 318 
TRP CD1  C  Y N 319 
TRP CD2  C  Y N 320 
TRP NE1  N  Y N 321 
TRP CE2  C  Y N 322 
TRP CE3  C  Y N 323 
TRP CZ2  C  Y N 324 
TRP CZ3  C  Y N 325 
TRP CH2  C  Y N 326 
TRP OXT  O  N N 327 
TRP H    H  N N 328 
TRP H2   H  N N 329 
TRP HA   H  N N 330 
TRP HB2  H  N N 331 
TRP HB3  H  N N 332 
TRP HD1  H  N N 333 
TRP HE1  H  N N 334 
TRP HE3  H  N N 335 
TRP HZ2  H  N N 336 
TRP HZ3  H  N N 337 
TRP HH2  H  N N 338 
TRP HXT  H  N N 339 
TYR N    N  N N 340 
TYR CA   C  N S 341 
TYR C    C  N N 342 
TYR O    O  N N 343 
TYR CB   C  N N 344 
TYR CG   C  Y N 345 
TYR CD1  C  Y N 346 
TYR CD2  C  Y N 347 
TYR CE1  C  Y N 348 
TYR CE2  C  Y N 349 
TYR CZ   C  Y N 350 
TYR OH   O  N N 351 
TYR OXT  O  N N 352 
TYR H    H  N N 353 
TYR H2   H  N N 354 
TYR HA   H  N N 355 
TYR HB2  H  N N 356 
TYR HB3  H  N N 357 
TYR HD1  H  N N 358 
TYR HD2  H  N N 359 
TYR HE1  H  N N 360 
TYR HE2  H  N N 361 
TYR HH   H  N N 362 
TYR HXT  H  N N 363 
VAL N    N  N N 364 
VAL CA   C  N S 365 
VAL C    C  N N 366 
VAL O    O  N N 367 
VAL CB   C  N N 368 
VAL CG1  C  N N 369 
VAL CG2  C  N N 370 
VAL OXT  O  N N 371 
VAL H    H  N N 372 
VAL H2   H  N N 373 
VAL HA   H  N N 374 
VAL HB   H  N N 375 
VAL HG11 H  N N 376 
VAL HG12 H  N N 377 
VAL HG13 H  N N 378 
VAL HG21 H  N N 379 
VAL HG22 H  N N 380 
VAL HG23 H  N N 381 
VAL HXT  H  N N 382 
# 
loop_
_chem_comp_bond.comp_id 
_chem_comp_bond.atom_id_1 
_chem_comp_bond.atom_id_2 
_chem_comp_bond.value_order 
_chem_comp_bond.pdbx_aromatic_flag 
_chem_comp_bond.pdbx_stereo_config 
_chem_comp_bond.pdbx_ordinal 
ALA N   CA   sing N N 1   
ALA N   H    sing N N 2   
ALA N   H2   sing N N 3   
ALA CA  C    sing N N 4   
ALA CA  CB   sing N N 5   
ALA CA  HA   sing N N 6   
ALA C   O    doub N N 7   
ALA C   OXT  sing N N 8   
ALA CB  HB1  sing N N 9   
ALA CB  HB2  sing N N 10  
ALA CB  HB3  sing N N 11  
ALA OXT HXT  sing N N 12  
ARG N   CA   sing N N 13  
ARG N   H    sing N N 14  
ARG N   H2   sing N N 15  
ARG CA  C    sing N N 16  
ARG CA  CB   sing N N 17  
ARG CA  HA   sing N N 18  
ARG C   O    doub N N 19  
ARG C   OXT  sing N N 20  
ARG CB  CG   sing N N 21  
ARG CB  HB2  sing N N 22  
ARG CB  HB3  sing N N 23  
ARG CG  CD   sing N N 24  
ARG CG  HG2  sing N N 25  
ARG CG  HG3  sing N N 26  
ARG CD  NE   sing N N 27  
ARG CD  HD2  sing N N 28  
ARG CD  HD3  sing N N 29  
ARG NE  CZ   sing N N 30  
ARG NE  HE   sing N N 31  
ARG CZ  NH1  sing N N 32  
ARG CZ  NH2  doub N N 33  
ARG NH1 HH11 sing N N 34  
ARG NH1 HH12 sing N N 35  
ARG NH2 HH21 sing N N 36  
ARG NH2 HH22 sing N N 37  
ARG OXT HXT  sing N N 38  
ASN N   CA   sing N N 39  
ASN N   H    sing N N 40  
ASN N   H2   sing N N 41  
ASN CA  C    sing N N 42  
ASN CA  CB   sing N N 43  
ASN CA  HA   sing N N 44  
ASN C   O    doub N N 45  
ASN C   OXT  sing N N 46  
ASN CB  CG   sing N N 47  
ASN CB  HB2  sing N N 48  
ASN CB  HB3  sing N N 49  
ASN CG  OD1  doub N N 50  
ASN CG  ND2  sing N N 51  
ASN ND2 HD21 sing N N 52  
ASN ND2 HD22 sing N N 53  
ASN OXT HXT  sing N N 54  
ASP N   CA   sing N N 55  
ASP N   H    sing N N 56  
ASP N   H2   sing N N 57  
ASP CA  C    sing N N 58  
ASP CA  CB   sing N N 59  
ASP CA  HA   sing N N 60  
ASP C   O    doub N N 61  
ASP C   OXT  sing N N 62  
ASP CB  CG   sing N N 63  
ASP CB  HB2  sing N N 64  
ASP CB  HB3  sing N N 65  
ASP CG  OD1  doub N N 66  
ASP CG  OD2  sing N N 67  
ASP OD2 HD2  sing N N 68  
ASP OXT HXT  sing N N 69  
GLN N   CA   sing N N 70  
GLN N   H    sing N N 71  
GLN N   H2   sing N N 72  
GLN CA  C    sing N N 73  
GLN CA  CB   sing N N 74  
GLN CA  HA   sing N N 75  
GLN C   O    doub N N 76  
GLN C   OXT  sing N N 77  
GLN CB  CG   sing N N 78  
GLN CB  HB2  sing N N 79  
GLN CB  HB3  sing N N 80  
GLN CG  CD   sing N N 81  
GLN CG  HG2  sing N N 82  
GLN CG  HG3  sing N N 83  
GLN CD  OE1  doub N N 84  
GLN CD  NE2  sing N N 85  
GLN NE2 HE21 sing N N 86  
GLN NE2 HE22 sing N N 87  
GLN OXT HXT  sing N N 88  
GLU N   CA   sing N N 89  
GLU N   H    sing N N 90  
GLU N   H2   sing N N 91  
GLU CA  C    sing N N 92  
GLU CA  CB   sing N N 93  
GLU CA  HA   sing N N 94  
GLU C   O    doub N N 95  
GLU C   OXT  sing N N 96  
GLU CB  CG   sing N N 97  
GLU CB  HB2  sing N N 98  
GLU CB  HB3  sing N N 99  
GLU CG  CD   sing N N 100 
GLU CG  HG2  sing N N 101 
GLU CG  HG3  sing N N 102 
GLU CD  OE1  doub N N 103 
GLU CD  OE2  sing N N 104 
GLU OE2 HE2  sing N N 105 
GLU OXT HXT  sing N N 106 
GLY N   CA   sing N N 107 
GLY N   H    sing N N 108 
GLY N   H2   sing N N 109 
GLY CA  C    sing N N 110 
GLY CA  HA2  sing N N 111 
GLY CA  HA3  sing N N 112 
GLY C   O    doub N N 113 
GLY C   OXT  sing N N 114 
GLY OXT HXT  sing N N 115 
HIS N   CA   sing N N 116 
HIS N   H    sing N N 117 
HIS N   H2   sing N N 118 
HIS CA  C    sing N N 119 
HIS CA  CB   sing N N 120 
HIS CA  HA   sing N N 121 
HIS C   O    doub N N 122 
HIS C   OXT  sing N N 123 
HIS CB  CG   sing N N 124 
HIS CB  HB2  sing N N 125 
HIS CB  HB3  sing N N 126 
HIS CG  ND1  sing Y N 127 
HIS CG  CD2  doub Y N 128 
HIS ND1 CE1  doub Y N 129 
HIS ND1 HD1  sing N N 130 
HIS CD2 NE2  sing Y N 131 
HIS CD2 HD2  sing N N 132 
HIS CE1 NE2  sing Y N 133 
HIS CE1 HE1  sing N N 134 
HIS NE2 HE2  sing N N 135 
HIS OXT HXT  sing N N 136 
HOH O   H1   sing N N 137 
HOH O   H2   sing N N 138 
ILE N   CA   sing N N 139 
ILE N   H    sing N N 140 
ILE N   H2   sing N N 141 
ILE CA  C    sing N N 142 
ILE CA  CB   sing N N 143 
ILE CA  HA   sing N N 144 
ILE C   O    doub N N 145 
ILE C   OXT  sing N N 146 
ILE CB  CG1  sing N N 147 
ILE CB  CG2  sing N N 148 
ILE CB  HB   sing N N 149 
ILE CG1 CD1  sing N N 150 
ILE CG1 HG12 sing N N 151 
ILE CG1 HG13 sing N N 152 
ILE CG2 HG21 sing N N 153 
ILE CG2 HG22 sing N N 154 
ILE CG2 HG23 sing N N 155 
ILE CD1 HD11 sing N N 156 
ILE CD1 HD12 sing N N 157 
ILE CD1 HD13 sing N N 158 
ILE OXT HXT  sing N N 159 
LEU N   CA   sing N N 160 
LEU N   H    sing N N 161 
LEU N   H2   sing N N 162 
LEU CA  C    sing N N 163 
LEU CA  CB   sing N N 164 
LEU CA  HA   sing N N 165 
LEU C   O    doub N N 166 
LEU C   OXT  sing N N 167 
LEU CB  CG   sing N N 168 
LEU CB  HB2  sing N N 169 
LEU CB  HB3  sing N N 170 
LEU CG  CD1  sing N N 171 
LEU CG  CD2  sing N N 172 
LEU CG  HG   sing N N 173 
LEU CD1 HD11 sing N N 174 
LEU CD1 HD12 sing N N 175 
LEU CD1 HD13 sing N N 176 
LEU CD2 HD21 sing N N 177 
LEU CD2 HD22 sing N N 178 
LEU CD2 HD23 sing N N 179 
LEU OXT HXT  sing N N 180 
LYS N   CA   sing N N 181 
LYS N   H    sing N N 182 
LYS N   H2   sing N N 183 
LYS CA  C    sing N N 184 
LYS CA  CB   sing N N 185 
LYS CA  HA   sing N N 186 
LYS C   O    doub N N 187 
LYS C   OXT  sing N N 188 
LYS CB  CG   sing N N 189 
LYS CB  HB2  sing N N 190 
LYS CB  HB3  sing N N 191 
LYS CG  CD   sing N N 192 
LYS CG  HG2  sing N N 193 
LYS CG  HG3  sing N N 194 
LYS CD  CE   sing N N 195 
LYS CD  HD2  sing N N 196 
LYS CD  HD3  sing N N 197 
LYS CE  NZ   sing N N 198 
LYS CE  HE2  sing N N 199 
LYS CE  HE3  sing N N 200 
LYS NZ  HZ1  sing N N 201 
LYS NZ  HZ2  sing N N 202 
LYS NZ  HZ3  sing N N 203 
LYS OXT HXT  sing N N 204 
MSE N   CA   sing N N 205 
MSE N   H    sing N N 206 
MSE N   H2   sing N N 207 
MSE CA  C    sing N N 208 
MSE CA  CB   sing N N 209 
MSE CA  HA   sing N N 210 
MSE C   O    doub N N 211 
MSE C   OXT  sing N N 212 
MSE OXT HXT  sing N N 213 
MSE CB  CG   sing N N 214 
MSE CB  HB2  sing N N 215 
MSE CB  HB3  sing N N 216 
MSE CG  SE   sing N N 217 
MSE CG  HG2  sing N N 218 
MSE CG  HG3  sing N N 219 
MSE SE  CE   sing N N 220 
MSE CE  HE1  sing N N 221 
MSE CE  HE2  sing N N 222 
MSE CE  HE3  sing N N 223 
PHE N   CA   sing N N 224 
PHE N   H    sing N N 225 
PHE N   H2   sing N N 226 
PHE CA  C    sing N N 227 
PHE CA  CB   sing N N 228 
PHE CA  HA   sing N N 229 
PHE C   O    doub N N 230 
PHE C   OXT  sing N N 231 
PHE CB  CG   sing N N 232 
PHE CB  HB2  sing N N 233 
PHE CB  HB3  sing N N 234 
PHE CG  CD1  doub Y N 235 
PHE CG  CD2  sing Y N 236 
PHE CD1 CE1  sing Y N 237 
PHE CD1 HD1  sing N N 238 
PHE CD2 CE2  doub Y N 239 
PHE CD2 HD2  sing N N 240 
PHE CE1 CZ   doub Y N 241 
PHE CE1 HE1  sing N N 242 
PHE CE2 CZ   sing Y N 243 
PHE CE2 HE2  sing N N 244 
PHE CZ  HZ   sing N N 245 
PHE OXT HXT  sing N N 246 
PRO N   CA   sing N N 247 
PRO N   CD   sing N N 248 
PRO N   H    sing N N 249 
PRO CA  C    sing N N 250 
PRO CA  CB   sing N N 251 
PRO CA  HA   sing N N 252 
PRO C   O    doub N N 253 
PRO C   OXT  sing N N 254 
PRO CB  CG   sing N N 255 
PRO CB  HB2  sing N N 256 
PRO CB  HB3  sing N N 257 
PRO CG  CD   sing N N 258 
PRO CG  HG2  sing N N 259 
PRO CG  HG3  sing N N 260 
PRO CD  HD2  sing N N 261 
PRO CD  HD3  sing N N 262 
PRO OXT HXT  sing N N 263 
SER N   CA   sing N N 264 
SER N   H    sing N N 265 
SER N   H2   sing N N 266 
SER CA  C    sing N N 267 
SER CA  CB   sing N N 268 
SER CA  HA   sing N N 269 
SER C   O    doub N N 270 
SER C   OXT  sing N N 271 
SER CB  OG   sing N N 272 
SER CB  HB2  sing N N 273 
SER CB  HB3  sing N N 274 
SER OG  HG   sing N N 275 
SER OXT HXT  sing N N 276 
SO4 S   O1   doub N N 277 
SO4 S   O2   doub N N 278 
SO4 S   O3   sing N N 279 
SO4 S   O4   sing N N 280 
THR N   CA   sing N N 281 
THR N   H    sing N N 282 
THR N   H2   sing N N 283 
THR CA  C    sing N N 284 
THR CA  CB   sing N N 285 
THR CA  HA   sing N N 286 
THR C   O    doub N N 287 
THR C   OXT  sing N N 288 
THR CB  OG1  sing N N 289 
THR CB  CG2  sing N N 290 
THR CB  HB   sing N N 291 
THR OG1 HG1  sing N N 292 
THR CG2 HG21 sing N N 293 
THR CG2 HG22 sing N N 294 
THR CG2 HG23 sing N N 295 
THR OXT HXT  sing N N 296 
TRP N   CA   sing N N 297 
TRP N   H    sing N N 298 
TRP N   H2   sing N N 299 
TRP CA  C    sing N N 300 
TRP CA  CB   sing N N 301 
TRP CA  HA   sing N N 302 
TRP C   O    doub N N 303 
TRP C   OXT  sing N N 304 
TRP CB  CG   sing N N 305 
TRP CB  HB2  sing N N 306 
TRP CB  HB3  sing N N 307 
TRP CG  CD1  doub Y N 308 
TRP CG  CD2  sing Y N 309 
TRP CD1 NE1  sing Y N 310 
TRP CD1 HD1  sing N N 311 
TRP CD2 CE2  doub Y N 312 
TRP CD2 CE3  sing Y N 313 
TRP NE1 CE2  sing Y N 314 
TRP NE1 HE1  sing N N 315 
TRP CE2 CZ2  sing Y N 316 
TRP CE3 CZ3  doub Y N 317 
TRP CE3 HE3  sing N N 318 
TRP CZ2 CH2  doub Y N 319 
TRP CZ2 HZ2  sing N N 320 
TRP CZ3 CH2  sing Y N 321 
TRP CZ3 HZ3  sing N N 322 
TRP CH2 HH2  sing N N 323 
TRP OXT HXT  sing N N 324 
TYR N   CA   sing N N 325 
TYR N   H    sing N N 326 
TYR N   H2   sing N N 327 
TYR CA  C    sing N N 328 
TYR CA  CB   sing N N 329 
TYR CA  HA   sing N N 330 
TYR C   O    doub N N 331 
TYR C   OXT  sing N N 332 
TYR CB  CG   sing N N 333 
TYR CB  HB2  sing N N 334 
TYR CB  HB3  sing N N 335 
TYR CG  CD1  doub Y N 336 
TYR CG  CD2  sing Y N 337 
TYR CD1 CE1  sing Y N 338 
TYR CD1 HD1  sing N N 339 
TYR CD2 CE2  doub Y N 340 
TYR CD2 HD2  sing N N 341 
TYR CE1 CZ   doub Y N 342 
TYR CE1 HE1  sing N N 343 
TYR CE2 CZ   sing Y N 344 
TYR CE2 HE2  sing N N 345 
TYR CZ  OH   sing N N 346 
TYR OH  HH   sing N N 347 
TYR OXT HXT  sing N N 348 
VAL N   CA   sing N N 349 
VAL N   H    sing N N 350 
VAL N   H2   sing N N 351 
VAL CA  C    sing N N 352 
VAL CA  CB   sing N N 353 
VAL CA  HA   sing N N 354 
VAL C   O    doub N N 355 
VAL C   OXT  sing N N 356 
VAL CB  CG1  sing N N 357 
VAL CB  CG2  sing N N 358 
VAL CB  HB   sing N N 359 
VAL CG1 HG11 sing N N 360 
VAL CG1 HG12 sing N N 361 
VAL CG1 HG13 sing N N 362 
VAL CG2 HG21 sing N N 363 
VAL CG2 HG22 sing N N 364 
VAL CG2 HG23 sing N N 365 
VAL OXT HXT  sing N N 366 
# 
_atom_sites.entry_id                    3IBZ 
_atom_sites.fract_transf_matrix[1][1]   0.00685261 
_atom_sites.fract_transf_matrix[1][2]   -0.00689391 
_atom_sites.fract_transf_matrix[1][3]   0.02701019 
_atom_sites.fract_transf_matrix[2][1]   0.01354561 
_atom_sites.fract_transf_matrix[2][2]   -0.00729519 
_atom_sites.fract_transf_matrix[2][3]   -0.00529856 
_atom_sites.fract_transf_matrix[3][1]   0.00583400 
_atom_sites.fract_transf_matrix[3][2]   0.01004533 
_atom_sites.fract_transf_matrix[3][3]   0.00108379 
_atom_sites.fract_transf_vector[1]      0.091341 
_atom_sites.fract_transf_vector[2]      0.466531 
_atom_sites.fract_transf_vector[3]      0.054945 
# 
loop_
_atom_type.symbol 
C  
CA 
N  
O  
S  
SE 
# 
loop_
_atom_site.group_PDB 
_atom_site.id 
_atom_site.type_symbol 
_atom_site.label_atom_id 
_atom_site.label_alt_id 
_atom_site.label_comp_id 
_atom_site.label_asym_id 
_atom_site.label_entity_id 
_atom_site.label_seq_id 
_atom_site.pdbx_PDB_ins_code 
_atom_site.Cartn_x 
_atom_site.Cartn_y 
_atom_site.Cartn_z 
_atom_site.occupancy 
_atom_site.B_iso_or_equiv 
_atom_site.pdbx_formal_charge 
_atom_site.auth_seq_id 
_atom_site.auth_comp_id 
_atom_site.auth_asym_id 
_atom_site.auth_atom_id 
_atom_site.pdbx_PDB_model_num 
ATOM   1    N  N   . LEU A 1 13  ? -2.528  -35.429 -2.418  1.00 35.65 ? 13  LEU A N   1 
ATOM   2    C  CA  . LEU A 1 13  ? -3.240  -35.110 -1.148  1.00 35.32 ? 13  LEU A CA  1 
ATOM   3    C  C   . LEU A 1 13  ? -3.020  -33.649 -0.766  1.00 34.99 ? 13  LEU A C   1 
ATOM   4    O  O   . LEU A 1 13  ? -3.182  -33.241 0.370   1.00 36.35 ? 13  LEU A O   1 
ATOM   5    C  CB  . LEU A 1 13  ? -2.853  -36.041 -0.016  1.00 36.30 ? 13  LEU A CB  1 
ATOM   6    C  CG  . LEU A 1 13  ? -3.507  -37.385 -0.253  1.00 38.62 ? 13  LEU A CG  1 
ATOM   7    C  CD1 . LEU A 1 13  ? -2.729  -38.079 -1.255  1.00 42.09 ? 13  LEU A CD1 1 
ATOM   8    C  CD2 . LEU A 1 13  ? -3.619  -38.158 0.966   1.00 40.65 ? 13  LEU A CD2 1 
ATOM   9    N  N   . THR A 1 14  ? -2.677  -32.872 -1.760  1.00 32.34 ? 14  THR A N   1 
ATOM   10   C  CA  . THR A 1 14  ? -2.640  -31.470 -1.606  1.00 29.82 ? 14  THR A CA  1 
ATOM   11   C  C   . THR A 1 14  ? -3.797  -30.946 -2.393  1.00 26.60 ? 14  THR A C   1 
ATOM   12   O  O   . THR A 1 14  ? -4.018  -31.369 -3.494  1.00 26.81 ? 14  THR A O   1 
ATOM   13   C  CB  . THR A 1 14  ? -1.305  -30.892 -2.117  1.00 22.30 ? 14  THR A CB  1 
ATOM   14   O  OG1 . THR A 1 14  ? -0.238  -31.432 -1.338  1.00 22.61 ? 14  THR A OG1 1 
ATOM   15   C  CG2 . THR A 1 14  ? -1.239  -29.411 -1.840  1.00 22.87 ? 14  THR A CG2 1 
ATOM   16   N  N   . LYS A 1 15  ? -4.529  -29.999 -1.836  1.00 22.28 ? 15  LYS A N   1 
ATOM   17   C  CA  . LYS A 1 15  ? -5.546  -29.327 -2.610  1.00 20.14 ? 15  LYS A CA  1 
ATOM   18   C  C   . LYS A 1 15  ? -5.163  -27.904 -2.931  1.00 21.29 ? 15  LYS A C   1 
ATOM   19   O  O   . LYS A 1 15  ? -4.159  -27.392 -2.470  1.00 18.95 ? 15  LYS A O   1 
ATOM   20   C  CB  . LYS A 1 15  ? -6.933  -29.321 -1.919  1.00 19.19 ? 15  LYS A CB  1 
ATOM   21   C  CG  . LYS A 1 15  ? -6.956  -29.125 -0.468  1.00 13.41 ? 15  LYS A CG  1 
ATOM   22   C  CD  . LYS A 1 15  ? -8.352  -29.150 0.073   1.00 4.98  ? 15  LYS A CD  1 
ATOM   23   C  CE  . LYS A 1 15  ? -8.639  -30.469 0.882   1.00 2.00  ? 15  LYS A CE  1 
ATOM   24   N  NZ  . LYS A 1 15  ? -9.860  -30.421 1.682   1.00 2.00  ? 15  LYS A NZ  1 
ATOM   25   N  N   . GLU A 1 16  ? -6.017  -27.262 -3.699  1.00 22.39 ? 16  GLU A N   1 
ATOM   26   C  CA  . GLU A 1 16  ? -6.131  -25.815 -3.621  1.00 22.73 ? 16  GLU A CA  1 
ATOM   27   C  C   . GLU A 1 16  ? -4.854  -25.217 -3.066  1.00 24.07 ? 16  GLU A C   1 
ATOM   28   O  O   . GLU A 1 16  ? -3.836  -25.130 -3.753  1.00 26.15 ? 16  GLU A O   1 
ATOM   29   C  CB  . GLU A 1 16  ? -7.315  -25.452 -2.696  1.00 22.97 ? 16  GLU A CB  1 
ATOM   30   C  CG  . GLU A 1 16  ? -7.060  -24.447 -1.545  1.00 21.95 ? 16  GLU A CG  1 
ATOM   31   C  CD  . GLU A 1 16  ? -7.030  -25.073 -0.154  1.00 21.32 ? 16  GLU A CD  1 
ATOM   32   O  OE1 . GLU A 1 16  ? -8.141  -25.334 0.383   1.00 20.50 ? 16  GLU A OE1 1 
ATOM   33   O  OE2 . GLU A 1 16  ? -5.910  -25.290 0.402   1.00 16.98 ? 16  GLU A OE2 1 
ATOM   34   N  N   . GLY A 1 19  ? -5.768  -21.090 -1.622  1.00 10.84 ? 19  GLY A N   1 
ATOM   35   C  CA  . GLY A 1 19  ? -6.000  -19.795 -1.033  1.00 10.58 ? 19  GLY A CA  1 
ATOM   36   C  C   . GLY A 1 19  ? -4.661  -19.107 -0.783  1.00 8.19  ? 19  GLY A C   1 
ATOM   37   O  O   . GLY A 1 19  ? -3.754  -19.730 -0.222  1.00 8.24  ? 19  GLY A O   1 
ATOM   38   N  N   . LEU A 1 20  ? -4.527  -17.851 -1.210  1.00 6.08  ? 20  LEU A N   1 
ATOM   39   C  CA  . LEU A 1 20  ? -3.512  -16.947 -0.637  1.00 4.83  ? 20  LEU A CA  1 
ATOM   40   C  C   . LEU A 1 20  ? -3.675  -16.975 0.880   1.00 3.82  ? 20  LEU A C   1 
ATOM   41   O  O   . LEU A 1 20  ? -4.788  -16.921 1.379   1.00 2.07  ? 20  LEU A O   1 
ATOM   42   C  CB  . LEU A 1 20  ? -3.747  -15.514 -1.125  1.00 3.17  ? 20  LEU A CB  1 
ATOM   43   C  CG  . LEU A 1 20  ? -2.841  -14.796 -2.103  1.00 6.48  ? 20  LEU A CG  1 
ATOM   44   C  CD1 . LEU A 1 20  ? -2.136  -15.705 -3.049  1.00 2.00  ? 20  LEU A CD1 1 
ATOM   45   C  CD2 . LEU A 1 20  ? -3.594  -13.645 -2.842  1.00 7.26  ? 20  LEU A CD2 1 
ATOM   46   N  N   . THR A 1 21  ? -2.580  -17.067 1.608   1.00 4.10  ? 21  THR A N   1 
ATOM   47   C  CA  . THR A 1 21  ? -2.633  -17.081 3.053   1.00 3.86  ? 21  THR A CA  1 
ATOM   48   C  C   . THR A 1 21  ? -1.716  -16.073 3.713   1.00 4.89  ? 21  THR A C   1 
ATOM   49   O  O   . THR A 1 21  ? -1.999  -15.643 4.798   1.00 6.45  ? 21  THR A O   1 
ATOM   50   C  CB  . THR A 1 21  ? -2.268  -18.440 3.627   1.00 5.22  ? 21  THR A CB  1 
ATOM   51   O  OG1 . THR A 1 21  ? -0.860  -18.663 3.482   1.00 5.57  ? 21  THR A OG1 1 
ATOM   52   C  CG2 . THR A 1 21  ? -3.030  -19.525 2.889   1.00 4.95  ? 21  THR A CG2 1 
ATOM   53   N  N   . ALA A 1 22  ? -0.587  -15.781 3.104   1.00 2.82  ? 22  ALA A N   1 
ATOM   54   C  CA  . ALA A 1 22  ? 0.294   -14.749 3.626   1.00 3.59  ? 22  ALA A CA  1 
ATOM   55   C  C   . ALA A 1 22  ? 0.944   -14.031 2.478   1.00 2.39  ? 22  ALA A C   1 
ATOM   56   O  O   . ALA A 1 22  ? 1.499   -14.635 1.587   1.00 2.00  ? 22  ALA A O   1 
ATOM   57   C  CB  . ALA A 1 22  ? 1.333   -15.320 4.511   1.00 4.63  ? 22  ALA A CB  1 
ATOM   58   N  N   . VAL A 1 23  ? 0.937   -12.717 2.519   1.00 2.00  ? 23  VAL A N   1 
ATOM   59   C  CA  . VAL A 1 23  ? 1.305   -11.892 1.421   1.00 2.00  ? 23  VAL A CA  1 
ATOM   60   C  C   . VAL A 1 23  ? 2.140   -10.762 2.007   1.00 2.00  ? 23  VAL A C   1 
ATOM   61   O  O   . VAL A 1 23  ? 2.006   -10.453 3.149   1.00 2.00  ? 23  VAL A O   1 
ATOM   62   C  CB  . VAL A 1 23  ? 0.052   -11.353 0.695   1.00 10.82 ? 23  VAL A CB  1 
ATOM   63   C  CG1 . VAL A 1 23  ? 0.356   -10.184 -0.147  1.00 12.97 ? 23  VAL A CG1 1 
ATOM   64   C  CG2 . VAL A 1 23  ? -0.588  -12.497 -0.180  1.00 11.41 ? 23  VAL A CG2 1 
ATOM   65   N  N   . ILE A 1 24  ? 3.016   -10.267 1.171   1.00 3.40  ? 24  ILE A N   1 
ATOM   66   C  CA  . ILE A 1 24  ? 3.789   -9.088  1.494   1.00 4.19  ? 24  ILE A CA  1 
ATOM   67   C  C   . ILE A 1 24  ? 3.686   -8.101  0.337   1.00 6.12  ? 24  ILE A C   1 
ATOM   68   O  O   . ILE A 1 24  ? 3.874   -8.449  -0.805  1.00 8.04  ? 24  ILE A O   1 
ATOM   69   C  CB  . ILE A 1 24  ? 5.288   -9.347  1.735   1.00 6.52  ? 24  ILE A CB  1 
ATOM   70   C  CG1 . ILE A 1 24  ? 5.537   -10.301 2.864   1.00 9.66  ? 24  ILE A CG1 1 
ATOM   71   C  CG2 . ILE A 1 24  ? 5.984   -8.055  2.183   1.00 6.91  ? 24  ILE A CG2 1 
ATOM   72   C  CD1 . ILE A 1 24  ? 6.928   -10.886 2.849   1.00 11.82 ? 24  ILE A CD1 1 
ATOM   73   N  N   . VAL A 1 25  ? 3.355   -6.863  0.661   1.00 3.58  ? 25  VAL A N   1 
ATOM   74   C  CA  . VAL A 1 25  ? 3.343   -5.758  -0.301  1.00 4.86  ? 25  VAL A CA  1 
ATOM   75   C  C   . VAL A 1 25  ? 4.670   -5.012  -0.059  1.00 4.83  ? 25  VAL A C   1 
ATOM   76   O  O   . VAL A 1 25  ? 5.071   -4.777  1.095   1.00 7.35  ? 25  VAL A O   1 
ATOM   77   C  CB  . VAL A 1 25  ? 2.096   -4.872  -0.139  1.00 3.47  ? 25  VAL A CB  1 
ATOM   78   C  CG1 . VAL A 1 25  ? 2.259   -3.505  -1.002  1.00 6.34  ? 25  VAL A CG1 1 
ATOM   79   C  CG2 . VAL A 1 25  ? 0.800   -5.700  -0.450  1.00 7.26  ? 25  VAL A CG2 1 
ATOM   80   N  N   . GLY A 1 26  ? 5.402   -4.734  -1.126  1.00 3.32  ? 26  GLY A N   1 
ATOM   81   C  CA  . GLY A 1 26  ? 6.752   -4.190  -1.034  1.00 3.12  ? 26  GLY A CA  1 
ATOM   82   C  C   . GLY A 1 26  ? 6.805   -2.957  -1.927  1.00 2.74  ? 26  GLY A C   1 
ATOM   83   O  O   . GLY A 1 26  ? 6.422   -2.981  -3.100  1.00 3.54  ? 26  GLY A O   1 
ATOM   84   N  N   . LEU A 1 27  ? 7.338   -1.884  -1.374  1.00 2.44  ? 27  LEU A N   1 
ATOM   85   C  CA  . LEU A 1 27  ? 7.553   -0.601  -2.087  1.00 2.56  ? 27  LEU A CA  1 
ATOM   86   C  C   . LEU A 1 27  ? 9.005   -0.230  -1.996  1.00 2.00  ? 27  LEU A C   1 
ATOM   87   O  O   . LEU A 1 27  ? 9.568   -0.254  -0.913  1.00 3.08  ? 27  LEU A O   1 
ATOM   88   C  CB  . LEU A 1 27  ? 6.671   0.471   -1.416  1.00 3.33  ? 27  LEU A CB  1 
ATOM   89   C  CG  . LEU A 1 27  ? 6.907   1.939   -1.787  1.00 4.21  ? 27  LEU A CG  1 
ATOM   90   C  CD1 . LEU A 1 27  ? 6.449   2.215   -3.220  1.00 6.05  ? 27  LEU A CD1 1 
ATOM   91   C  CD2 . LEU A 1 27  ? 6.203   2.828   -0.778  1.00 4.25  ? 27  LEU A CD2 1 
ATOM   92   N  N   . GLY A 1 28  ? 9.593   0.117   -3.132  1.00 2.08  ? 28  GLY A N   1 
ATOM   93   C  CA  . GLY A 1 28  ? 10.977  0.567   -3.180  1.00 2.00  ? 28  GLY A CA  1 
ATOM   94   C  C   . GLY A 1 28  ? 11.173  1.665   -4.176  1.00 2.66  ? 28  GLY A C   1 
ATOM   95   O  O   . GLY A 1 28  ? 10.387  1.832   -5.123  1.00 2.60  ? 28  GLY A O   1 
ATOM   96   N  N   . TRP A 1 29  ? 12.206  2.452   -3.902  1.00 2.45  ? 29  TRP A N   1 
ATOM   97   C  CA  . TRP A 1 29  ? 12.615  3.533   -4.772  1.00 2.17  ? 29  TRP A CA  1 
ATOM   98   C  C   . TRP A 1 29  ? 14.051  3.886   -4.446  1.00 2.95  ? 29  TRP A C   1 
ATOM   99   O  O   . TRP A 1 29  ? 14.657  3.330   -3.475  1.00 3.26  ? 29  TRP A O   1 
ATOM   100  C  CB  . TRP A 1 29  ? 11.676  4.747   -4.642  1.00 2.28  ? 29  TRP A CB  1 
ATOM   101  C  CG  . TRP A 1 29  ? 11.717  5.445   -3.362  1.00 2.04  ? 29  TRP A CG  1 
ATOM   102  C  CD1 . TRP A 1 29  ? 12.335  6.696   -3.094  1.00 2.00  ? 29  TRP A CD1 1 
ATOM   103  C  CD2 . TRP A 1 29  ? 11.102  5.053   -2.138  1.00 2.00  ? 29  TRP A CD2 1 
ATOM   104  N  NE1 . TRP A 1 29  ? 12.163  7.038   -1.790  1.00 2.00  ? 29  TRP A NE1 1 
ATOM   105  C  CE2 . TRP A 1 29  ? 11.430  6.049   -1.162  1.00 2.97  ? 29  TRP A CE2 1 
ATOM   106  C  CE3 . TRP A 1 29  ? 10.354  3.957   -1.739  1.00 3.20  ? 29  TRP A CE3 1 
ATOM   107  C  CZ2 . TRP A 1 29  ? 10.992  5.969   0.146   1.00 2.00  ? 29  TRP A CZ2 1 
ATOM   108  C  CZ3 . TRP A 1 29  ? 9.927   3.875   -0.417  1.00 2.00  ? 29  TRP A CZ3 1 
ATOM   109  C  CH2 . TRP A 1 29  ? 10.273  4.848   0.521   1.00 2.44  ? 29  TRP A CH2 1 
ATOM   110  N  N   . ASP A 1 30  ? 14.593  4.756   -5.296  1.00 3.95  ? 30  ASP A N   1 
ATOM   111  C  CA  . ASP A 1 30  ? 15.976  5.170   -5.186  1.00 4.14  ? 30  ASP A CA  1 
ATOM   112  C  C   . ASP A 1 30  ? 16.030  6.542   -4.544  1.00 4.08  ? 30  ASP A C   1 
ATOM   113  O  O   . ASP A 1 30  ? 15.173  7.388   -4.768  1.00 3.71  ? 30  ASP A O   1 
ATOM   114  C  CB  . ASP A 1 30  ? 16.658  5.195   -6.554  1.00 5.38  ? 30  ASP A CB  1 
ATOM   115  C  CG  . ASP A 1 30  ? 16.980  3.827   -7.103  1.00 8.70  ? 30  ASP A CG  1 
ATOM   116  O  OD1 . ASP A 1 30  ? 16.710  2.780   -6.427  1.00 12.85 ? 30  ASP A OD1 1 
ATOM   117  O  OD2 . ASP A 1 30  ? 17.495  3.804   -8.261  1.00 12.01 ? 30  ASP A OD2 1 
ATOM   118  N  N   A ILE A 1 31  ? 17.095  6.761   -3.797  0.50 5.07  ? 31  ILE A N   1 
ATOM   119  N  N   B ILE A 1 31  ? 17.065  6.751   -3.737  0.50 5.22  ? 31  ILE A N   1 
ATOM   120  C  CA  A ILE A 1 31  ? 17.311  8.005   -3.092  0.50 4.46  ? 31  ILE A CA  1 
ATOM   121  C  CA  B ILE A 1 31  ? 17.317  8.049   -3.108  0.50 4.63  ? 31  ILE A CA  1 
ATOM   122  C  C   A ILE A 1 31  ? 17.557  9.112   -4.128  0.50 4.69  ? 31  ILE A C   1 
ATOM   123  C  C   B ILE A 1 31  ? 17.469  9.101   -4.190  0.50 4.81  ? 31  ILE A C   1 
ATOM   124  O  O   A ILE A 1 31  ? 18.213  8.880   -5.163  0.50 4.89  ? 31  ILE A O   1 
ATOM   125  O  O   B ILE A 1 31  ? 17.995  8.840   -5.290  0.50 4.93  ? 31  ILE A O   1 
ATOM   126  C  CB  A ILE A 1 31  ? 18.433  7.777   -2.071  0.50 4.08  ? 31  ILE A CB  1 
ATOM   127  C  CB  B ILE A 1 31  ? 18.574  8.010   -2.240  0.50 4.77  ? 31  ILE A CB  1 
ATOM   128  C  CG1 A ILE A 1 31  ? 18.374  8.798   -0.934  0.50 5.34  ? 31  ILE A CG1 1 
ATOM   129  C  CG1 B ILE A 1 31  ? 18.449  6.999   -1.108  0.50 3.43  ? 31  ILE A CG1 1 
ATOM   130  C  CG2 A ILE A 1 31  ? 19.819  7.705   -2.779  0.50 4.79  ? 31  ILE A CG2 1 
ATOM   131  C  CG2 B ILE A 1 31  ? 18.946  9.423   -1.670  0.50 6.65  ? 31  ILE A CG2 1 
ATOM   132  C  CD1 A ILE A 1 31  ? 19.546  8.697   0.017   0.50 7.95  ? 31  ILE A CD1 1 
ATOM   133  C  CD1 B ILE A 1 31  ? 19.825  6.706   -0.490  0.50 8.93  ? 31  ILE A CD1 1 
ATOM   134  N  N   . ARG A 1 32  ? 16.981  10.287  -3.885  1.00 4.43  ? 32  ARG A N   1 
ATOM   135  C  CA  . ARG A 1 32  ? 17.164  11.451  -4.751  1.00 4.74  ? 32  ARG A CA  1 
ATOM   136  C  C   . ARG A 1 32  ? 18.641  11.784  -4.914  1.00 5.39  ? 32  ARG A C   1 
ATOM   137  O  O   . ARG A 1 32  ? 19.351  11.851  -3.929  1.00 5.61  ? 32  ARG A O   1 
ATOM   138  C  CB  . ARG A 1 32  ? 16.507  12.674  -4.125  1.00 4.87  ? 32  ARG A CB  1 
ATOM   139  C  CG  . ARG A 1 32  ? 16.392  13.801  -5.061  1.00 2.00  ? 32  ARG A CG  1 
ATOM   140  C  CD  . ARG A 1 32  ? 15.726  15.005  -4.371  1.00 2.89  ? 32  ARG A CD  1 
ATOM   141  N  NE  . ARG A 1 32  ? 15.655  16.066  -5.335  1.00 4.63  ? 32  ARG A NE  1 
ATOM   142  C  CZ  . ARG A 1 32  ? 14.789  17.061  -5.321  1.00 8.96  ? 32  ARG A CZ  1 
ATOM   143  N  NH1 . ARG A 1 32  ? 13.875  17.182  -4.372  1.00 9.81  ? 32  ARG A NH1 1 
ATOM   144  N  NH2 . ARG A 1 32  ? 14.859  17.952  -6.293  1.00 11.24 ? 32  ARG A NH2 1 
ATOM   145  N  N   . THR A 1 33  ? 19.108  12.004  -6.132  1.00 6.62  ? 33  THR A N   1 
ATOM   146  C  CA  . THR A 1 33  ? 20.551  12.318  -6.314  1.00 7.78  ? 33  THR A CA  1 
ATOM   147  C  C   . THR A 1 33  ? 20.820  13.815  -6.401  1.00 6.35  ? 33  THR A C   1 
ATOM   148  O  O   . THR A 1 33  ? 21.913  14.242  -6.132  1.00 7.38  ? 33  THR A O   1 
ATOM   149  C  CB  . THR A 1 33  ? 21.155  11.646  -7.540  1.00 8.07  ? 33  THR A CB  1 
ATOM   150  O  OG1 . THR A 1 33  ? 20.364  12.002  -8.691  1.00 11.82 ? 33  THR A OG1 1 
ATOM   151  C  CG2 . THR A 1 33  ? 21.205  10.127  -7.327  1.00 12.44 ? 33  THR A CG2 1 
ATOM   152  N  N   . THR A 1 34  ? 19.831  14.583  -6.829  1.00 5.55  ? 34  THR A N   1 
ATOM   153  C  CA  . THR A 1 34  ? 19.956  16.022  -6.929  1.00 5.10  ? 34  THR A CA  1 
ATOM   154  C  C   . THR A 1 34  ? 19.723  16.644  -5.551  1.00 3.69  ? 34  THR A C   1 
ATOM   155  O  O   . THR A 1 34  ? 19.133  16.032  -4.663  1.00 2.87  ? 34  THR A O   1 
ATOM   156  C  CB  . THR A 1 34  ? 18.957  16.566  -7.943  1.00 5.17  ? 34  THR A CB  1 
ATOM   157  O  OG1 . THR A 1 34  ? 17.655  16.113  -7.574  1.00 7.80  ? 34  THR A OG1 1 
ATOM   158  C  CG2 . THR A 1 34  ? 19.315  16.067  -9.353  1.00 9.31  ? 34  THR A CG2 1 
ATOM   159  N  N   . THR A 1 35  ? 20.146  17.890  -5.366  1.00 3.15  ? 35  THR A N   1 
ATOM   160  C  CA  . THR A 1 35  ? 19.913  18.499  -4.078  1.00 3.61  ? 35  THR A CA  1 
ATOM   161  C  C   . THR A 1 35  ? 18.443  18.845  -4.019  1.00 3.44  ? 35  THR A C   1 
ATOM   162  O  O   . THR A 1 35  ? 17.792  18.990  -5.045  1.00 4.50  ? 35  THR A O   1 
ATOM   163  C  CB  . THR A 1 35  ? 20.778  19.777  -3.808  1.00 4.46  ? 35  THR A CB  1 
ATOM   164  O  OG1 . THR A 1 35  ? 20.428  20.774  -4.762  1.00 7.64  ? 35  THR A OG1 1 
ATOM   165  C  CG2 . THR A 1 35  ? 22.249  19.484  -3.989  1.00 4.50  ? 35  THR A CG2 1 
ATOM   166  N  N   . GLY A 1 36  ? 17.917  18.935  -2.816  1.00 2.43  ? 36  GLY A N   1 
ATOM   167  C  CA  . GLY A 1 36  ? 16.513  19.196  -2.621  1.00 2.08  ? 36  GLY A CA  1 
ATOM   168  C  C   . GLY A 1 36  ? 15.957  18.159  -1.661  1.00 2.00  ? 36  GLY A C   1 
ATOM   169  O  O   . GLY A 1 36  ? 16.609  17.199  -1.299  1.00 2.00  ? 36  GLY A O   1 
ATOM   170  N  N   . THR A 1 37  ? 14.742  18.385  -1.227  1.00 2.00  ? 37  THR A N   1 
ATOM   171  C  CA  . THR A 1 37  ? 14.062  17.504  -0.280  1.00 2.87  ? 37  THR A CA  1 
ATOM   172  C  C   . THR A 1 37  ? 13.985  16.054  -0.757  1.00 2.57  ? 37  THR A C   1 
ATOM   173  O  O   . THR A 1 37  ? 13.745  15.794  -1.910  1.00 2.00  ? 37  THR A O   1 
ATOM   174  C  CB  . THR A 1 37  ? 12.663  18.016  -0.049  1.00 3.70  ? 37  THR A CB  1 
ATOM   175  O  OG1 . THR A 1 37  ? 12.735  19.401  0.349   1.00 7.09  ? 37  THR A OG1 1 
ATOM   176  C  CG2 . THR A 1 37  ? 11.999  17.241  1.035   1.00 5.84  ? 37  THR A CG2 1 
ATOM   177  N  N   . ASP A 1 38  ? 14.259  15.135  0.148   1.00 3.27  ? 38  ASP A N   1 
ATOM   178  C  CA  . ASP A 1 38  ? 14.157  13.696  -0.185  1.00 5.07  ? 38  ASP A CA  1 
ATOM   179  C  C   . ASP A 1 38  ? 12.837  13.254  -0.726  1.00 2.97  ? 38  ASP A C   1 
ATOM   180  O  O   . ASP A 1 38  ? 11.830  13.884  -0.497  1.00 3.73  ? 38  ASP A O   1 
ATOM   181  C  CB  . ASP A 1 38  ? 14.581  12.834  0.983   1.00 4.90  ? 38  ASP A CB  1 
ATOM   182  C  CG  . ASP A 1 38  ? 16.089  12.781  1.109   1.00 11.92 ? 38  ASP A CG  1 
ATOM   183  O  OD1 . ASP A 1 38  ? 16.799  12.262  0.169   1.00 17.72 ? 38  ASP A OD1 1 
ATOM   184  O  OD2 . ASP A 1 38  ? 16.556  13.303  2.151   1.00 16.21 ? 38  ASP A OD2 1 
ATOM   185  N  N   . PHE A 1 39  ? 12.864  12.134  -1.444  1.00 3.52  ? 39  PHE A N   1 
ATOM   186  C  CA  . PHE A 1 39  ? 11.661  11.426  -1.888  1.00 2.97  ? 39  PHE A CA  1 
ATOM   187  C  C   . PHE A 1 39  ? 11.243  10.472  -0.793  1.00 2.51  ? 39  PHE A C   1 
ATOM   188  O  O   . PHE A 1 39  ? 11.983  9.526   -0.455  1.00 2.76  ? 39  PHE A O   1 
ATOM   189  C  CB  . PHE A 1 39  ? 11.936  10.601  -3.131  1.00 2.77  ? 39  PHE A CB  1 
ATOM   190  C  CG  . PHE A 1 39  ? 12.372  11.404  -4.333  1.00 3.68  ? 39  PHE A CG  1 
ATOM   191  C  CD1 . PHE A 1 39  ? 11.742  12.576  -4.664  1.00 4.48  ? 39  PHE A CD1 1 
ATOM   192  C  CD2 . PHE A 1 39  ? 13.373  10.924  -5.171  1.00 3.42  ? 39  PHE A CD2 1 
ATOM   193  C  CE1 . PHE A 1 39  ? 12.135  13.300  -5.788  1.00 8.31  ? 39  PHE A CE1 1 
ATOM   194  C  CE2 . PHE A 1 39  ? 13.744  11.661  -6.291  1.00 6.24  ? 39  PHE A CE2 1 
ATOM   195  C  CZ  . PHE A 1 39  ? 13.105  12.819  -6.591  1.00 9.28  ? 39  PHE A CZ  1 
ATOM   196  N  N   . ASP A 1 40  ? 10.101  10.785  -0.190  1.00 2.43  ? 40  ASP A N   1 
ATOM   197  C  CA  . ASP A 1 40  ? 9.541   9.998   0.899   1.00 2.00  ? 40  ASP A CA  1 
ATOM   198  C  C   . ASP A 1 40  ? 8.257   9.386   0.352   1.00 3.48  ? 40  ASP A C   1 
ATOM   199  O  O   . ASP A 1 40  ? 7.181   10.025  0.364   1.00 4.35  ? 40  ASP A O   1 
ATOM   200  C  CB  . ASP A 1 40  ? 9.285   10.889  2.110   1.00 2.98  ? 40  ASP A CB  1 
ATOM   201  C  CG  . ASP A 1 40  ? 8.661   10.169  3.303   1.00 5.44  ? 40  ASP A CG  1 
ATOM   202  O  OD1 . ASP A 1 40  ? 8.548   8.924   3.279   1.00 2.00  ? 40  ASP A OD1 1 
ATOM   203  O  OD2 . ASP A 1 40  ? 8.342   10.808  4.319   1.00 3.84  ? 40  ASP A OD2 1 
ATOM   204  N  N   . LEU A 1 41  ? 8.371   8.157   -0.119  1.00 2.00  ? 41  LEU A N   1 
ATOM   205  C  CA  . LEU A 1 41  ? 7.176   7.428   -0.627  1.00 2.16  ? 41  LEU A CA  1 
ATOM   206  C  C   . LEU A 1 41  ? 6.648   6.656   0.559   1.00 2.00  ? 41  LEU A C   1 
ATOM   207  O  O   . LEU A 1 41  ? 7.381   6.336   1.493   1.00 3.12  ? 41  LEU A O   1 
ATOM   208  C  CB  . LEU A 1 41  ? 7.524   6.478   -1.754  1.00 2.00  ? 41  LEU A CB  1 
ATOM   209  C  CG  . LEU A 1 41  ? 7.606   7.146   -3.133  1.00 2.77  ? 41  LEU A CG  1 
ATOM   210  C  CD1 . LEU A 1 41  ? 8.683   8.263   -3.192  1.00 2.00  ? 41  LEU A CD1 1 
ATOM   211  C  CD2 . LEU A 1 41  ? 7.826   6.150   -4.211  1.00 2.50  ? 41  LEU A CD2 1 
ATOM   212  N  N   . ASP A 1 42  ? 5.354   6.390   0.534   1.00 2.92  ? 42  ASP A N   1 
ATOM   213  C  CA  . ASP A 1 42  ? 4.681   5.685   1.645   1.00 2.36  ? 42  ASP A CA  1 
ATOM   214  C  C   . ASP A 1 42  ? 3.750   4.592   1.093   1.00 2.58  ? 42  ASP A C   1 
ATOM   215  O  O   . ASP A 1 42  ? 2.993   4.854   0.184   1.00 2.93  ? 42  ASP A O   1 
ATOM   216  C  CB  . ASP A 1 42  ? 3.846   6.660   2.440   1.00 3.95  ? 42  ASP A CB  1 
ATOM   217  C  CG  . ASP A 1 42  ? 4.727   7.671   3.282   1.00 3.71  ? 42  ASP A CG  1 
ATOM   218  O  OD1 . ASP A 1 42  ? 5.724   7.207   3.933   1.00 3.49  ? 42  ASP A OD1 1 
ATOM   219  O  OD2 . ASP A 1 42  ? 4.350   8.861   3.388   1.00 7.90  ? 42  ASP A OD2 1 
ATOM   220  N  N   . ALA A 1 43  ? 3.818   3.424   1.713   1.00 3.01  ? 43  ALA A N   1 
ATOM   221  C  CA  . ALA A 1 43  ? 2.875   2.296   1.445   1.00 3.56  ? 43  ALA A CA  1 
ATOM   222  C  C   . ALA A 1 43  ? 1.866   2.294   2.592   1.00 2.00  ? 43  ALA A C   1 
ATOM   223  O  O   . ALA A 1 43  ? 2.247   2.451   3.751   1.00 3.53  ? 43  ALA A O   1 
ATOM   224  C  CB  . ALA A 1 43  ? 3.616   0.927   1.368   1.00 4.14  ? 43  ALA A CB  1 
ATOM   225  N  N   A SER A 1 44  ? 0.575   2.182   2.265   0.50 2.83  ? 44  SER A N   1 
ATOM   226  N  N   B SER A 1 44  ? 0.588   2.102   2.293   0.50 2.89  ? 44  SER A N   1 
ATOM   227  C  CA  A SER A 1 44  ? -0.468  2.154   3.281   0.50 2.00  ? 44  SER A CA  1 
ATOM   228  C  CA  B SER A 1 44  ? -0.369  1.978   3.365   0.50 2.20  ? 44  SER A CA  1 
ATOM   229  C  C   A SER A 1 44  ? -1.390  0.959   2.987   0.50 2.26  ? 44  SER A C   1 
ATOM   230  C  C   B SER A 1 44  ? -1.374  0.907   3.000   0.50 2.33  ? 44  SER A C   1 
ATOM   231  O  O   A SER A 1 44  ? -1.265  0.312   1.937   0.50 2.00  ? 44  SER A O   1 
ATOM   232  O  O   B SER A 1 44  ? -1.303  0.309   1.920   0.50 2.04  ? 44  SER A O   1 
ATOM   233  C  CB  A SER A 1 44  ? -1.234  3.485   3.355   0.50 2.47  ? 44  SER A CB  1 
ATOM   234  C  CB  B SER A 1 44  ? -1.019  3.317   3.687   0.50 2.53  ? 44  SER A CB  1 
ATOM   235  O  OG  A SER A 1 44  ? -0.358  4.617   3.526   0.50 2.80  ? 44  SER A OG  1 
ATOM   236  O  OG  B SER A 1 44  ? -1.590  3.869   2.532   0.50 5.30  ? 44  SER A OG  1 
ATOM   237  N  N   . ALA A 1 45  ? -2.290  0.692   3.918   1.00 2.29  ? 45  ALA A N   1 
ATOM   238  C  CA  . ALA A 1 45  ? -3.318  -0.335  3.725   1.00 2.00  ? 45  ALA A CA  1 
ATOM   239  C  C   . ALA A 1 45  ? -4.593  0.134   4.398   1.00 2.38  ? 45  ALA A C   1 
ATOM   240  O  O   . ALA A 1 45  ? -4.564  0.816   5.456   1.00 3.92  ? 45  ALA A O   1 
ATOM   241  C  CB  . ALA A 1 45  ? -2.832  -1.703  4.298   1.00 2.00  ? 45  ALA A CB  1 
ATOM   242  N  N   . LEU A 1 46  ? -5.738  -0.168  3.786   1.00 2.64  ? 46  LEU A N   1 
ATOM   243  C  CA  . LEU A 1 46  ? -7.037  0.103   4.390   1.00 2.48  ? 46  LEU A CA  1 
ATOM   244  C  C   . LEU A 1 46  ? -7.793  -1.227  4.457   1.00 3.44  ? 46  LEU A C   1 
ATOM   245  O  O   . LEU A 1 46  ? -8.012  -1.844  3.420   1.00 2.84  ? 46  LEU A O   1 
ATOM   246  C  CB  . LEU A 1 46  ? -7.817  1.052   3.496   1.00 4.52  ? 46  LEU A CB  1 
ATOM   247  C  CG  . LEU A 1 46  ? -7.260  2.501   3.356   1.00 8.17  ? 46  LEU A CG  1 
ATOM   248  C  CD1 . LEU A 1 46  ? -7.597  3.030   1.942   1.00 12.55 ? 46  LEU A CD1 1 
ATOM   249  C  CD2 . LEU A 1 46  ? -7.888  3.358   4.407   1.00 8.20  ? 46  LEU A CD2 1 
ATOM   250  N  N   . LEU A 1 47  ? -8.186  -1.627  5.638   1.00 2.00  ? 47  LEU A N   1 
ATOM   251  C  CA  . LEU A 1 47  ? -8.990  -2.857  5.786   1.00 2.15  ? 47  LEU A CA  1 
ATOM   252  C  C   . LEU A 1 47  ? -10.442 -2.432  5.803   1.00 2.00  ? 47  LEU A C   1 
ATOM   253  O  O   . LEU A 1 47  ? -10.906 -1.779  6.710   1.00 3.49  ? 47  LEU A O   1 
ATOM   254  C  CB  . LEU A 1 47  ? -8.612  -3.605  7.045   1.00 3.43  ? 47  LEU A CB  1 
ATOM   255  C  CG  . LEU A 1 47  ? -7.182  -4.189  7.110   1.00 5.85  ? 47  LEU A CG  1 
ATOM   256  C  CD1 . LEU A 1 47  ? -6.068  -3.210  7.450   1.00 7.44  ? 47  LEU A CD1 1 
ATOM   257  C  CD2 . LEU A 1 47  ? -7.128  -5.306  8.125   1.00 8.71  ? 47  LEU A CD2 1 
ATOM   258  N  N   . LEU A 1 48  ? -11.189 -2.864  4.791   1.00 2.24  ? 48  LEU A N   1 
ATOM   259  C  CA  . LEU A 1 48  ? -12.577 -2.481  4.599   1.00 2.00  ? 48  LEU A CA  1 
ATOM   260  C  C   . LEU A 1 48  ? -13.590 -3.563  4.970   1.00 3.05  ? 48  LEU A C   1 
ATOM   261  O  O   . LEU A 1 48  ? -13.340 -4.731  4.748   1.00 2.25  ? 48  LEU A O   1 
ATOM   262  C  CB  . LEU A 1 48  ? -12.804 -2.172  3.107   1.00 2.00  ? 48  LEU A CB  1 
ATOM   263  C  CG  . LEU A 1 48  ? -11.775 -1.269  2.452   1.00 2.20  ? 48  LEU A CG  1 
ATOM   264  C  CD1 . LEU A 1 48  ? -12.217 -1.011  0.977   1.00 3.86  ? 48  LEU A CD1 1 
ATOM   265  C  CD2 . LEU A 1 48  ? -11.620 0.037   3.239   1.00 2.70  ? 48  LEU A CD2 1 
ATOM   266  N  N   . ASN A 1 49  ? -14.747 -3.116  5.443   1.00 2.55  ? 49  ASN A N   1 
ATOM   267  C  CA  . ASN A 1 49  ? -15.899 -4.005  5.656   1.00 3.68  ? 49  ASN A CA  1 
ATOM   268  C  C   . ASN A 1 49  ? -16.700 -4.247  4.380   1.00 5.79  ? 49  ASN A C   1 
ATOM   269  O  O   . ASN A 1 49  ? -16.306 -3.816  3.291   1.00 5.28  ? 49  ASN A O   1 
ATOM   270  C  CB  . ASN A 1 49  ? -16.793 -3.435  6.752   1.00 4.70  ? 49  ASN A CB  1 
ATOM   271  C  CG  . ASN A 1 49  ? -17.441 -2.067  6.393   1.00 7.29  ? 49  ASN A CG  1 
ATOM   272  O  OD1 . ASN A 1 49  ? -17.633 -1.714  5.219   1.00 4.63  ? 49  ASN A OD1 1 
ATOM   273  N  ND2 . ASN A 1 49  ? -17.863 -1.357  7.418   1.00 9.27  ? 49  ASN A ND2 1 
ATOM   274  N  N   . SER A 1 50  ? -17.839 -4.961  4.489   1.00 7.08  ? 50  SER A N   1 
ATOM   275  C  CA  . SER A 1 50  ? -18.589 -5.313  3.275   1.00 7.79  ? 50  SER A CA  1 
ATOM   276  C  C   . SER A 1 50  ? -19.245 -4.109  2.602   1.00 7.68  ? 50  SER A C   1 
ATOM   277  O  O   . SER A 1 50  ? -19.730 -4.219  1.460   1.00 9.29  ? 50  SER A O   1 
ATOM   278  C  CB  . SER A 1 50  ? -19.695 -6.357  3.556   1.00 9.09  ? 50  SER A CB  1 
ATOM   279  O  OG  . SER A 1 50  ? -20.582 -5.802  4.508   1.00 11.35 ? 50  SER A OG  1 
ATOM   280  N  N   . GLY A 1 51  ? -19.337 -2.999  3.324   1.00 6.11  ? 51  GLY A N   1 
ATOM   281  C  CA  . GLY A 1 51  ? -19.816 -1.706  2.746   1.00 6.13  ? 51  GLY A CA  1 
ATOM   282  C  C   . GLY A 1 51  ? -18.711 -0.863  2.120   1.00 4.63  ? 51  GLY A C   1 
ATOM   283  O  O   . GLY A 1 51  ? -18.895 0.336   1.766   1.00 5.40  ? 51  GLY A O   1 
ATOM   284  N  N   . GLY A 1 52  ? -17.518 -1.414  2.021   1.00 2.88  ? 52  GLY A N   1 
ATOM   285  C  CA  . GLY A 1 52  ? -16.390 -0.682  1.428   1.00 4.00  ? 52  GLY A CA  1 
ATOM   286  C  C   . GLY A 1 52  ? -15.820 0.433   2.275   1.00 2.75  ? 52  GLY A C   1 
ATOM   287  O  O   . GLY A 1 52  ? -15.110 1.272   1.765   1.00 3.70  ? 52  GLY A O   1 
ATOM   288  N  N   . LYS A 1 53  ? -16.075 0.403   3.577   1.00 3.54  ? 53  LYS A N   1 
ATOM   289  C  CA  . LYS A 1 53  ? -15.624 1.445   4.505   1.00 2.94  ? 53  LYS A CA  1 
ATOM   290  C  C   . LYS A 1 53  ? -14.565 0.880   5.420   1.00 3.38  ? 53  LYS A C   1 
ATOM   291  O  O   . LYS A 1 53  ? -14.649 -0.303  5.839   1.00 2.05  ? 53  LYS A O   1 
ATOM   292  C  CB  . LYS A 1 53  ? -16.789 1.896   5.362   1.00 4.91  ? 53  LYS A CB  1 
ATOM   293  C  CG  . LYS A 1 53  ? -16.451 3.050   6.253   1.00 8.71  ? 53  LYS A CG  1 
ATOM   294  C  CD  . LYS A 1 53  ? -17.691 3.504   7.009   1.00 10.92 ? 53  LYS A CD  1 
ATOM   295  C  CE  . LYS A 1 53  ? -17.340 4.722   7.880   1.00 15.50 ? 53  LYS A CE  1 
ATOM   296  N  NZ  . LYS A 1 53  ? -18.578 5.221   8.522   1.00 20.84 ? 53  LYS A NZ  1 
ATOM   297  N  N   . VAL A 1 54  ? -13.671 1.729   5.908   1.00 4.34  ? 54  VAL A N   1 
ATOM   298  C  CA  . VAL A 1 54  ? -12.644 1.179   6.836   1.00 7.05  ? 54  VAL A CA  1 
ATOM   299  C  C   . VAL A 1 54  ? -13.369 0.735   8.053   1.00 4.36  ? 54  VAL A C   1 
ATOM   300  O  O   . VAL A 1 54  ? -14.361 1.364   8.484   1.00 3.57  ? 54  VAL A O   1 
ATOM   301  C  CB  . VAL A 1 54  ? -11.545 2.186   7.276   1.00 6.53  ? 54  VAL A CB  1 
ATOM   302  C  CG1 . VAL A 1 54  ? -10.566 2.306   6.254   1.00 11.15 ? 54  VAL A CG1 1 
ATOM   303  C  CG2 . VAL A 1 54  ? -12.195 3.520   7.717   1.00 8.96  ? 54  VAL A CG2 1 
ATOM   304  N  N   . ALA A 1 55  ? -12.965 -0.425  8.578   1.00 5.98  ? 55  ALA A N   1 
ATOM   305  C  CA  . ALA A 1 55  ? -13.626 -1.019  9.726   1.00 7.83  ? 55  ALA A CA  1 
ATOM   306  C  C   . ALA A 1 55  ? -13.599 -0.169  11.003  1.00 10.08 ? 55  ALA A C   1 
ATOM   307  O  O   . ALA A 1 55  ? -14.542 -0.208  11.810  1.00 13.90 ? 55  ALA A O   1 
ATOM   308  C  CB  . ALA A 1 55  ? -13.059 -2.392  9.992   1.00 6.81  ? 55  ALA A CB  1 
ATOM   309  N  N   . SER A 1 56  ? -12.578 0.645   11.155  1.00 10.06 ? 56  SER A N   1 
ATOM   310  C  CA  . SER A 1 56  ? -12.447 1.693   12.182  1.00 10.71 ? 56  SER A CA  1 
ATOM   311  C  C   . SER A 1 56  ? -11.310 2.591   11.692  1.00 9.04  ? 56  SER A C   1 
ATOM   312  O  O   . SER A 1 56  ? -10.611 2.227   10.767  1.00 6.90  ? 56  SER A O   1 
ATOM   313  C  CB  . SER A 1 56  ? -12.063 1.077   13.546  1.00 12.30 ? 56  SER A CB  1 
ATOM   314  O  OG  . SER A 1 56  ? -10.655 0.715   13.624  1.00 11.84 ? 56  SER A OG  1 
ATOM   315  N  N   . ASP A 1 57  ? -11.084 3.734   12.335  1.00 8.49  ? 57  ASP A N   1 
ATOM   316  C  CA  . ASP A 1 57  ? -10.028 4.633   11.921  1.00 9.34  ? 57  ASP A CA  1 
ATOM   317  C  C   . ASP A 1 57  ? -8.698  3.928   12.073  1.00 8.20  ? 57  ASP A C   1 
ATOM   318  O  O   . ASP A 1 57  ? -7.807  4.214   11.310  1.00 8.02  ? 57  ASP A O   1 
ATOM   319  C  CB  . ASP A 1 57  ? -10.020 5.960   12.738  1.00 10.28 ? 57  ASP A CB  1 
ATOM   320  C  CG  . ASP A 1 57  ? -11.107 6.931   12.288  1.00 14.95 ? 57  ASP A CG  1 
ATOM   321  O  OD1 . ASP A 1 57  ? -11.527 6.897   11.082  1.00 16.13 ? 57  ASP A OD1 1 
ATOM   322  O  OD2 . ASP A 1 57  ? -11.566 7.726   13.156  1.00 22.61 ? 57  ASP A OD2 1 
ATOM   323  N  N   . ALA A 1 58  ? -8.581  2.951   13.004  1.00 6.55  ? 58  ALA A N   1 
ATOM   324  C  CA  . ALA A 1 58  ? -7.301  2.235   13.207  1.00 5.84  ? 58  ALA A CA  1 
ATOM   325  C  C   . ALA A 1 58  ? -7.097  1.104   12.215  1.00 5.36  ? 58  ALA A C   1 
ATOM   326  O  O   . ALA A 1 58  ? -6.067  0.430   12.223  1.00 4.66  ? 58  ALA A O   1 
ATOM   327  C  CB  . ALA A 1 58  ? -7.224  1.674   14.633  1.00 7.92  ? 58  ALA A CB  1 
ATOM   328  N  N   . HIS A 1 59  ? -8.053  0.945   11.296  1.00 2.19  ? 59  HIS A N   1 
ATOM   329  C  CA  . HIS A 1 59  ? -7.845  0.021   10.185  1.00 2.87  ? 59  HIS A CA  1 
ATOM   330  C  C   . HIS A 1 59  ? -7.294  0.670   8.900   1.00 2.18  ? 59  HIS A C   1 
ATOM   331  O  O   . HIS A 1 59  ? -7.326  0.115   7.845   1.00 3.88  ? 59  HIS A O   1 
ATOM   332  C  CB  . HIS A 1 59  ? -9.102  -0.790  9.931   1.00 3.30  ? 59  HIS A CB  1 
ATOM   333  C  CG  . HIS A 1 59  ? -9.343  -1.815  10.992  1.00 5.14  ? 59  HIS A CG  1 
ATOM   334  N  ND1 . HIS A 1 59  ? -9.941  -1.517  12.192  1.00 10.96 ? 59  HIS A ND1 1 
ATOM   335  C  CD2 . HIS A 1 59  ? -9.019  -3.132  11.046  1.00 7.47  ? 59  HIS A CD2 1 
ATOM   336  C  CE1 . HIS A 1 59  ? -10.014 -2.628  12.916  1.00 5.44  ? 59  HIS A CE1 1 
ATOM   337  N  NE2 . HIS A 1 59  ? -9.446  -3.609  12.250  1.00 8.20  ? 59  HIS A NE2 1 
ATOM   338  N  N   . PHE A 1 60  ? -6.789  1.893   9.068   1.00 2.00  ? 60  PHE A N   1 
ATOM   339  C  CA  . PHE A 1 60  ? -5.942  2.632   8.105   1.00 2.53  ? 60  PHE A CA  1 
ATOM   340  C  C   . PHE A 1 60  ? -4.545  2.497   8.654   1.00 2.00  ? 60  PHE A C   1 
ATOM   341  O  O   . PHE A 1 60  ? -4.218  3.018   9.716   1.00 2.00  ? 60  PHE A O   1 
ATOM   342  C  CB  . PHE A 1 60  ? -6.395  4.028   7.989   1.00 2.00  ? 60  PHE A CB  1 
ATOM   343  C  CG  . PHE A 1 60  ? -5.473  4.942   7.199   1.00 3.04  ? 60  PHE A CG  1 
ATOM   344  C  CD1 . PHE A 1 60  ? -4.801  4.501   6.066   1.00 5.03  ? 60  PHE A CD1 1 
ATOM   345  C  CD2 . PHE A 1 60  ? -5.386  6.234   7.556   1.00 7.65  ? 60  PHE A CD2 1 
ATOM   346  C  CE1 . PHE A 1 60  ? -4.039  5.374   5.328   1.00 8.22  ? 60  PHE A CE1 1 
ATOM   347  C  CE2 . PHE A 1 60  ? -4.536  7.154   6.846   1.00 6.25  ? 60  PHE A CE2 1 
ATOM   348  C  CZ  . PHE A 1 60  ? -3.910  6.707   5.731   1.00 5.84  ? 60  PHE A CZ  1 
ATOM   349  N  N   . ILE A 1 61  ? -3.774  1.704   7.962   1.00 2.00  ? 61  ILE A N   1 
ATOM   350  C  CA  . ILE A 1 61  ? -2.417  1.307   8.351   1.00 2.90  ? 61  ILE A CA  1 
ATOM   351  C  C   . ILE A 1 61  ? -1.464  2.164   7.527   1.00 3.04  ? 61  ILE A C   1 
ATOM   352  O  O   . ILE A 1 61  ? -1.501  2.188   6.300   1.00 3.96  ? 61  ILE A O   1 
ATOM   353  C  CB  . ILE A 1 61  ? -2.175  -0.191  8.081   1.00 2.89  ? 61  ILE A CB  1 
ATOM   354  C  CG1 . ILE A 1 61  ? -3.234  -1.127  8.752   1.00 9.75  ? 61  ILE A CG1 1 
ATOM   355  C  CG2 . ILE A 1 61  ? -0.735  -0.548  8.385   1.00 6.18  ? 61  ILE A CG2 1 
ATOM   356  C  CD1 . ILE A 1 61  ? -3.824  -0.716  10.036  1.00 9.74  ? 61  ILE A CD1 1 
ATOM   357  N  N   . PHE A 1 62  ? -0.650  2.946   8.218   1.00 2.00  ? 62  PHE A N   1 
ATOM   358  C  CA  . PHE A 1 62  ? 0.246   3.886   7.568   1.00 2.93  ? 62  PHE A CA  1 
ATOM   359  C  C   . PHE A 1 62  ? 1.293   4.302   8.578   1.00 2.93  ? 62  PHE A C   1 
ATOM   360  O  O   . PHE A 1 62  ? 1.371   3.779   9.693   1.00 2.94  ? 62  PHE A O   1 
ATOM   361  C  CB  . PHE A 1 62  ? -0.528  5.087   6.991   1.00 3.12  ? 62  PHE A CB  1 
ATOM   362  C  CG  . PHE A 1 62  ? -1.036  6.036   7.979   1.00 2.17  ? 62  PHE A CG  1 
ATOM   363  C  CD1 . PHE A 1 62  ? -0.593  7.345   8.013   1.00 5.48  ? 62  PHE A CD1 1 
ATOM   364  C  CD2 . PHE A 1 62  ? -1.990  5.685   8.904   1.00 2.57  ? 62  PHE A CD2 1 
ATOM   365  C  CE1 . PHE A 1 62  ? -1.096  8.259   8.950   1.00 7.72  ? 62  PHE A CE1 1 
ATOM   366  C  CE2 . PHE A 1 62  ? -2.490  6.599   9.832   1.00 2.70  ? 62  PHE A CE2 1 
ATOM   367  C  CZ  . PHE A 1 62  ? -2.061  7.913   9.837   1.00 5.21  ? 62  PHE A CZ  1 
ATOM   368  N  N   . PHE A 1 63  ? 2.094   5.318   8.212   1.00 3.54  ? 63  PHE A N   1 
ATOM   369  C  CA  . PHE A 1 63  ? 3.205   5.703   9.035   1.00 3.09  ? 63  PHE A CA  1 
ATOM   370  C  C   . PHE A 1 63  ? 2.884   6.105   10.454  1.00 3.29  ? 63  PHE A C   1 
ATOM   371  O  O   . PHE A 1 63  ? 3.735   5.906   11.340  1.00 4.59  ? 63  PHE A O   1 
ATOM   372  C  CB  . PHE A 1 63  ? 4.056   6.779   8.310   1.00 4.34  ? 63  PHE A CB  1 
ATOM   373  C  CG  . PHE A 1 63  ? 3.271   7.974   7.824   1.00 2.00  ? 63  PHE A CG  1 
ATOM   374  C  CD1 . PHE A 1 63  ? 2.924   8.970   8.685   1.00 2.66  ? 63  PHE A CD1 1 
ATOM   375  C  CD2 . PHE A 1 63  ? 2.880   8.075   6.515   1.00 5.41  ? 63  PHE A CD2 1 
ATOM   376  C  CE1 . PHE A 1 63  ? 2.225   10.082  8.239   1.00 2.63  ? 63  PHE A CE1 1 
ATOM   377  C  CE2 . PHE A 1 63  ? 2.184   9.206   6.073   1.00 7.35  ? 63  PHE A CE2 1 
ATOM   378  C  CZ  . PHE A 1 63  ? 1.863   10.196  6.967   1.00 2.95  ? 63  PHE A CZ  1 
ATOM   379  N  N   . ASN A 1 64  ? 1.696   6.630   10.730  1.00 2.31  ? 64  ASN A N   1 
ATOM   380  C  CA  . ASN A 1 64  ? 1.324   6.926   12.100  1.00 3.69  ? 64  ASN A CA  1 
ATOM   381  C  C   . ASN A 1 64  ? 0.465   5.810   12.797  1.00 3.47  ? 64  ASN A C   1 
ATOM   382  O  O   . ASN A 1 64  ? -0.004  6.002   13.941  1.00 4.65  ? 64  ASN A O   1 
ATOM   383  C  CB  . ASN A 1 64  ? 0.585   8.229   12.176  1.00 4.00  ? 64  ASN A CB  1 
ATOM   384  C  CG  . ASN A 1 64  ? 1.512   9.425   12.008  1.00 6.86  ? 64  ASN A CG  1 
ATOM   385  O  OD1 . ASN A 1 64  ? 2.730   9.301   12.220  1.00 4.38  ? 64  ASN A OD1 1 
ATOM   386  N  ND2 . ASN A 1 64  ? 0.945   10.582  11.654  1.00 9.49  ? 64  ASN A ND2 1 
ATOM   387  N  N   . ASN A 1 65  ? 0.279   4.680   12.115  1.00 3.72  ? 65  ASN A N   1 
ATOM   388  C  CA  . ASN A 1 65  ? -0.485  3.535   12.687  1.00 2.29  ? 65  ASN A CA  1 
ATOM   389  C  C   . ASN A 1 65  ? -0.043  2.243   12.012  1.00 2.00  ? 65  ASN A C   1 
ATOM   390  O  O   . ASN A 1 65  ? -0.564  1.858   10.979  1.00 3.37  ? 65  ASN A O   1 
ATOM   391  C  CB  . ASN A 1 65  ? -1.962  3.805   12.562  1.00 2.09  ? 65  ASN A CB  1 
ATOM   392  C  CG  . ASN A 1 65  ? -2.774  2.726   13.238  1.00 4.51  ? 65  ASN A CG  1 
ATOM   393  O  OD1 . ASN A 1 65  ? -2.567  2.454   14.404  1.00 5.26  ? 65  ASN A OD1 1 
ATOM   394  N  ND2 . ASN A 1 65  ? -3.684  2.047   12.480  1.00 3.91  ? 65  ASN A ND2 1 
ATOM   395  N  N   . LEU A 1 66  ? 0.995   1.631   12.561  1.00 3.01  ? 66  LEU A N   1 
ATOM   396  C  CA  . LEU A 1 66  ? 1.745   0.629   11.819  1.00 2.74  ? 66  LEU A CA  1 
ATOM   397  C  C   . LEU A 1 66  ? 1.100   -0.818  11.839  1.00 3.32  ? 66  LEU A C   1 
ATOM   398  O  O   . LEU A 1 66  ? 1.488   -1.623  11.025  1.00 5.57  ? 66  LEU A O   1 
ATOM   399  C  CB  . LEU A 1 66  ? 3.165   0.514   12.298  1.00 2.15  ? 66  LEU A CB  1 
ATOM   400  C  CG  . LEU A 1 66  ? 4.019   1.745   11.984  1.00 3.72  ? 66  LEU A CG  1 
ATOM   401  C  CD1 . LEU A 1 66  ? 5.354   1.584   12.814  1.00 7.77  ? 66  LEU A CD1 1 
ATOM   402  C  CD2 . LEU A 1 66  ? 4.229   2.019   10.515  1.00 2.00  ? 66  LEU A CD2 1 
ATOM   403  N  N   A LYS A 1 67  ? 0.160   -1.062  12.736  0.50 3.75  ? 67  LYS A N   1 
ATOM   404  N  N   B LYS A 1 67  ? 0.162   -1.080  12.741  0.50 4.13  ? 67  LYS A N   1 
ATOM   405  C  CA  A LYS A 1 67  ? -0.480  -2.390  12.846  0.50 4.35  ? 67  LYS A CA  1 
ATOM   406  C  CA  B LYS A 1 67  ? -0.455  -2.435  12.881  0.50 5.01  ? 67  LYS A CA  1 
ATOM   407  C  C   A LYS A 1 67  ? -2.000  -2.265  12.948  0.50 4.47  ? 67  LYS A C   1 
ATOM   408  C  C   B LYS A 1 67  ? -1.973  -2.353  13.068  0.50 4.80  ? 67  LYS A C   1 
ATOM   409  O  O   A LYS A 1 67  ? -2.541  -1.282  13.474  0.50 4.28  ? 67  LYS A O   1 
ATOM   410  O  O   B LYS A 1 67  ? -2.481  -1.507  13.829  0.50 4.77  ? 67  LYS A O   1 
ATOM   411  C  CB  A LYS A 1 67  ? 0.089   -3.118  14.064  0.50 4.98  ? 67  LYS A CB  1 
ATOM   412  C  CB  B LYS A 1 67  ? 0.168   -3.146  14.085  0.50 5.86  ? 67  LYS A CB  1 
ATOM   413  C  CG  A LYS A 1 67  ? 1.604   -3.039  14.141  0.50 6.91  ? 67  LYS A CG  1 
ATOM   414  C  CG  B LYS A 1 67  ? -0.109  -4.669  14.214  0.50 9.81  ? 67  LYS A CG  1 
ATOM   415  C  CD  A LYS A 1 67  ? 2.237   -3.985  15.168  0.50 10.67 ? 67  LYS A CD  1 
ATOM   416  C  CD  B LYS A 1 67  ? 0.749   -5.210  15.339  0.50 12.15 ? 67  LYS A CD  1 
ATOM   417  C  CE  A LYS A 1 67  ? 3.741   -3.711  15.306  0.50 11.69 ? 67  LYS A CE  1 
ATOM   418  C  CE  B LYS A 1 67  ? 1.915   -4.264  15.592  0.50 14.78 ? 67  LYS A CE  1 
ATOM   419  N  NZ  A LYS A 1 67  ? 4.469   -4.400  16.448  0.50 13.65 ? 67  LYS A NZ  1 
ATOM   420  N  NZ  B LYS A 1 67  ? 2.993   -4.838  16.456  0.50 15.08 ? 67  LYS A NZ  1 
ATOM   421  N  N   . SER A 1 68  ? -2.710  -3.235  12.399  1.00 2.59  ? 68  SER A N   1 
ATOM   422  C  CA  . SER A 1 68  ? -4.171  -3.295  12.586  1.00 3.51  ? 68  SER A CA  1 
ATOM   423  C  C   . SER A 1 68  ? -4.446  -3.790  13.985  1.00 2.43  ? 68  SER A C   1 
ATOM   424  O  O   . SER A 1 68  ? -3.665  -4.549  14.527  1.00 2.64  ? 68  SER A O   1 
ATOM   425  C  CB  . SER A 1 68  ? -4.871  -4.207  11.519  1.00 5.98  ? 68  SER A CB  1 
ATOM   426  O  OG  . SER A 1 68  ? -4.360  -5.505  11.633  1.00 6.68  ? 68  SER A OG  1 
ATOM   427  N  N   . PRO A 1 69  ? -5.600  -3.408  14.591  1.00 3.48  ? 69  PRO A N   1 
ATOM   428  C  CA  . PRO A 1 69  ? -5.920  -3.839  15.917  1.00 5.10  ? 69  PRO A CA  1 
ATOM   429  C  C   . PRO A 1 69  ? -6.013  -5.341  16.076  1.00 6.82  ? 69  PRO A C   1 
ATOM   430  O  O   . PRO A 1 69  ? -5.669  -5.862  17.117  1.00 6.45  ? 69  PRO A O   1 
ATOM   431  C  CB  . PRO A 1 69  ? -7.311  -3.252  16.120  1.00 5.97  ? 69  PRO A CB  1 
ATOM   432  C  CG  . PRO A 1 69  ? -7.234  -1.983  15.365  1.00 5.60  ? 69  PRO A CG  1 
ATOM   433  C  CD  . PRO A 1 69  ? -6.555  -2.391  14.129  1.00 5.50  ? 69  PRO A CD  1 
ATOM   434  N  N   . ASP A 1 70  ? -6.492  -5.987  15.014  1.00 7.61  ? 70  ASP A N   1 
ATOM   435  C  CA  . ASP A 1 70  ? -6.628  -7.446  14.975  1.00 9.59  ? 70  ASP A CA  1 
ATOM   436  C  C   . ASP A 1 70  ? -5.276  -8.156  14.831  1.00 10.64 ? 70  ASP A C   1 
ATOM   437  O  O   . ASP A 1 70  ? -5.176  -9.396  14.996  1.00 11.04 ? 70  ASP A O   1 
ATOM   438  C  CB  . ASP A 1 70  ? -7.556  -7.801  13.814  1.00 9.93  ? 70  ASP A CB  1 
ATOM   439  C  CG  . ASP A 1 70  ? -7.110  -7.149  12.516  1.00 13.78 ? 70  ASP A CG  1 
ATOM   440  O  OD1 . ASP A 1 70  ? -6.236  -7.717  11.867  1.00 16.29 ? 70  ASP A OD1 1 
ATOM   441  O  OD2 . ASP A 1 70  ? -7.617  -6.044  12.158  1.00 19.71 ? 70  ASP A OD2 1 
ATOM   442  N  N   . GLY A 1 71  ? -4.265  -7.413  14.443  1.00 8.97  ? 71  GLY A N   1 
ATOM   443  C  CA  . GLY A 1 71  ? -2.934  -7.959  14.280  1.00 10.20 ? 71  GLY A CA  1 
ATOM   444  C  C   . GLY A 1 71  ? -2.618  -8.614  12.913  1.00 9.26  ? 71  GLY A C   1 
ATOM   445  O  O   . GLY A 1 71  ? -1.473  -8.991  12.703  1.00 12.20 ? 71  GLY A O   1 
ATOM   446  N  N   . SER A 1 72  ? -3.541  -8.659  11.967  1.00 5.70  ? 72  SER A N   1 
ATOM   447  C  CA  . SER A 1 72  ? -3.272  -9.344  10.700  1.00 5.15  ? 72  SER A CA  1 
ATOM   448  C  C   . SER A 1 72  ? -2.432  -8.585  9.690   1.00 5.87  ? 72  SER A C   1 
ATOM   449  O  O   . SER A 1 72  ? -1.914  -9.189  8.790   1.00 4.71  ? 72  SER A O   1 
ATOM   450  C  CB  . SER A 1 72  ? -4.587  -9.736  10.037  1.00 7.46  ? 72  SER A CB  1 
ATOM   451  O  OG  . SER A 1 72  ? -5.360  -8.626  9.636   1.00 10.76 ? 72  SER A OG  1 
ATOM   452  N  N   . VAL A 1 73  ? -2.318  -7.253  9.866   1.00 3.07  ? 73  VAL A N   1 
ATOM   453  C  CA  . VAL A 1 73  ? -1.650  -6.379  8.854   1.00 4.01  ? 73  VAL A CA  1 
ATOM   454  C  C   . VAL A 1 73  ? -0.653  -5.591  9.626   1.00 3.58  ? 73  VAL A C   1 
ATOM   455  O  O   . VAL A 1 73  ? -1.008  -4.895  10.616  1.00 3.62  ? 73  VAL A O   1 
ATOM   456  C  CB  . VAL A 1 73  ? -2.647  -5.504  8.050   1.00 3.26  ? 73  VAL A CB  1 
ATOM   457  C  CG1 . VAL A 1 73  ? -1.895  -4.517  7.085   1.00 3.59  ? 73  VAL A CG1 1 
ATOM   458  C  CG2 . VAL A 1 73  ? -3.640  -6.383  7.249   1.00 5.38  ? 73  VAL A CG2 1 
ATOM   459  N  N   . GLU A 1 74  ? 0.601   -5.670  9.201   1.00 4.23  ? 74  GLU A N   1 
ATOM   460  C  CA  . GLU A 1 74  ? 1.658   -4.896  9.893   1.00 5.51  ? 74  GLU A CA  1 
ATOM   461  C  C   . GLU A 1 74  ? 2.568   -4.206  8.868   1.00 4.77  ? 74  GLU A C   1 
ATOM   462  O  O   . GLU A 1 74  ? 3.133   -4.831  7.980   1.00 3.25  ? 74  GLU A O   1 
ATOM   463  C  CB  . GLU A 1 74  ? 2.503   -5.829  10.774  1.00 8.17  ? 74  GLU A CB  1 
ATOM   464  C  CG  . GLU A 1 74  ? 3.503   -5.085  11.589  1.00 16.63 ? 74  GLU A CG  1 
ATOM   465  C  CD  . GLU A 1 74  ? 4.525   -5.943  12.294  1.00 24.83 ? 74  GLU A CD  1 
ATOM   466  O  OE1 . GLU A 1 74  ? 4.266   -7.153  12.499  1.00 29.29 ? 74  GLU A OE1 1 
ATOM   467  O  OE2 . GLU A 1 74  ? 5.610   -5.371  12.637  1.00 28.20 ? 74  GLU A OE2 1 
ATOM   468  N  N   . HIS A 1 75  ? 2.791   -2.918  9.059   1.00 4.37  ? 75  HIS A N   1 
ATOM   469  C  CA  . HIS A 1 75  ? 3.780   -2.168  8.258   1.00 3.24  ? 75  HIS A CA  1 
ATOM   470  C  C   . HIS A 1 75  ? 5.124   -2.199  8.938   1.00 4.48  ? 75  HIS A C   1 
ATOM   471  O  O   . HIS A 1 75  ? 5.180   -1.942  10.136  1.00 4.26  ? 75  HIS A O   1 
ATOM   472  C  CB  . HIS A 1 75  ? 3.302   -0.710  8.232   1.00 4.09  ? 75  HIS A CB  1 
ATOM   473  C  CG  . HIS A 1 75  ? 3.949   0.117   7.181   1.00 3.38  ? 75  HIS A CG  1 
ATOM   474  N  ND1 . HIS A 1 75  ? 5.306   0.387   7.174   1.00 5.32  ? 75  HIS A ND1 1 
ATOM   475  C  CD2 . HIS A 1 75  ? 3.411   0.839   6.163   1.00 9.83  ? 75  HIS A CD2 1 
ATOM   476  C  CE1 . HIS A 1 75  ? 5.576   1.159   6.139   1.00 8.71  ? 75  HIS A CE1 1 
ATOM   477  N  NE2 . HIS A 1 75  ? 4.452   1.487   5.533   1.00 9.31  ? 75  HIS A NE2 1 
ATOM   478  N  N   . THR A 1 76  ? 6.174   -2.509  8.206   1.00 4.04  ? 76  THR A N   1 
ATOM   479  C  CA  . THR A 1 76  ? 7.497   -2.682  8.792   1.00 7.77  ? 76  THR A CA  1 
ATOM   480  C  C   . THR A 1 76  ? 8.194   -1.397  9.193   1.00 5.95  ? 76  THR A C   1 
ATOM   481  O  O   . THR A 1 76  ? 9.183   -1.448  9.885   1.00 8.15  ? 76  THR A O   1 
ATOM   482  C  CB  . THR A 1 76  ? 8.470   -3.386  7.832   1.00 6.58  ? 76  THR A CB  1 
ATOM   483  O  OG1 . THR A 1 76  ? 8.617   -2.591  6.651   1.00 15.06 ? 76  THR A OG1 1 
ATOM   484  C  CG2 . THR A 1 76  ? 7.971   -4.676  7.487   1.00 13.68 ? 76  THR A CG2 1 
ATOM   485  N  N   . GLY A 1 77  ? 7.703   -0.265  8.751   1.00 5.98  ? 77  GLY A N   1 
ATOM   486  C  CA  . GLY A 1 77  ? 8.288   1.005   9.173   1.00 6.34  ? 77  GLY A CA  1 
ATOM   487  C  C   . GLY A 1 77  ? 8.450   1.958   8.023   1.00 6.35  ? 77  GLY A C   1 
ATOM   488  O  O   . GLY A 1 77  ? 8.639   1.555   6.921   1.00 7.04  ? 77  GLY A O   1 
ATOM   489  N  N   . ASP A 1 78  ? 8.426   3.239   8.340   1.00 5.60  ? 78  ASP A N   1 
ATOM   490  C  CA  . ASP A 1 78  ? 8.533   4.312   7.389   1.00 4.91  ? 78  ASP A CA  1 
ATOM   491  C  C   . ASP A 1 78  ? 9.995   4.604   6.934   1.00 5.01  ? 78  ASP A C   1 
ATOM   492  O  O   . ASP A 1 78  ? 10.826  4.888   7.738   1.00 6.69  ? 78  ASP A O   1 
ATOM   493  C  CB  . ASP A 1 78  ? 8.024   5.560   8.056   1.00 5.01  ? 78  ASP A CB  1 
ATOM   494  C  CG  . ASP A 1 78  ? 7.882   6.690   7.104   1.00 5.27  ? 78  ASP A CG  1 
ATOM   495  O  OD1 . ASP A 1 78  ? 8.181   6.525   5.921   1.00 3.57  ? 78  ASP A OD1 1 
ATOM   496  O  OD2 . ASP A 1 78  ? 7.427   7.740   7.592   1.00 7.81  ? 78  ASP A OD2 1 
ATOM   497  N  N   . ASN A 1 79  ? 10.254  4.531   5.659   1.00 3.18  ? 79  ASN A N   1 
ATOM   498  C  CA  . ASN A 1 79  ? 11.537  4.914   5.089   1.00 2.89  ? 79  ASN A CA  1 
ATOM   499  C  C   . ASN A 1 79  ? 11.283  6.233   4.433   1.00 3.12  ? 79  ASN A C   1 
ATOM   500  O  O   . ASN A 1 79  ? 10.389  6.335   3.632   1.00 2.00  ? 79  ASN A O   1 
ATOM   501  C  CB  . ASN A 1 79  ? 11.997  3.894   4.065   1.00 3.07  ? 79  ASN A CB  1 
ATOM   502  C  CG  . ASN A 1 79  ? 13.326  4.195   3.456   1.00 4.77  ? 79  ASN A CG  1 
ATOM   503  O  OD1 . ASN A 1 79  ? 13.572  5.296   3.021   1.00 2.38  ? 79  ASN A OD1 1 
ATOM   504  N  ND2 . ASN A 1 79  ? 14.171  3.183   3.368   1.00 4.22  ? 79  ASN A ND2 1 
ATOM   505  N  N   . ILE A 1 80  ? 12.085  7.249   4.782   1.00 2.08  ? 80  ILE A N   1 
ATOM   506  C  CA  . ILE A 1 80  ? 11.797  8.619   4.308   1.00 2.00  ? 80  ILE A CA  1 
ATOM   507  C  C   . ILE A 1 80  ? 12.737  9.124   3.205   1.00 2.51  ? 80  ILE A C   1 
ATOM   508  O  O   . ILE A 1 80  ? 12.702  10.326  2.832   1.00 3.26  ? 80  ILE A O   1 
ATOM   509  C  CB  . ILE A 1 80  ? 11.702  9.583   5.505   1.00 3.58  ? 80  ILE A CB  1 
ATOM   510  C  CG1 . ILE A 1 80  ? 13.093  9.746   6.158   1.00 4.37  ? 80  ILE A CG1 1 
ATOM   511  C  CG2 . ILE A 1 80  ? 10.640  9.123   6.511   1.00 2.00  ? 80  ILE A CG2 1 
ATOM   512  C  CD1 . ILE A 1 80  ? 13.174  10.877  7.231   1.00 8.29  ? 80  ILE A CD1 1 
ATOM   513  N  N   . THR A 1 81  ? 13.613  8.252   2.701   1.00 2.00  ? 81  THR A N   1 
ATOM   514  C  CA  . THR A 1 81  ? 14.531  8.630   1.633   1.00 2.01  ? 81  THR A CA  1 
ATOM   515  C  C   . THR A 1 81  ? 14.638  7.689   0.458   1.00 2.00  ? 81  THR A C   1 
ATOM   516  O  O   . THR A 1 81  ? 15.009  8.092   -0.625  1.00 2.64  ? 81  THR A O   1 
ATOM   517  C  CB  . THR A 1 81  ? 15.947  8.762   2.178   1.00 2.00  ? 81  THR A CB  1 
ATOM   518  O  OG1 . THR A 1 81  ? 16.386  7.489   2.659   1.00 2.96  ? 81  THR A OG1 1 
ATOM   519  C  CG2 . THR A 1 81  ? 15.990  9.770   3.349   1.00 4.98  ? 81  THR A CG2 1 
ATOM   520  N  N   . GLY A 1 82  ? 14.304  6.421   0.659   1.00 2.00  ? 82  GLY A N   1 
ATOM   521  C  CA  . GLY A 1 82  ? 14.582  5.410   -0.353  1.00 2.00  ? 82  GLY A CA  1 
ATOM   522  C  C   . GLY A 1 82  ? 15.895  4.694   -0.178  1.00 3.44  ? 82  GLY A C   1 
ATOM   523  O  O   . GLY A 1 82  ? 16.218  3.760   -0.910  1.00 2.00  ? 82  GLY A O   1 
ATOM   524  N  N   . GLU A 1 83  ? 16.661  5.064   0.837   1.00 5.18  ? 83  GLU A N   1 
ATOM   525  C  CA  . GLU A 1 83  ? 17.951  4.395   1.080   1.00 7.49  ? 83  GLU A CA  1 
ATOM   526  C  C   . GLU A 1 83  ? 17.746  2.907   1.311   1.00 8.76  ? 83  GLU A C   1 
ATOM   527  O  O   . GLU A 1 83  ? 16.873  2.527   2.096   1.00 8.00  ? 83  GLU A O   1 
ATOM   528  C  CB  . GLU A 1 83  ? 18.635  4.969   2.302   1.00 8.91  ? 83  GLU A CB  1 
ATOM   529  C  CG  . GLU A 1 83  ? 20.094  4.550   2.429   1.00 14.33 ? 83  GLU A CG  1 
ATOM   530  C  CD  . GLU A 1 83  ? 20.755  5.263   3.604   1.00 22.76 ? 83  GLU A CD  1 
ATOM   531  O  OE1 . GLU A 1 83  ? 19.997  5.814   4.460   1.00 26.23 ? 83  GLU A OE1 1 
ATOM   532  O  OE2 . GLU A 1 83  ? 22.013  5.259   3.681   1.00 28.61 ? 83  GLU A OE2 1 
ATOM   533  N  N   . GLY A 1 84  ? 18.530  2.086   0.601   1.00 9.22  ? 84  GLY A N   1 
ATOM   534  C  CA  . GLY A 1 84  ? 18.474  0.631   0.787   1.00 8.58  ? 84  GLY A CA  1 
ATOM   535  C  C   . GLY A 1 84  ? 17.935  -0.047  -0.475  1.00 9.86  ? 84  GLY A C   1 
ATOM   536  O  O   . GLY A 1 84  ? 17.104  0.497   -1.195  1.00 10.25 ? 84  GLY A O   1 
ATOM   537  N  N   . GLU A 1 85  ? 18.408  -1.251  -0.743  1.00 10.65 ? 85  GLU A N   1 
ATOM   538  C  CA  . GLU A 1 85  ? 18.026  -1.955  -1.959  1.00 11.71 ? 85  GLU A CA  1 
ATOM   539  C  C   . GLU A 1 85  ? 16.771  -2.757  -1.705  1.00 9.93  ? 85  GLU A C   1 
ATOM   540  O  O   . GLU A 1 85  ? 16.437  -3.087  -0.550  1.00 9.39  ? 85  GLU A O   1 
ATOM   541  C  CB  . GLU A 1 85  ? 19.140  -2.896  -2.445  1.00 13.54 ? 85  GLU A CB  1 
ATOM   542  C  CG  . GLU A 1 85  ? 20.275  -2.207  -3.174  1.00 18.14 ? 85  GLU A CG  1 
ATOM   543  C  CD  . GLU A 1 85  ? 19.866  -0.856  -3.847  1.00 26.74 ? 85  GLU A CD  1 
ATOM   544  O  OE1 . GLU A 1 85  ? 19.206  -0.885  -4.925  1.00 32.58 ? 85  GLU A OE1 1 
ATOM   545  O  OE2 . GLU A 1 85  ? 20.199  0.234   -3.297  1.00 29.03 ? 85  GLU A OE2 1 
ATOM   546  N  N   . GLY A 1 86  ? 16.072  -3.076  -2.789  1.00 8.65  ? 86  GLY A N   1 
ATOM   547  C  CA  . GLY A 1 86  ? 14.886  -3.910  -2.708  1.00 7.59  ? 86  GLY A CA  1 
ATOM   548  C  C   . GLY A 1 86  ? 13.684  -3.131  -2.172  1.00 6.93  ? 86  GLY A C   1 
ATOM   549  O  O   . GLY A 1 86  ? 13.505  -1.962  -2.480  1.00 5.07  ? 86  GLY A O   1 
ATOM   550  N  N   . ASP A 1 87  ? 12.849  -3.797  -1.380  1.00 6.31  ? 87  ASP A N   1 
ATOM   551  C  CA  . ASP A 1 87  ? 11.685  -3.178  -0.815  1.00 7.46  ? 87  ASP A CA  1 
ATOM   552  C  C   . ASP A 1 87  ? 12.196  -2.283  0.356   1.00 7.21  ? 87  ASP A C   1 
ATOM   553  O  O   . ASP A 1 87  ? 12.857  -2.784  1.265   1.00 9.16  ? 87  ASP A O   1 
ATOM   554  C  CB  . ASP A 1 87  ? 10.743  -4.229  -0.218  1.00 7.30  ? 87  ASP A CB  1 
ATOM   555  C  CG  . ASP A 1 87  ? 10.106  -5.167  -1.265  1.00 12.38 ? 87  ASP A CG  1 
ATOM   556  O  OD1 . ASP A 1 87  ? 10.159  -4.912  -2.499  1.00 16.21 ? 87  ASP A OD1 1 
ATOM   557  O  OD2 . ASP A 1 87  ? 9.518   -6.215  -0.831  1.00 18.11 ? 87  ASP A OD2 1 
ATOM   558  N  N   . ASP A 1 88  ? 11.884  -0.992  0.310   1.00 5.35  ? 88  ASP A N   1 
ATOM   559  C  CA  . ASP A 1 88  ? 12.170  -0.040  1.381   1.00 5.18  ? 88  ASP A CA  1 
ATOM   560  C  C   . ASP A 1 88  ? 11.113  -0.021  2.461   1.00 4.63  ? 88  ASP A C   1 
ATOM   561  O  O   . ASP A 1 88  ? 11.429  0.241   3.592   1.00 5.38  ? 88  ASP A O   1 
ATOM   562  C  CB  . ASP A 1 88  ? 12.315  1.366   0.783   1.00 3.22  ? 88  ASP A CB  1 
ATOM   563  C  CG  . ASP A 1 88  ? 13.461  1.444   -0.209  1.00 5.14  ? 88  ASP A CG  1 
ATOM   564  O  OD1 . ASP A 1 88  ? 14.453  0.734   0.065   1.00 8.02  ? 88  ASP A OD1 1 
ATOM   565  O  OD2 . ASP A 1 88  ? 13.341  2.166   -1.236  1.00 2.08  ? 88  ASP A OD2 1 
ATOM   566  N  N   . GLU A 1 89  ? 9.845   -0.250  2.095   1.00 4.32  ? 89  GLU A N   1 
ATOM   567  C  CA  . GLU A 1 89  ? 8.753   -0.440  3.051   1.00 3.54  ? 89  GLU A CA  1 
ATOM   568  C  C   . GLU A 1 89  ? 7.990   -1.707  2.672   1.00 2.95  ? 89  GLU A C   1 
ATOM   569  O  O   . GLU A 1 89  ? 7.831   -2.022  1.504   1.00 4.42  ? 89  GLU A O   1 
ATOM   570  C  CB  . GLU A 1 89  ? 7.757   0.735   3.023   1.00 4.82  ? 89  GLU A CB  1 
ATOM   571  C  CG  . GLU A 1 89  ? 8.387   2.065   3.368   1.00 3.82  ? 89  GLU A CG  1 
ATOM   572  C  CD  . GLU A 1 89  ? 7.393   3.203   3.600   1.00 6.76  ? 89  GLU A CD  1 
ATOM   573  O  OE1 . GLU A 1 89  ? 6.166   3.056   3.546   1.00 4.32  ? 89  GLU A OE1 1 
ATOM   574  O  OE2 . GLU A 1 89  ? 7.923   4.326   3.881   1.00 2.00  ? 89  GLU A OE2 1 
ATOM   575  N  N   . GLN A 1 90  ? 7.559   -2.436  3.671   1.00 2.46  ? 90  GLN A N   1 
ATOM   576  C  CA  . GLN A 1 90  ? 6.754   -3.663  3.446   1.00 4.03  ? 90  GLN A CA  1 
ATOM   577  C  C   . GLN A 1 90  ? 5.557   -3.642  4.345   1.00 4.25  ? 90  GLN A C   1 
ATOM   578  O  O   . GLN A 1 90  ? 5.601   -3.107  5.456   1.00 4.73  ? 90  GLN A O   1 
ATOM   579  C  CB  . GLN A 1 90  ? 7.584   -4.907  3.701   1.00 4.69  ? 90  GLN A CB  1 
ATOM   580  C  CG  . GLN A 1 90  ? 8.656   -5.148  2.692   1.00 6.48  ? 90  GLN A CG  1 
ATOM   581  C  CD  . GLN A 1 90  ? 9.406   -6.463  2.943   1.00 11.02 ? 90  GLN A CD  1 
ATOM   582  O  OE1 . GLN A 1 90  ? 9.603   -6.863  4.085   1.00 14.35 ? 90  GLN A OE1 1 
ATOM   583  N  NE2 . GLN A 1 90  ? 9.837   -7.119  1.880   1.00 12.22 ? 90  GLN A NE2 1 
ATOM   584  N  N   . ILE A 1 91  ? 4.450   -4.201  3.844   1.00 2.62  ? 91  ILE A N   1 
ATOM   585  C  CA  . ILE A 1 91  ? 3.313   -4.440  4.670   1.00 3.09  ? 91  ILE A CA  1 
ATOM   586  C  C   . ILE A 1 91  ? 3.057   -5.979  4.626   1.00 3.72  ? 91  ILE A C   1 
ATOM   587  O  O   . ILE A 1 91  ? 2.958   -6.551  3.558   1.00 3.43  ? 91  ILE A O   1 
ATOM   588  C  CB  . ILE A 1 91  ? 2.110   -3.675  4.133   1.00 3.31  ? 91  ILE A CB  1 
ATOM   589  C  CG1 . ILE A 1 91  ? 2.370   -2.138  4.170   1.00 5.40  ? 91  ILE A CG1 1 
ATOM   590  C  CG2 . ILE A 1 91  ? 0.793   -4.061  4.862   1.00 4.05  ? 91  ILE A CG2 1 
ATOM   591  C  CD1 . ILE A 1 91  ? 1.176   -1.450  3.562   1.00 6.34  ? 91  ILE A CD1 1 
ATOM   592  N  N   . LYS A 1 92  ? 3.066   -6.612  5.788   1.00 3.42  ? 92  LYS A N   1 
ATOM   593  C  CA  . LYS A 1 92  ? 2.922   -8.031  5.904   1.00 4.27  ? 92  LYS A CA  1 
ATOM   594  C  C   . LYS A 1 92  ? 1.465   -8.300  6.282   1.00 3.95  ? 92  LYS A C   1 
ATOM   595  O  O   . LYS A 1 92  ? 0.935   -7.651  7.168   1.00 3.63  ? 92  LYS A O   1 
ATOM   596  C  CB  . LYS A 1 92  ? 3.872   -8.567  6.951   1.00 5.60  ? 92  LYS A CB  1 
ATOM   597  C  CG  . LYS A 1 92  ? 5.330   -8.231  6.692   1.00 11.14 ? 92  LYS A CG  1 
ATOM   598  C  CD  . LYS A 1 92  ? 6.266   -9.209  7.329   1.00 16.03 ? 92  LYS A CD  1 
ATOM   599  C  CE  . LYS A 1 92  ? 7.688   -8.937  6.801   1.00 21.35 ? 92  LYS A CE  1 
ATOM   600  N  NZ  . LYS A 1 92  ? 8.730   -9.995  7.110   1.00 26.05 ? 92  LYS A NZ  1 
ATOM   601  N  N   . ILE A 1 93  ? 0.831   -9.222  5.575   1.00 2.00  ? 93  ILE A N   1 
ATOM   602  C  CA  . ILE A 1 93  ? -0.574  -9.539  5.774   1.00 2.21  ? 93  ILE A CA  1 
ATOM   603  C  C   . ILE A 1 93  ? -0.724  -11.070 5.989   1.00 4.27  ? 93  ILE A C   1 
ATOM   604  O  O   . ILE A 1 93  ? -0.285  -11.853 5.152   1.00 2.00  ? 93  ILE A O   1 
ATOM   605  C  CB  . ILE A 1 93  ? -1.451  -9.119  4.585   1.00 3.38  ? 93  ILE A CB  1 
ATOM   606  C  CG1 . ILE A 1 93  ? -1.325  -7.604  4.233   1.00 6.67  ? 93  ILE A CG1 1 
ATOM   607  C  CG2 . ILE A 1 93  ? -2.944  -9.518  4.958   1.00 6.35  ? 93  ILE A CG2 1 
ATOM   608  C  CD1 . ILE A 1 93  ? -0.467  -7.339  2.981   1.00 8.36  ? 93  ILE A CD1 1 
ATOM   609  N  N   . ASN A 1 94  ? -1.270  -11.456 7.128   1.00 3.85  ? 94  ASN A N   1 
ATOM   610  C  CA  . ASN A 1 94  ? -1.578  -12.847 7.409   1.00 4.22  ? 94  ASN A CA  1 
ATOM   611  C  C   . ASN A 1 94  ? -3.081  -12.991 7.131   1.00 4.74  ? 94  ASN A C   1 
ATOM   612  O  O   . ASN A 1 94  ? -3.907  -12.617 7.944   1.00 3.97  ? 94  ASN A O   1 
ATOM   613  C  CB  . ASN A 1 94  ? -1.242  -13.213 8.850   1.00 4.32  ? 94  ASN A CB  1 
ATOM   614  C  CG  . ASN A 1 94  ? -1.533  -14.688 9.153   1.00 8.80  ? 94  ASN A CG  1 
ATOM   615  O  OD1 . ASN A 1 94  ? -2.128  -15.358 8.351   1.00 14.10 ? 94  ASN A OD1 1 
ATOM   616  N  ND2 . ASN A 1 94  ? -1.176  -15.153 10.337  1.00 15.25 ? 94  ASN A ND2 1 
ATOM   617  N  N   . LEU A 1 95  ? -3.425  -13.480 5.947   1.00 3.97  ? 95  LEU A N   1 
ATOM   618  C  CA  . LEU A 1 95  ? -4.855  -13.544 5.606   1.00 4.52  ? 95  LEU A CA  1 
ATOM   619  C  C   . LEU A 1 95  ? -5.681  -14.477 6.523   1.00 5.25  ? 95  LEU A C   1 
ATOM   620  O  O   . LEU A 1 95  ? -6.855  -14.218 6.751   1.00 6.27  ? 95  LEU A O   1 
ATOM   621  C  CB  . LEU A 1 95  ? -5.032  -13.845 4.113   1.00 3.75  ? 95  LEU A CB  1 
ATOM   622  C  CG  . LEU A 1 95  ? -4.591  -12.777 3.134   1.00 8.58  ? 95  LEU A CG  1 
ATOM   623  C  CD1 . LEU A 1 95  ? -4.546  -13.264 1.717   1.00 10.26 ? 95  LEU A CD1 1 
ATOM   624  C  CD2 . LEU A 1 95  ? -5.434  -11.447 3.298   1.00 9.36  ? 95  LEU A CD2 1 
ATOM   625  N  N   . ALA A 1 96  ? -5.029  -15.478 7.099   1.00 4.46  ? 96  ALA A N   1 
ATOM   626  C  CA  . ALA A 1 96  ? -5.678  -16.467 7.947   1.00 7.36  ? 96  ALA A CA  1 
ATOM   627  C  C   . ALA A 1 96  ? -6.272  -15.847 9.161   1.00 7.02  ? 96  ALA A C   1 
ATOM   628  O  O   . ALA A 1 96  ? -7.301  -16.313 9.656   1.00 6.94  ? 96  ALA A O   1 
ATOM   629  C  CB  . ALA A 1 96  ? -4.688  -17.605 8.348   1.00 6.63  ? 96  ALA A CB  1 
ATOM   630  N  N   . THR A 1 97  ? -5.667  -14.749 9.642   1.00 5.71  ? 97  THR A N   1 
ATOM   631  C  CA  . THR A 1 97  ? -6.162  -14.184 10.847  1.00 6.10  ? 97  THR A CA  1 
ATOM   632  C  C   . THR A 1 97  ? -6.935  -12.870 10.651  1.00 5.77  ? 97  THR A C   1 
ATOM   633  O  O   . THR A 1 97  ? -7.283  -12.235 11.616  1.00 7.66  ? 97  THR A O   1 
ATOM   634  C  CB  . THR A 1 97  ? -5.019  -13.932 11.823  1.00 7.66  ? 97  THR A CB  1 
ATOM   635  O  OG1 . THR A 1 97  ? -4.111  -13.008 11.231  1.00 5.59  ? 97  THR A OG1 1 
ATOM   636  C  CG2 . THR A 1 97  ? -4.369  -15.250 12.204  1.00 8.61  ? 97  THR A CG2 1 
ATOM   637  N  N   . VAL A 1 98  ? -7.216  -12.478 9.415   1.00 3.72  ? 98  VAL A N   1 
ATOM   638  C  CA  . VAL A 1 98  ? -8.077  -11.335 9.159   1.00 2.93  ? 98  VAL A CA  1 
ATOM   639  C  C   . VAL A 1 98  ? -9.466  -11.598 9.681   1.00 4.43  ? 98  VAL A C   1 
ATOM   640  O  O   . VAL A 1 98  ? -10.053 -12.597 9.368   1.00 2.81  ? 98  VAL A O   1 
ATOM   641  C  CB  . VAL A 1 98  ? -8.086  -10.952 7.662   1.00 3.78  ? 98  VAL A CB  1 
ATOM   642  C  CG1 . VAL A 1 98  ? -9.090  -9.781  7.389   1.00 2.00  ? 98  VAL A CG1 1 
ATOM   643  C  CG2 . VAL A 1 98  ? -6.650  -10.492 7.165   1.00 2.96  ? 98  VAL A CG2 1 
ATOM   644  N  N   . PRO A 1 99  ? -10.035 -10.688 10.464  1.00 5.46  ? 99  PRO A N   1 
ATOM   645  C  CA  . PRO A 1 99  ? -11.373 -10.904 10.936  1.00 6.31  ? 99  PRO A CA  1 
ATOM   646  C  C   . PRO A 1 99  ? -12.435 -11.055 9.779   1.00 5.57  ? 99  PRO A C   1 
ATOM   647  O  O   . PRO A 1 99  ? -12.329 -10.465 8.672   1.00 3.10  ? 99  PRO A O   1 
ATOM   648  C  CB  . PRO A 1 99  ? -11.655 -9.639  11.737  1.00 6.02  ? 99  PRO A CB  1 
ATOM   649  C  CG  . PRO A 1 99  ? -10.361 -9.155  12.166  1.00 8.60  ? 99  PRO A CG  1 
ATOM   650  C  CD  . PRO A 1 99  ? -9.385  -9.514  11.099  1.00 5.30  ? 99  PRO A CD  1 
ATOM   651  N  N   . ALA A 1 100 ? -13.445 -11.824 10.105  1.00 5.04  ? 100 ALA A N   1 
ATOM   652  C  CA  . ALA A 1 100 ? -14.588 -12.059 9.234   1.00 5.72  ? 100 ALA A CA  1 
ATOM   653  C  C   . ALA A 1 100 ? -15.245 -10.791 8.684   1.00 5.56  ? 100 ALA A C   1 
ATOM   654  O  O   . ALA A 1 100 ? -15.658 -10.789 7.524   1.00 5.74  ? 100 ALA A O   1 
ATOM   655  C  CB  . ALA A 1 100 ? -15.633 -12.879 9.973   1.00 6.09  ? 100 ALA A CB  1 
ATOM   656  N  N   . ASP A 1 101 ? -15.285 -9.711  9.472   1.00 4.69  ? 101 ASP A N   1 
ATOM   657  C  CA  . ASP A 1 101 ? -15.959 -8.453  9.084   1.00 5.56  ? 101 ASP A CA  1 
ATOM   658  C  C   . ASP A 1 101 ? -15.149 -7.739  8.012   1.00 4.75  ? 101 ASP A C   1 
ATOM   659  O  O   . ASP A 1 101 ? -15.697 -6.845  7.351   1.00 4.43  ? 101 ASP A O   1 
ATOM   660  C  CB  . ASP A 1 101 ? -16.091 -7.478  10.292  1.00 6.40  ? 101 ASP A CB  1 
ATOM   661  C  CG  . ASP A 1 101 ? -16.770 -6.101  9.937   1.00 15.24 ? 101 ASP A CG  1 
ATOM   662  O  OD1 . ASP A 1 101 ? -18.022 -6.047  9.638   1.00 19.15 ? 101 ASP A OD1 1 
ATOM   663  O  OD2 . ASP A 1 101 ? -16.033 -5.034  9.957   1.00 17.31 ? 101 ASP A OD2 1 
ATOM   664  N  N   . ILE A 1 102 ? -13.870 -8.080  7.844   1.00 2.15  ? 102 ILE A N   1 
ATOM   665  C  CA  . ILE A 1 102 ? -13.049 -7.458  6.826   1.00 3.68  ? 102 ILE A CA  1 
ATOM   666  C  C   . ILE A 1 102 ? -13.138 -8.235  5.520   1.00 3.98  ? 102 ILE A C   1 
ATOM   667  O  O   . ILE A 1 102 ? -12.904 -9.475  5.509   1.00 6.11  ? 102 ILE A O   1 
ATOM   668  C  CB  . ILE A 1 102 ? -11.570 -7.451  7.196   1.00 3.19  ? 102 ILE A CB  1 
ATOM   669  C  CG1 . ILE A 1 102 ? -11.302 -6.715  8.490   1.00 6.98  ? 102 ILE A CG1 1 
ATOM   670  C  CG2 . ILE A 1 102 ? -10.684 -6.784  6.057   1.00 4.68  ? 102 ILE A CG2 1 
ATOM   671  C  CD1 . ILE A 1 102 ? -11.945 -5.402  8.562   1.00 7.88  ? 102 ILE A CD1 1 
ATOM   672  N  N   A GLU A 1 103 ? -13.523 -7.546  4.472   0.00 18.20 ? 103 GLU A N   1 
ATOM   673  N  N   B GLU A 1 103 ? -13.551 -7.555  4.454   1.00 2.65  ? 103 GLU A N   1 
ATOM   674  C  CA  A GLU A 1 103 ? -13.771 -8.195  3.205   0.00 18.97 ? 103 GLU A CA  1 
ATOM   675  C  CA  B GLU A 1 103 ? -13.791 -8.179  3.143   1.00 3.70  ? 103 GLU A CA  1 
ATOM   676  C  C   A GLU A 1 103 ? -12.770 -7.849  2.105   0.00 18.46 ? 103 GLU A C   1 
ATOM   677  C  C   B GLU A 1 103 ? -12.786 -7.850  2.095   1.00 3.73  ? 103 GLU A C   1 
ATOM   678  O  O   A GLU A 1 103 ? -12.611 -8.557  1.190   0.00 17.78 ? 103 GLU A O   1 
ATOM   679  O  O   B GLU A 1 103 ? -12.667 -8.567  1.133   1.00 2.64  ? 103 GLU A O   1 
ATOM   680  C  CB  A GLU A 1 103 ? -15.178 -7.869  2.772   0.00 20.40 ? 103 GLU A CB  1 
ATOM   681  C  CB  B GLU A 1 103 ? -15.153 -7.731  2.627   1.00 6.42  ? 103 GLU A CB  1 
ATOM   682  C  CG  A GLU A 1 103 ? -15.382 -7.948  1.338   0.00 23.08 ? 103 GLU A CG  1 
ATOM   683  C  CG  B GLU A 1 103 ? -16.237 -8.157  3.487   1.00 13.33 ? 103 GLU A CG  1 
ATOM   684  C  CD  A GLU A 1 103 ? -16.807 -7.702  0.924   0.00 28.72 ? 103 GLU A CD  1 
ATOM   685  C  CD  B GLU A 1 103 ? -16.973 -9.397  2.972   1.00 19.40 ? 103 GLU A CD  1 
ATOM   686  O  OE1 A GLU A 1 103 ? -17.035 -6.942  -0.044  0.00 30.99 ? 103 GLU A OE1 1 
ATOM   687  O  OE1 B GLU A 1 103 ? -16.660 -9.898  1.858   1.00 25.03 ? 103 GLU A OE1 1 
ATOM   688  O  OE2 A GLU A 1 103 ? -17.692 -8.287  1.600   0.00 31.52 ? 103 GLU A OE2 1 
ATOM   689  O  OE2 B GLU A 1 103 ? -17.873 -9.855  3.714   1.00 27.57 ? 103 GLU A OE2 1 
ATOM   690  N  N   . LYS A 1 104 ? -12.134 -6.674  2.230   1.00 2.00  ? 104 LYS A N   1 
ATOM   691  C  CA  . LYS A 1 104 ? -11.126 -6.200  1.251   1.00 3.30  ? 104 LYS A CA  1 
ATOM   692  C  C   . LYS A 1 104 ? -10.053 -5.473  1.958   1.00 3.16  ? 104 LYS A C   1 
ATOM   693  O  O   . LYS A 1 104 ? -10.279 -4.896  3.047   1.00 2.01  ? 104 LYS A O   1 
ATOM   694  C  CB  . LYS A 1 104 ? -11.733 -5.236  0.244   1.00 5.46  ? 104 LYS A CB  1 
ATOM   695  C  CG  . LYS A 1 104 ? -12.803 -5.772  -0.674  1.00 13.67 ? 104 LYS A CG  1 
ATOM   696  C  CD  . LYS A 1 104 ? -12.892 -4.681  -1.784  1.00 19.69 ? 104 LYS A CD  1 
ATOM   697  C  CE  . LYS A 1 104 ? -13.910 -4.848  -2.871  1.00 25.13 ? 104 LYS A CE  1 
ATOM   698  N  NZ  . LYS A 1 104 ? -13.626 -3.617  -3.771  1.00 27.69 ? 104 LYS A NZ  1 
ATOM   699  N  N   . ILE A 1 105 ? -8.845  -5.520  1.418   1.00 3.38  ? 105 ILE A N   1 
ATOM   700  C  CA  . ILE A 1 105 ? -7.751  -4.749  1.980   1.00 4.29  ? 105 ILE A CA  1 
ATOM   701  C  C   . ILE A 1 105 ? -7.171  -4.004  0.761   1.00 4.46  ? 105 ILE A C   1 
ATOM   702  O  O   . ILE A 1 105 ? -6.722  -4.638  -0.165  1.00 5.32  ? 105 ILE A O   1 
ATOM   703  C  CB  . ILE A 1 105 ? -6.683  -5.623  2.615   1.00 3.12  ? 105 ILE A CB  1 
ATOM   704  C  CG1 . ILE A 1 105 ? -7.297  -6.579  3.649   1.00 6.60  ? 105 ILE A CG1 1 
ATOM   705  C  CG2 . ILE A 1 105 ? -5.493  -4.753  3.175   1.00 8.09  ? 105 ILE A CG2 1 
ATOM   706  C  CD1 . ILE A 1 105 ? -6.276  -7.467  4.360   1.00 4.83  ? 105 ILE A CD1 1 
ATOM   707  N  N   . VAL A 1 106 ? -7.216  -2.678  0.742   1.00 4.40  ? 106 VAL A N   1 
ATOM   708  C  CA  . VAL A 1 106 ? -6.770  -1.884  -0.393  1.00 3.96  ? 106 VAL A CA  1 
ATOM   709  C  C   . VAL A 1 106 ? -5.394  -1.267  -0.060  1.00 5.66  ? 106 VAL A C   1 
ATOM   710  O  O   . VAL A 1 106 ? -5.123  -0.964  1.079   1.00 4.97  ? 106 VAL A O   1 
ATOM   711  C  CB  . VAL A 1 106 ? -7.823  -0.732  -0.637  1.00 6.01  ? 106 VAL A CB  1 
ATOM   712  C  CG1 . VAL A 1 106 ? -7.403  0.241   -1.698  1.00 10.08 ? 106 VAL A CG1 1 
ATOM   713  C  CG2 . VAL A 1 106 ? -9.192  -1.348  -1.001  1.00 8.42  ? 106 VAL A CG2 1 
ATOM   714  N  N   . PHE A 1 107 ? -4.548  -1.105  -1.078  1.00 3.49  ? 107 PHE A N   1 
ATOM   715  C  CA  . PHE A 1 107 ? -3.136  -0.689  -0.870  1.00 3.42  ? 107 PHE A CA  1 
ATOM   716  C  C   . PHE A 1 107 ? -2.815  0.621   -1.598  1.00 5.09  ? 107 PHE A C   1 
ATOM   717  O  O   . PHE A 1 107 ? -2.429  0.601   -2.797  1.00 6.94  ? 107 PHE A O   1 
ATOM   718  C  CB  . PHE A 1 107 ? -2.220  -1.791  -1.324  1.00 4.26  ? 107 PHE A CB  1 
ATOM   719  C  CG  . PHE A 1 107 ? -2.339  -3.030  -0.493  1.00 3.18  ? 107 PHE A CG  1 
ATOM   720  C  CD1 . PHE A 1 107 ? -1.856  -3.069  0.765   1.00 3.57  ? 107 PHE A CD1 1 
ATOM   721  C  CD2 . PHE A 1 107 ? -3.114  -4.098  -0.927  1.00 9.02  ? 107 PHE A CD2 1 
ATOM   722  C  CE1 . PHE A 1 107 ? -1.983  -4.205  1.583   1.00 7.85  ? 107 PHE A CE1 1 
ATOM   723  C  CE2 . PHE A 1 107 ? -3.237  -5.239  -0.118  1.00 8.55  ? 107 PHE A CE2 1 
ATOM   724  C  CZ  . PHE A 1 107 ? -2.704  -5.269  1.135   1.00 8.48  ? 107 PHE A CZ  1 
ATOM   725  N  N   . PRO A 1 108 ? -2.962  1.748   -0.875  1.00 4.68  ? 108 PRO A N   1 
ATOM   726  C  CA  . PRO A 1 108 ? -2.476  3.031   -1.459  1.00 5.56  ? 108 PRO A CA  1 
ATOM   727  C  C   . PRO A 1 108 ? -0.953  3.141   -1.454  1.00 5.78  ? 108 PRO A C   1 
ATOM   728  O  O   . PRO A 1 108 ? -0.285  2.560   -0.583  1.00 6.46  ? 108 PRO A O   1 
ATOM   729  C  CB  . PRO A 1 108 ? -3.058  4.078   -0.541  1.00 4.88  ? 108 PRO A CB  1 
ATOM   730  C  CG  . PRO A 1 108 ? -4.177  3.408   0.256   1.00 7.16  ? 108 PRO A CG  1 
ATOM   731  C  CD  . PRO A 1 108 ? -3.782  1.974   0.335   1.00 5.05  ? 108 PRO A CD  1 
ATOM   732  N  N   . VAL A 1 109 ? -0.455  3.971   -2.374  1.00 5.62  ? 109 VAL A N   1 
ATOM   733  C  CA  . VAL A 1 109 ? 0.945   4.378   -2.395  1.00 4.87  ? 109 VAL A CA  1 
ATOM   734  C  C   . VAL A 1 109 ? 0.934   5.861   -2.659  1.00 4.45  ? 109 VAL A C   1 
ATOM   735  O  O   . VAL A 1 109 ? 0.170   6.331   -3.506  1.00 5.12  ? 109 VAL A O   1 
ATOM   736  C  CB  . VAL A 1 109 ? 1.777   3.543   -3.417  1.00 5.27  ? 109 VAL A CB  1 
ATOM   737  C  CG1 . VAL A 1 109 ? 1.146   3.475   -4.783  1.00 8.31  ? 109 VAL A CG1 1 
ATOM   738  C  CG2 . VAL A 1 109 ? 3.225   3.979   -3.508  1.00 8.08  ? 109 VAL A CG2 1 
ATOM   739  N  N   . SER A 1 110 ? 1.764   6.592   -1.935  1.00 4.80  ? 110 SER A N   1 
ATOM   740  C  CA  . SER A 1 110 ? 1.753   8.041   -2.041  1.00 2.87  ? 110 SER A CA  1 
ATOM   741  C  C   . SER A 1 110 ? 3.132   8.605   -1.840  1.00 4.12  ? 110 SER A C   1 
ATOM   742  O  O   . SER A 1 110 ? 4.045   7.900   -1.342  1.00 4.20  ? 110 SER A O   1 
ATOM   743  C  CB  . SER A 1 110 ? 0.789   8.575   -1.021  1.00 4.06  ? 110 SER A CB  1 
ATOM   744  O  OG  . SER A 1 110 ? 1.086   8.084   0.300   1.00 6.05  ? 110 SER A OG  1 
ATOM   745  N  N   . ILE A 1 111 ? 3.291   9.855   -2.278  1.00 3.90  ? 111 ILE A N   1 
ATOM   746  C  CA  . ILE A 1 111 ? 4.469   10.623  -1.958  1.00 3.78  ? 111 ILE A CA  1 
ATOM   747  C  C   . ILE A 1 111 ? 4.067   11.572  -0.839  1.00 4.77  ? 111 ILE A C   1 
ATOM   748  O  O   . ILE A 1 111 ? 3.135   12.402  -1.007  1.00 6.14  ? 111 ILE A O   1 
ATOM   749  C  CB  . ILE A 1 111 ? 4.952   11.466  -3.192  1.00 3.61  ? 111 ILE A CB  1 
ATOM   750  C  CG1 . ILE A 1 111 ? 5.327   10.524  -4.344  1.00 2.67  ? 111 ILE A CG1 1 
ATOM   751  C  CG2 . ILE A 1 111 ? 6.174   12.409  -2.806  1.00 3.47  ? 111 ILE A CG2 1 
ATOM   752  C  CD1 . ILE A 1 111 ? 5.581   11.226  -5.674  1.00 5.14  ? 111 ILE A CD1 1 
ATOM   753  N  N   . TYR A 1 112 ? 4.799   11.523  0.270   1.00 3.79  ? 112 TYR A N   1 
ATOM   754  C  CA  . TYR A 1 112 ? 4.540   12.394  1.372   1.00 3.54  ? 112 TYR A CA  1 
ATOM   755  C  C   . TYR A 1 112 ? 4.802   13.869  0.980   1.00 3.79  ? 112 TYR A C   1 
ATOM   756  O  O   . TYR A 1 112 ? 5.817   14.191  0.374   1.00 3.30  ? 112 TYR A O   1 
ATOM   757  C  CB  . TYR A 1 112 ? 5.391   11.999  2.579   1.00 3.07  ? 112 TYR A CB  1 
ATOM   758  C  CG  . TYR A 1 112 ? 5.113   12.833  3.792   1.00 3.13  ? 112 TYR A CG  1 
ATOM   759  C  CD1 . TYR A 1 112 ? 3.835   12.808  4.449   1.00 4.39  ? 112 TYR A CD1 1 
ATOM   760  C  CD2 . TYR A 1 112 ? 6.087   13.698  4.301   1.00 2.76  ? 112 TYR A CD2 1 
ATOM   761  C  CE1 . TYR A 1 112 ? 3.591   13.610  5.554   1.00 7.31  ? 112 TYR A CE1 1 
ATOM   762  C  CE2 . TYR A 1 112 ? 5.823   14.475  5.418   1.00 5.48  ? 112 TYR A CE2 1 
ATOM   763  C  CZ  . TYR A 1 112 ? 4.577   14.429  6.025   1.00 5.98  ? 112 TYR A CZ  1 
ATOM   764  O  OH  . TYR A 1 112 ? 4.378   15.241  7.112   1.00 8.18  ? 112 TYR A OH  1 
ATOM   765  N  N   . ASP A 1 113 ? 3.842   14.730  1.341   1.00 4.28  ? 113 ASP A N   1 
ATOM   766  C  CA  . ASP A 1 113 ? 3.930   16.167  1.212   1.00 5.68  ? 113 ASP A CA  1 
ATOM   767  C  C   . ASP A 1 113 ? 4.294   16.566  -0.224  1.00 5.91  ? 113 ASP A C   1 
ATOM   768  O  O   . ASP A 1 113 ? 5.063   17.494  -0.441  1.00 6.41  ? 113 ASP A O   1 
ATOM   769  C  CB  . ASP A 1 113 ? 4.953   16.655  2.251   1.00 5.71  ? 113 ASP A CB  1 
ATOM   770  C  CG  . ASP A 1 113 ? 4.959   18.191  2.456   1.00 9.60  ? 113 ASP A CG  1 
ATOM   771  O  OD1 . ASP A 1 113 ? 3.861   18.831  2.528   1.00 10.43 ? 113 ASP A OD1 1 
ATOM   772  O  OD2 . ASP A 1 113 ? 6.064   18.717  2.647   1.00 14.40 ? 113 ASP A OD2 1 
ATOM   773  N  N   . ALA A 1 114 ? 3.720   15.846  -1.199  1.00 7.57  ? 114 ALA A N   1 
ATOM   774  C  CA  . ALA A 1 114 ? 4.112   15.981  -2.603  1.00 7.02  ? 114 ALA A CA  1 
ATOM   775  C  C   . ALA A 1 114 ? 3.793   17.341  -3.188  1.00 7.93  ? 114 ALA A C   1 
ATOM   776  O  O   . ALA A 1 114 ? 4.526   17.806  -4.018  1.00 7.50  ? 114 ALA A O   1 
ATOM   777  C  CB  . ALA A 1 114 ? 3.443   14.932  -3.473  1.00 8.16  ? 114 ALA A CB  1 
ATOM   778  N  N   . GLU A 1 115 ? 2.685   17.954  -2.795  1.00 8.59  ? 115 GLU A N   1 
ATOM   779  C  CA  . GLU A 1 115 ? 2.332   19.264  -3.336  1.00 10.06 ? 115 GLU A CA  1 
ATOM   780  C  C   . GLU A 1 115 ? 3.375   20.311  -2.941  1.00 9.34  ? 115 GLU A C   1 
ATOM   781  O  O   . GLU A 1 115 ? 3.969   20.947  -3.818  1.00 9.85  ? 115 GLU A O   1 
ATOM   782  C  CB  . GLU A 1 115 ? 0.944   19.664  -2.902  1.00 10.86 ? 115 GLU A CB  1 
ATOM   783  C  CG  . GLU A 1 115 ? 0.422   20.886  -3.673  1.00 17.16 ? 115 GLU A CG  1 
ATOM   784  C  CD  . GLU A 1 115 ? -0.682  21.609  -2.949  1.00 23.25 ? 115 GLU A CD  1 
ATOM   785  O  OE1 . GLU A 1 115 ? -1.283  21.005  -2.018  1.00 28.04 ? 115 GLU A OE1 1 
ATOM   786  O  OE2 . GLU A 1 115 ? -0.952  22.783  -3.317  1.00 28.55 ? 115 GLU A OE2 1 
ATOM   787  N  N   A ASN A 1 116 ? 3.598   20.447  -1.635  0.50 8.71  ? 116 ASN A N   1 
ATOM   788  N  N   B ASN A 1 116 ? 3.616   20.486  -1.641  0.50 8.71  ? 116 ASN A N   1 
ATOM   789  C  CA  A ASN A 1 116 ? 4.596   21.353  -1.077  0.50 8.01  ? 116 ASN A CA  1 
ATOM   790  C  CA  B ASN A 1 116 ? 4.633   21.431  -1.165  0.50 8.13  ? 116 ASN A CA  1 
ATOM   791  C  C   A ASN A 1 116 ? 6.000   21.103  -1.639  0.50 7.17  ? 116 ASN A C   1 
ATOM   792  C  C   B ASN A 1 116 ? 6.016   21.118  -1.727  0.50 7.19  ? 116 ASN A C   1 
ATOM   793  O  O   A ASN A 1 116 ? 6.736   22.031  -1.885  0.50 7.55  ? 116 ASN A O   1 
ATOM   794  O  O   B ASN A 1 116 ? 6.754   22.015  -2.078  0.50 7.52  ? 116 ASN A O   1 
ATOM   795  C  CB  A ASN A 1 116 ? 4.625   21.204  0.444   0.50 8.05  ? 116 ASN A CB  1 
ATOM   796  C  CB  B ASN A 1 116 ? 4.707   21.433  0.358   0.50 8.09  ? 116 ASN A CB  1 
ATOM   797  C  CG  A ASN A 1 116 ? 5.662   22.090  1.093   0.50 8.68  ? 116 ASN A CG  1 
ATOM   798  C  CG  B ASN A 1 116 ? 3.426   21.902  1.003   0.50 9.40  ? 116 ASN A CG  1 
ATOM   799  O  OD1 A ASN A 1 116 ? 5.745   23.274  0.782   0.50 10.67 ? 116 ASN A OD1 1 
ATOM   800  O  OD1 B ASN A 1 116 ? 2.668   22.688  0.420   0.50 8.60  ? 116 ASN A OD1 1 
ATOM   801  N  ND2 A ASN A 1 116 ? 6.471   21.522  1.994   0.50 8.94  ? 116 ASN A ND2 1 
ATOM   802  N  ND2 B ASN A 1 116 ? 3.179   21.430  2.220   0.50 7.95  ? 116 ASN A ND2 1 
ATOM   803  N  N   . ARG A 1 117 ? 6.349   19.831  -1.849  1.00 5.73  ? 117 ARG A N   1 
ATOM   804  C  CA  . ARG A 1 117 ? 7.655   19.450  -2.369  1.00 4.96  ? 117 ARG A CA  1 
ATOM   805  C  C   . ARG A 1 117 ? 7.749   19.464  -3.887  1.00 4.68  ? 117 ARG A C   1 
ATOM   806  O  O   . ARG A 1 117 ? 8.829   19.314  -4.424  1.00 4.50  ? 117 ARG A O   1 
ATOM   807  C  CB  . ARG A 1 117 ? 8.057   18.069  -1.834  1.00 3.81  ? 117 ARG A CB  1 
ATOM   808  C  CG  . ARG A 1 117 ? 8.181   18.027  -0.351  1.00 2.88  ? 117 ARG A CG  1 
ATOM   809  C  CD  . ARG A 1 117 ? 8.493   16.636  0.172   1.00 3.75  ? 117 ARG A CD  1 
ATOM   810  N  NE  . ARG A 1 117 ? 8.577   16.638  1.623   1.00 3.19  ? 117 ARG A NE  1 
ATOM   811  C  CZ  . ARG A 1 117 ? 9.086   15.682  2.392   1.00 3.48  ? 117 ARG A CZ  1 
ATOM   812  N  NH1 . ARG A 1 117 ? 9.593   14.582  1.898   1.00 6.18  ? 117 ARG A NH1 1 
ATOM   813  N  NH2 . ARG A 1 117 ? 9.119   15.870  3.701   1.00 6.58  ? 117 ARG A NH2 1 
ATOM   814  N  N   . GLN A 1 118 ? 6.621   19.640  -4.559  1.00 5.96  ? 118 GLN A N   1 
ATOM   815  C  CA  . GLN A 1 118 ? 6.513   19.619  -6.013  1.00 6.76  ? 118 GLN A CA  1 
ATOM   816  C  C   . GLN A 1 118 ? 7.109   18.330  -6.560  1.00 6.06  ? 118 GLN A C   1 
ATOM   817  O  O   . GLN A 1 118 ? 7.976   18.366  -7.431  1.00 5.17  ? 118 GLN A O   1 
ATOM   818  C  CB  . GLN A 1 118 ? 7.127   20.866  -6.654  1.00 8.62  ? 118 GLN A CB  1 
ATOM   819  C  CG  . GLN A 1 118 ? 6.330   22.095  -6.267  1.00 11.04 ? 118 GLN A CG  1 
ATOM   820  C  CD  . GLN A 1 118 ? 6.777   23.348  -6.981  1.00 17.56 ? 118 GLN A CD  1 
ATOM   821  O  OE1 . GLN A 1 118 ? 7.974   23.575  -7.209  1.00 20.19 ? 118 GLN A OE1 1 
ATOM   822  N  NE2 . GLN A 1 118 ? 5.811   24.193  -7.322  1.00 22.58 ? 118 GLN A NE2 1 
ATOM   823  N  N   . GLN A 1 119 ? 6.661   17.194  -6.007  1.00 6.61  ? 119 GLN A N   1 
ATOM   824  C  CA  . GLN A 1 119 ? 7.194   15.886  -6.390  1.00 6.40  ? 119 GLN A CA  1 
ATOM   825  C  C   . GLN A 1 119 ? 6.120   15.016  -7.057  1.00 6.58  ? 119 GLN A C   1 
ATOM   826  O  O   . GLN A 1 119 ? 4.922   15.166  -6.812  1.00 7.55  ? 119 GLN A O   1 
ATOM   827  C  CB  . GLN A 1 119 ? 7.732   15.139  -5.171  1.00 5.73  ? 119 GLN A CB  1 
ATOM   828  C  CG  . GLN A 1 119 ? 8.982   15.808  -4.603  1.00 5.81  ? 119 GLN A CG  1 
ATOM   829  C  CD  . GLN A 1 119 ? 9.525   15.101  -3.398  1.00 3.79  ? 119 GLN A CD  1 
ATOM   830  O  OE1 . GLN A 1 119 ? 8.921   14.126  -2.913  1.00 6.27  ? 119 GLN A OE1 1 
ATOM   831  N  NE2 . GLN A 1 119 ? 10.643  15.610  -2.861  1.00 3.69  ? 119 GLN A NE2 1 
ATOM   832  N  N   . SER A 1 120 ? 6.561   14.133  -7.922  1.00 6.13  ? 120 SER A N   1 
ATOM   833  C  CA  . SER A 1 120 ? 5.647   13.161  -8.511  1.00 5.62  ? 120 SER A CA  1 
ATOM   834  C  C   . SER A 1 120 ? 6.425   11.907  -8.797  1.00 5.41  ? 120 SER A C   1 
ATOM   835  O  O   . SER A 1 120 ? 7.641   11.927  -8.819  1.00 5.12  ? 120 SER A O   1 
ATOM   836  C  CB  . SER A 1 120 ? 5.037   13.701  -9.790  1.00 6.48  ? 120 SER A CB  1 
ATOM   837  O  OG  . SER A 1 120 ? 6.079   13.943  -10.747 1.00 8.16  ? 120 SER A OG  1 
ATOM   838  N  N   . PHE A 1 121 ? 5.728   10.795  -9.049  1.00 4.57  ? 121 PHE A N   1 
ATOM   839  C  CA  . PHE A 1 121 ? 6.428   9.548   -9.175  1.00 4.59  ? 121 PHE A CA  1 
ATOM   840  C  C   . PHE A 1 121 ? 7.443   9.545   -10.307 1.00 4.73  ? 121 PHE A C   1 
ATOM   841  O  O   . PHE A 1 121 ? 8.451   8.828   -10.232 1.00 5.71  ? 121 PHE A O   1 
ATOM   842  C  CB  . PHE A 1 121 ? 5.465   8.388   -9.341  1.00 4.50  ? 121 PHE A CB  1 
ATOM   843  C  CG  . PHE A 1 121 ? 4.689   8.054   -8.114  1.00 3.77  ? 121 PHE A CG  1 
ATOM   844  C  CD1 . PHE A 1 121 ? 5.315   7.554   -6.973  1.00 4.60  ? 121 PHE A CD1 1 
ATOM   845  C  CD2 . PHE A 1 121 ? 3.285   8.070   -8.134  1.00 7.60  ? 121 PHE A CD2 1 
ATOM   846  C  CE1 . PHE A 1 121 ? 4.554   7.161   -5.837  1.00 7.06  ? 121 PHE A CE1 1 
ATOM   847  C  CE2 . PHE A 1 121 ? 2.544   7.700   -6.990  1.00 8.41  ? 121 PHE A CE2 1 
ATOM   848  C  CZ  . PHE A 1 121 ? 3.189   7.268   -5.846  1.00 8.83  ? 121 PHE A CZ  1 
ATOM   849  N  N   . GLY A 1 122 ? 7.178   10.328  -11.350 1.00 4.76  ? 122 GLY A N   1 
ATOM   850  C  CA  . GLY A 1 122 ? 8.007   10.352  -12.523 1.00 6.33  ? 122 GLY A CA  1 
ATOM   851  C  C   . GLY A 1 122 ? 9.391   10.920  -12.286 1.00 6.91  ? 122 GLY A C   1 
ATOM   852  O  O   . GLY A 1 122 ? 10.291  10.642  -13.070 1.00 8.12  ? 122 GLY A O   1 
ATOM   853  N  N   . GLN A 1 123 ? 9.550   11.722  -11.223 1.00 6.15  ? 123 GLN A N   1 
ATOM   854  C  CA  . GLN A 1 123 ? 10.841  12.285  -10.819 1.00 6.68  ? 123 GLN A CA  1 
ATOM   855  C  C   . GLN A 1 123 ? 11.710  11.289  -10.055 1.00 5.40  ? 123 GLN A C   1 
ATOM   856  O  O   . GLN A 1 123 ? 12.927  11.445  -9.929  1.00 4.71  ? 123 GLN A O   1 
ATOM   857  C  CB  . GLN A 1 123 ? 10.592  13.498  -9.910  1.00 8.27  ? 123 GLN A CB  1 
ATOM   858  C  CG  . GLN A 1 123 ? 9.802   14.665  -10.516 1.00 12.06 ? 123 GLN A CG  1 
ATOM   859  C  CD  . GLN A 1 123 ? 9.409   15.692  -9.439  1.00 17.85 ? 123 GLN A CD  1 
ATOM   860  O  OE1 . GLN A 1 123 ? 9.883   15.620  -8.304  1.00 19.40 ? 123 GLN A OE1 1 
ATOM   861  N  NE2 . GLN A 1 123 ? 8.542   16.642  -9.795  1.00 21.12 ? 123 GLN A NE2 1 
ATOM   862  N  N   . VAL A 1 124 ? 11.061  10.247  -9.517  1.00 4.93  ? 124 VAL A N   1 
ATOM   863  C  CA  . VAL A 1 124 ? 11.720  9.282   -8.660  1.00 3.88  ? 124 VAL A CA  1 
ATOM   864  C  C   . VAL A 1 124 ? 12.246  8.174   -9.545  1.00 4.92  ? 124 VAL A C   1 
ATOM   865  O  O   . VAL A 1 124 ? 11.529  7.721   -10.428 1.00 6.77  ? 124 VAL A O   1 
ATOM   866  C  CB  . VAL A 1 124 ? 10.730  8.725   -7.648  1.00 3.65  ? 124 VAL A CB  1 
ATOM   867  C  CG1 . VAL A 1 124 ? 11.464  7.776   -6.705  1.00 3.78  ? 124 VAL A CG1 1 
ATOM   868  C  CG2 . VAL A 1 124 ? 10.030  9.879   -6.906  1.00 2.42  ? 124 VAL A CG2 1 
ATOM   869  N  N   . ARG A 1 125 ? 13.488  7.744   -9.308  1.00 4.32  ? 125 ARG A N   1 
ATOM   870  C  CA  . ARG A 1 125 ? 14.081  6.636   -10.039 1.00 4.93  ? 125 ARG A CA  1 
ATOM   871  C  C   . ARG A 1 125 ? 13.757  5.260   -9.438  1.00 4.42  ? 125 ARG A C   1 
ATOM   872  O  O   . ARG A 1 125 ? 13.831  5.051   -8.225  1.00 3.95  ? 125 ARG A O   1 
ATOM   873  C  CB  . ARG A 1 125 ? 15.620  6.804   -10.103 1.00 6.01  ? 125 ARG A CB  1 
ATOM   874  C  CG  . ARG A 1 125 ? 16.110  8.069   -10.786 1.00 11.81 ? 125 ARG A CG  1 
ATOM   875  C  CD  . ARG A 1 125 ? 16.464  7.921   -12.261 1.00 19.59 ? 125 ARG A CD  1 
ATOM   876  N  NE  . ARG A 1 125 ? 17.026  6.596   -12.583 1.00 27.08 ? 125 ARG A NE  1 
ATOM   877  C  CZ  . ARG A 1 125 ? 18.319  6.274   -12.703 1.00 29.66 ? 125 ARG A CZ  1 
ATOM   878  N  NH1 . ARG A 1 125 ? 19.277  7.186   -12.561 1.00 30.76 ? 125 ARG A NH1 1 
ATOM   879  N  NH2 . ARG A 1 125 ? 18.655  5.006   -12.983 1.00 29.78 ? 125 ARG A NH2 1 
ATOM   880  N  N   . ASN A 1 126 ? 13.401  4.327   -10.312 1.00 4.75  ? 126 ASN A N   1 
ATOM   881  C  CA  . ASN A 1 126 ? 13.210  2.902   -9.970  1.00 5.42  ? 126 ASN A CA  1 
ATOM   882  C  C   . ASN A 1 126 ? 12.185  2.712   -8.881  1.00 4.88  ? 126 ASN A C   1 
ATOM   883  O  O   . ASN A 1 126 ? 12.383  1.901   -7.952  1.00 5.09  ? 126 ASN A O   1 
ATOM   884  C  CB  . ASN A 1 126 ? 14.553  2.276   -9.572  1.00 5.90  ? 126 ASN A CB  1 
ATOM   885  C  CG  . ASN A 1 126 ? 15.508  2.167   -10.734 1.00 9.39  ? 126 ASN A CG  1 
ATOM   886  O  OD1 . ASN A 1 126 ? 15.147  1.635   -11.772 1.00 11.08 ? 126 ASN A OD1 1 
ATOM   887  N  ND2 . ASN A 1 126 ? 16.739  2.613   -10.555 1.00 10.95 ? 126 ASN A ND2 1 
ATOM   888  N  N   . ALA A 1 127 ? 11.088  3.455   -8.985  1.00 4.21  ? 127 ALA A N   1 
ATOM   889  C  CA  . ALA A 1 127 ? 10.007  3.370   -7.989  1.00 3.93  ? 127 ALA A CA  1 
ATOM   890  C  C   . ALA A 1 127 ? 9.048   2.265   -8.397  1.00 3.38  ? 127 ALA A C   1 
ATOM   891  O  O   . ALA A 1 127 ? 8.572   2.277   -9.519  1.00 3.80  ? 127 ALA A O   1 
ATOM   892  C  CB  . ALA A 1 127 ? 9.257   4.700   -7.866  1.00 4.16  ? 127 ALA A CB  1 
ATOM   893  N  N   . PHE A 1 128 ? 8.786   1.310   -7.507  1.00 2.42  ? 128 PHE A N   1 
ATOM   894  C  CA  . PHE A 1 128 ? 7.916   0.161   -7.850  1.00 3.46  ? 128 PHE A CA  1 
ATOM   895  C  C   . PHE A 1 128 ? 7.181   -0.221  -6.608  1.00 3.40  ? 128 PHE A C   1 
ATOM   896  O  O   . PHE A 1 128 ? 7.610   0.073   -5.474  1.00 3.00  ? 128 PHE A O   1 
ATOM   897  C  CB  . PHE A 1 128 ? 8.765   -1.031  -8.343  1.00 2.87  ? 128 PHE A CB  1 
ATOM   898  C  CG  . PHE A 1 128 ? 9.568   -1.650  -7.249  1.00 4.07  ? 128 PHE A CG  1 
ATOM   899  C  CD1 . PHE A 1 128 ? 9.011   -2.640  -6.433  1.00 8.12  ? 128 PHE A CD1 1 
ATOM   900  C  CD2 . PHE A 1 128 ? 10.871  -1.190  -6.964  1.00 5.88  ? 128 PHE A CD2 1 
ATOM   901  C  CE1 . PHE A 1 128 ? 9.730   -3.159  -5.354  1.00 10.11 ? 128 PHE A CE1 1 
ATOM   902  C  CE2 . PHE A 1 128 ? 11.607  -1.747  -5.912  1.00 5.62  ? 128 PHE A CE2 1 
ATOM   903  C  CZ  . PHE A 1 128 ? 11.056  -2.735  -5.126  1.00 9.11  ? 128 PHE A CZ  1 
ATOM   904  N  N   . ILE A 1 129 ? 6.014   -0.821  -6.816  1.00 3.86  ? 129 ILE A N   1 
ATOM   905  C  CA  . ILE A 1 129 ? 5.300   -1.486  -5.743  1.00 4.32  ? 129 ILE A CA  1 
ATOM   906  C  C   . ILE A 1 129 ? 4.923   -2.869  -6.243  1.00 3.31  ? 129 ILE A C   1 
ATOM   907  O  O   . ILE A 1 129 ? 4.617   -3.040  -7.427  1.00 4.44  ? 129 ILE A O   1 
ATOM   908  C  CB  . ILE A 1 129 ? 4.114   -0.609  -5.204  1.00 3.68  ? 129 ILE A CB  1 
ATOM   909  C  CG1 . ILE A 1 129 ? 3.493   -1.279  -3.960  1.00 6.53  ? 129 ILE A CG1 1 
ATOM   910  C  CG2 . ILE A 1 129 ? 3.063   -0.355  -6.263  1.00 7.27  ? 129 ILE A CG2 1 
ATOM   911  C  CD1 . ILE A 1 129 ? 2.517   -0.399  -3.157  1.00 7.74  ? 129 ILE A CD1 1 
ATOM   912  N  N   . ARG A 1 130 ? 5.015   -3.879  -5.376  1.00 3.50  ? 130 ARG A N   1 
ATOM   913  C  CA  . ARG A 1 130 ? 4.699   -5.248  -5.760  1.00 4.67  ? 130 ARG A CA  1 
ATOM   914  C  C   . ARG A 1 130 ? 4.034   -5.992  -4.633  1.00 4.98  ? 130 ARG A C   1 
ATOM   915  O  O   . ARG A 1 130 ? 3.996   -5.530  -3.477  1.00 4.22  ? 130 ARG A O   1 
ATOM   916  C  CB  . ARG A 1 130 ? 5.968   -5.962  -6.143  1.00 5.04  ? 130 ARG A CB  1 
ATOM   917  C  CG  . ARG A 1 130 ? 6.958   -6.055  -4.989  1.00 6.51  ? 130 ARG A CG  1 
ATOM   918  C  CD  . ARG A 1 130 ? 8.244   -6.743  -5.388  1.00 12.23 ? 130 ARG A CD  1 
ATOM   919  N  NE  . ARG A 1 130 ? 8.940   -7.055  -4.146  1.00 14.29 ? 130 ARG A NE  1 
ATOM   920  C  CZ  . ARG A 1 130 ? 9.611   -8.160  -3.893  1.00 15.61 ? 130 ARG A CZ  1 
ATOM   921  N  NH1 . ARG A 1 130 ? 9.739   -9.108  -4.804  1.00 16.96 ? 130 ARG A NH1 1 
ATOM   922  N  NH2 . ARG A 1 130 ? 10.190  -8.307  -2.713  1.00 17.90 ? 130 ARG A NH2 1 
ATOM   923  N  N   . VAL A 1 131 ? 3.409   -7.116  -4.977  1.00 5.40  ? 131 VAL A N   1 
ATOM   924  C  CA  . VAL A 1 131 ? 2.798   -7.978  -3.981  1.00 6.16  ? 131 VAL A CA  1 
ATOM   925  C  C   . VAL A 1 131 ? 3.320   -9.384  -4.250  1.00 4.97  ? 131 VAL A C   1 
ATOM   926  O  O   . VAL A 1 131 ? 3.421   -9.797  -5.389  1.00 5.11  ? 131 VAL A O   1 
ATOM   927  C  CB  . VAL A 1 131 ? 1.232   -7.875  -3.972  1.00 7.74  ? 131 VAL A CB  1 
ATOM   928  C  CG1 . VAL A 1 131 ? 0.611   -8.201  -5.312  1.00 10.62 ? 131 VAL A CG1 1 
ATOM   929  C  CG2 . VAL A 1 131 ? 0.691   -8.761  -2.899  1.00 10.02 ? 131 VAL A CG2 1 
ATOM   930  N  N   . VAL A 1 132 ? 3.787   -10.028 -3.186  1.00 5.61  ? 132 VAL A N   1 
ATOM   931  C  CA  . VAL A 1 132 ? 4.479   -11.285 -3.218  1.00 6.98  ? 132 VAL A CA  1 
ATOM   932  C  C   . VAL A 1 132 ? 3.711   -12.277 -2.366  1.00 7.37  ? 132 VAL A C   1 
ATOM   933  O  O   . VAL A 1 132 ? 3.295   -11.997 -1.228  1.00 4.91  ? 132 VAL A O   1 
ATOM   934  C  CB  . VAL A 1 132 ? 5.927   -11.164 -2.689  1.00 8.04  ? 132 VAL A CB  1 
ATOM   935  C  CG1 . VAL A 1 132 ? 6.635   -12.445 -2.741  1.00 11.07 ? 132 VAL A CG1 1 
ATOM   936  C  CG2 . VAL A 1 132 ? 6.706   -10.105 -3.544  1.00 9.51  ? 132 VAL A CG2 1 
ATOM   937  N  N   . ASN A 1 133 ? 3.533   -13.460 -2.947  1.00 9.05  ? 133 ASN A N   1 
ATOM   938  C  CA  . ASN A 1 133 ? 2.872   -14.541 -2.267  1.00 12.23 ? 133 ASN A CA  1 
ATOM   939  C  C   . ASN A 1 133 ? 3.948   -15.207 -1.453  1.00 15.53 ? 133 ASN A C   1 
ATOM   940  O  O   . ASN A 1 133 ? 4.811   -15.873 -2.033  1.00 15.58 ? 133 ASN A O   1 
ATOM   941  C  CB  . ASN A 1 133 ? 2.325   -15.546 -3.281  1.00 11.94 ? 133 ASN A CB  1 
ATOM   942  C  CG  . ASN A 1 133 ? 1.660   -16.690 -2.612  1.00 13.18 ? 133 ASN A CG  1 
ATOM   943  O  OD1 . ASN A 1 133 ? 1.709   -16.782 -1.388  1.00 14.44 ? 133 ASN A OD1 1 
ATOM   944  N  ND2 . ASN A 1 133 ? 1.050   -17.595 -3.395  1.00 10.68 ? 133 ASN A ND2 1 
ATOM   945  N  N   . GLN A 1 134 ? 3.911   -15.036 -0.149  1.00 18.87 ? 134 GLN A N   1 
ATOM   946  C  CA  . GLN A 1 134 ? 4.925   -15.602 0.723   1.00 22.75 ? 134 GLN A CA  1 
ATOM   947  C  C   . GLN A 1 134 ? 5.014   -17.128 0.693   1.00 25.09 ? 134 GLN A C   1 
ATOM   948  O  O   . GLN A 1 134 ? 6.080   -17.687 0.948   1.00 27.19 ? 134 GLN A O   1 
ATOM   949  C  CB  . GLN A 1 134 ? 4.714   -15.143 2.146   1.00 24.11 ? 134 GLN A CB  1 
ATOM   950  C  CG  . GLN A 1 134 ? 5.690   -14.117 2.657   1.00 27.06 ? 134 GLN A CG  1 
ATOM   951  C  CD  . GLN A 1 134 ? 5.679   -14.066 4.188   1.00 34.03 ? 134 GLN A CD  1 
ATOM   952  O  OE1 . GLN A 1 134 ? 5.464   -13.013 4.797   1.00 38.18 ? 134 GLN A OE1 1 
ATOM   953  N  NE2 . GLN A 1 134 ? 5.890   -15.226 4.818   1.00 36.29 ? 134 GLN A NE2 1 
ATOM   954  N  N   . ALA A 1 135 ? 3.916   -17.814 0.384   1.00 26.51 ? 135 ALA A N   1 
ATOM   955  C  CA  . ALA A 1 135 ? 3.988   -19.266 0.163   1.00 27.65 ? 135 ALA A CA  1 
ATOM   956  C  C   . ALA A 1 135 ? 4.700   -19.382 -1.179  1.00 29.17 ? 135 ALA A C   1 
ATOM   957  O  O   . ALA A 1 135 ? 4.100   -19.333 -2.248  1.00 29.44 ? 135 ALA A O   1 
ATOM   958  C  CB  . ALA A 1 135 ? 2.624   -19.875 0.120   1.00 27.06 ? 135 ALA A CB  1 
ATOM   959  N  N   . GLY A 1 136 ? 6.020   -19.466 -1.096  1.00 30.70 ? 136 GLY A N   1 
ATOM   960  C  CA  . GLY A 1 136 ? 6.883   -19.546 -2.258  1.00 30.99 ? 136 GLY A CA  1 
ATOM   961  C  C   . GLY A 1 136 ? 7.507   -18.355 -2.945  1.00 31.47 ? 136 GLY A C   1 
ATOM   962  O  O   . GLY A 1 136 ? 8.170   -18.488 -3.969  1.00 32.96 ? 136 GLY A O   1 
ATOM   963  N  N   . GLU A 1 137 ? 7.318   -17.192 -2.366  1.00 30.79 ? 137 GLU A N   1 
ATOM   964  C  CA  . GLU A 1 137 ? 7.924   -15.954 -2.864  1.00 29.52 ? 137 GLU A CA  1 
ATOM   965  C  C   . GLU A 1 137 ? 7.629   -15.467 -4.263  1.00 26.77 ? 137 GLU A C   1 
ATOM   966  O  O   . GLU A 1 137 ? 8.257   -14.517 -4.738  1.00 27.41 ? 137 GLU A O   1 
ATOM   967  C  CB  . GLU A 1 137 ? 9.431   -15.959 -2.584  1.00 30.54 ? 137 GLU A CB  1 
ATOM   968  C  CG  . GLU A 1 137 ? 9.940   -14.654 -1.978  1.00 32.89 ? 137 GLU A CG  1 
ATOM   969  C  CD  . GLU A 1 137 ? 11.245  -14.810 -1.187  1.00 37.60 ? 137 GLU A CD  1 
ATOM   970  O  OE1 . GLU A 1 137 ? 11.835  -15.915 -1.166  1.00 39.45 ? 137 GLU A OE1 1 
ATOM   971  O  OE2 . GLU A 1 137 ? 11.686  -13.810 -0.574  1.00 41.23 ? 137 GLU A OE2 1 
ATOM   972  N  N   . ALA A 1 138 ? 6.661   -16.114 -4.897  1.00 22.45 ? 138 ALA A N   1 
ATOM   973  C  CA  . ALA A 1 138 ? 6.213   -15.720 -6.200  1.00 19.35 ? 138 ALA A CA  1 
ATOM   974  C  C   . ALA A 1 138 ? 5.585   -14.320 -6.178  1.00 17.08 ? 138 ALA A C   1 
ATOM   975  O  O   . ALA A 1 138 ? 4.756   -13.994 -5.329  1.00 13.59 ? 138 ALA A O   1 
ATOM   976  C  CB  . ALA A 1 138 ? 5.238   -16.712 -6.722  1.00 19.50 ? 138 ALA A CB  1 
ATOM   977  N  N   . GLU A 1 139 ? 5.989   -13.514 -7.141  1.00 14.34 ? 139 GLU A N   1 
ATOM   978  C  CA  . GLU A 1 139 ? 5.420   -12.203 -7.310  1.00 13.90 ? 139 GLU A CA  1 
ATOM   979  C  C   . GLU A 1 139 ? 4.047   -12.360 -7.939  1.00 12.66 ? 139 GLU A C   1 
ATOM   980  O  O   . GLU A 1 139 ? 3.922   -12.987 -8.956  1.00 12.72 ? 139 GLU A O   1 
ATOM   981  C  CB  . GLU A 1 139 ? 6.300   -11.354 -8.215  1.00 14.10 ? 139 GLU A CB  1 
ATOM   982  C  CG  . GLU A 1 139 ? 6.113   -9.888  -7.996  1.00 17.20 ? 139 GLU A CG  1 
ATOM   983  C  CD  . GLU A 1 139 ? 7.225   -9.048  -8.593  1.00 23.72 ? 139 GLU A CD  1 
ATOM   984  O  OE1 . GLU A 1 139 ? 7.040   -8.647  -9.745  1.00 28.95 ? 139 GLU A OE1 1 
ATOM   985  O  OE2 . GLU A 1 139 ? 8.278   -8.824  -7.938  1.00 25.38 ? 139 GLU A OE2 1 
ATOM   986  N  N   . ILE A 1 140 ? 3.036   -11.797 -7.318  1.00 10.41 ? 140 ILE A N   1 
ATOM   987  C  CA  . ILE A 1 140 ? 1.660   -11.785 -7.831  1.00 10.54 ? 140 ILE A CA  1 
ATOM   988  C  C   . ILE A 1 140 ? 1.409   -10.633 -8.829  1.00 10.38 ? 140 ILE A C   1 
ATOM   989  O  O   . ILE A 1 140 ? 0.723   -10.816 -9.828  1.00 9.71  ? 140 ILE A O   1 
ATOM   990  C  CB  . ILE A 1 140 ? 0.658   -11.688 -6.654  1.00 11.76 ? 140 ILE A CB  1 
ATOM   991  C  CG1 . ILE A 1 140 ? 0.803   -12.848 -5.656  1.00 13.21 ? 140 ILE A CG1 1 
ATOM   992  C  CG2 . ILE A 1 140 ? -0.818  -11.685 -7.109  1.00 12.15 ? 140 ILE A CG2 1 
ATOM   993  C  CD1 . ILE A 1 140 ? 0.067   -12.610 -4.388  1.00 11.85 ? 140 ILE A CD1 1 
ATOM   994  N  N   . ALA A 1 141 ? 1.969   -9.439  -8.557  1.00 7.71  ? 141 ALA A N   1 
ATOM   995  C  CA  . ALA A 1 141 ? 1.650   -8.253  -9.320  1.00 6.88  ? 141 ALA A CA  1 
ATOM   996  C  C   . ALA A 1 141 ? 2.744   -7.214  -8.993  1.00 7.16  ? 141 ALA A C   1 
ATOM   997  O  O   . ALA A 1 141 ? 3.266   -7.220  -7.884  1.00 4.68  ? 141 ALA A O   1 
ATOM   998  C  CB  . ALA A 1 141 ? 0.274   -7.670  -8.883  1.00 7.13  ? 141 ALA A CB  1 
ATOM   999  N  N   . ARG A 1 142 ? 3.066   -6.357  -9.964  1.00 7.51  ? 142 ARG A N   1 
ATOM   1000 C  CA  . ARG A 1 142 ? 4.013   -5.244  -9.758  1.00 9.27  ? 142 ARG A CA  1 
ATOM   1001 C  C   . ARG A 1 142 ? 3.506   -4.038  -10.553 1.00 9.18  ? 142 ARG A C   1 
ATOM   1002 O  O   . ARG A 1 142 ? 2.836   -4.176  -11.615 1.00 9.39  ? 142 ARG A O   1 
ATOM   1003 C  CB  . ARG A 1 142 ? 5.356   -5.710  -10.285 1.00 10.26 ? 142 ARG A CB  1 
ATOM   1004 C  CG  . ARG A 1 142 ? 6.543   -4.825  -10.094 1.00 13.93 ? 142 ARG A CG  1 
ATOM   1005 C  CD  . ARG A 1 142 ? 7.782   -5.539  -10.613 1.00 16.62 ? 142 ARG A CD  1 
ATOM   1006 N  NE  . ARG A 1 142 ? 8.997   -4.817  -10.248 1.00 24.49 ? 142 ARG A NE  1 
ATOM   1007 C  CZ  . ARG A 1 142 ? 9.875   -5.196  -9.316  1.00 25.18 ? 142 ARG A CZ  1 
ATOM   1008 N  NH1 . ARG A 1 142 ? 9.713   -6.327  -8.645  1.00 24.47 ? 142 ARG A NH1 1 
ATOM   1009 N  NH2 . ARG A 1 142 ? 10.939  -4.435  -9.075  1.00 24.71 ? 142 ARG A NH2 1 
ATOM   1010 N  N   . TYR A 1 143 ? 3.825   -2.851  -10.072 1.00 7.72  ? 143 TYR A N   1 
ATOM   1011 C  CA  . TYR A 1 143 ? 3.469   -1.638  -10.777 1.00 7.04  ? 143 TYR A CA  1 
ATOM   1012 C  C   . TYR A 1 143 ? 4.729   -0.797  -10.831 1.00 7.18  ? 143 TYR A C   1 
ATOM   1013 O  O   . TYR A 1 143 ? 5.385   -0.594  -9.794  1.00 6.65  ? 143 TYR A O   1 
ATOM   1014 C  CB  . TYR A 1 143 ? 2.360   -0.887  -10.043 1.00 7.75  ? 143 TYR A CB  1 
ATOM   1015 C  CG  . TYR A 1 143 ? 1.704   0.165   -10.889 1.00 9.01  ? 143 TYR A CG  1 
ATOM   1016 C  CD1 . TYR A 1 143 ? 0.497   -0.083  -11.516 1.00 13.81 ? 143 TYR A CD1 1 
ATOM   1017 C  CD2 . TYR A 1 143 ? 2.319   1.414   -11.103 1.00 12.17 ? 143 TYR A CD2 1 
ATOM   1018 C  CE1 . TYR A 1 143 ? -0.101  0.854   -12.308 1.00 14.63 ? 143 TYR A CE1 1 
ATOM   1019 C  CE2 . TYR A 1 143 ? 1.718   2.359   -11.884 1.00 11.79 ? 143 TYR A CE2 1 
ATOM   1020 C  CZ  . TYR A 1 143 ? 0.501   2.079   -12.485 1.00 15.17 ? 143 TYR A CZ  1 
ATOM   1021 O  OH  . TYR A 1 143 ? -0.130  3.020   -13.277 1.00 18.98 ? 143 TYR A OH  1 
ATOM   1022 N  N   . ASP A 1 144 ? 5.057   -0.318  -12.029 1.00 6.26  ? 144 ASP A N   1 
ATOM   1023 C  CA  . ASP A 1 144 ? 6.223   0.560   -12.247 1.00 7.79  ? 144 ASP A CA  1 
ATOM   1024 C  C   . ASP A 1 144 ? 5.765   1.997   -12.087 1.00 6.89  ? 144 ASP A C   1 
ATOM   1025 O  O   . ASP A 1 144 ? 5.222   2.575   -13.009 1.00 7.67  ? 144 ASP A O   1 
ATOM   1026 C  CB  . ASP A 1 144 ? 6.791   0.379   -13.651 1.00 7.94  ? 144 ASP A CB  1 
ATOM   1027 C  CG  . ASP A 1 144 ? 8.053   1.168   -13.875 1.00 10.17 ? 144 ASP A CG  1 
ATOM   1028 O  OD1 . ASP A 1 144 ? 8.256   2.257   -13.268 1.00 9.13  ? 144 ASP A OD1 1 
ATOM   1029 O  OD2 . ASP A 1 144 ? 8.857   0.678   -14.676 1.00 13.49 ? 144 ASP A OD2 1 
ATOM   1030 N  N   . LEU A 1 145 ? 5.956   2.538   -10.909 1.00 6.45  ? 145 LEU A N   1 
ATOM   1031 C  CA  . LEU A 1 145 ? 5.405   3.866   -10.592 1.00 5.45  ? 145 LEU A CA  1 
ATOM   1032 C  C   . LEU A 1 145 ? 6.125   4.948   -11.384 1.00 5.92  ? 145 LEU A C   1 
ATOM   1033 O  O   . LEU A 1 145 ? 5.496   5.872   -11.927 1.00 4.51  ? 145 LEU A O   1 
ATOM   1034 C  CB  . LEU A 1 145 ? 5.560   4.110   -9.104  1.00 5.22  ? 145 LEU A CB  1 
ATOM   1035 C  CG  . LEU A 1 145 ? 4.835   3.209   -8.145  1.00 4.48  ? 145 LEU A CG  1 
ATOM   1036 C  CD1 . LEU A 1 145 ? 5.370   3.331   -6.737  1.00 5.24  ? 145 LEU A CD1 1 
ATOM   1037 C  CD2 . LEU A 1 145 ? 3.366   3.625   -8.204  1.00 6.81  ? 145 LEU A CD2 1 
ATOM   1038 N  N   . SER A 1 146 ? 7.443   4.830   -11.481 1.00 6.04  ? 146 SER A N   1 
ATOM   1039 C  CA  . SER A 1 146 ? 8.247   5.837   -12.209 1.00 6.85  ? 146 SER A CA  1 
ATOM   1040 C  C   . SER A 1 146 ? 7.746   6.013   -13.654 1.00 8.63  ? 146 SER A C   1 
ATOM   1041 O  O   . SER A 1 146 ? 7.694   7.118   -14.192 1.00 9.20  ? 146 SER A O   1 
ATOM   1042 C  CB  . SER A 1 146 ? 9.719   5.411   -12.248 1.00 7.05  ? 146 SER A CB  1 
ATOM   1043 O  OG  . SER A 1 146 ? 10.283  5.375   -10.966 1.00 7.90  ? 146 SER A OG  1 
ATOM   1044 N  N   . GLU A 1 147 ? 7.422   4.907   -14.298 1.00 9.44  ? 147 GLU A N   1 
ATOM   1045 C  CA  . GLU A 1 147 ? 7.117   4.890   -15.709 1.00 11.05 ? 147 GLU A CA  1 
ATOM   1046 C  C   . GLU A 1 147 ? 5.646   5.029   -16.011 1.00 10.76 ? 147 GLU A C   1 
ATOM   1047 O  O   . GLU A 1 147 ? 5.289   5.624   -17.015 1.00 9.95  ? 147 GLU A O   1 
ATOM   1048 C  CB  . GLU A 1 147 ? 7.616   3.583   -16.303 1.00 12.55 ? 147 GLU A CB  1 
ATOM   1049 C  CG  . GLU A 1 147 ? 7.404   3.418   -17.810 1.00 17.75 ? 147 GLU A CG  1 
ATOM   1050 C  CD  . GLU A 1 147 ? 8.256   4.355   -18.668 1.00 23.80 ? 147 GLU A CD  1 
ATOM   1051 O  OE1 . GLU A 1 147 ? 9.181   5.016   -18.133 1.00 27.87 ? 147 GLU A OE1 1 
ATOM   1052 O  OE2 . GLU A 1 147 ? 7.995   4.407   -19.900 1.00 29.00 ? 147 GLU A OE2 1 
ATOM   1053 N  N   . ASP A 1 148 ? 4.798   4.429   -15.175 1.00 9.86  ? 148 ASP A N   1 
ATOM   1054 C  CA  . ASP A 1 148 ? 3.388   4.302   -15.485 1.00 11.20 ? 148 ASP A CA  1 
ATOM   1055 C  C   . ASP A 1 148 ? 2.456   5.195   -14.634 1.00 10.79 ? 148 ASP A C   1 
ATOM   1056 O  O   . ASP A 1 148 ? 1.269   5.277   -14.938 1.00 12.20 ? 148 ASP A O   1 
ATOM   1057 C  CB  . ASP A 1 148 ? 2.982   2.809   -15.360 1.00 10.80 ? 148 ASP A CB  1 
ATOM   1058 C  CG  . ASP A 1 148 ? 3.735   1.920   -16.338 1.00 15.18 ? 148 ASP A CG  1 
ATOM   1059 O  OD1 . ASP A 1 148 ? 4.133   2.404   -17.426 1.00 17.97 ? 148 ASP A OD1 1 
ATOM   1060 O  OD2 . ASP A 1 148 ? 3.935   0.730   -16.037 1.00 22.24 ? 148 ASP A OD2 1 
ATOM   1061 N  N   . ALA A 1 149 ? 2.969   5.823   -13.566 1.00 9.91  ? 149 ALA A N   1 
ATOM   1062 C  CA  . ALA A 1 149 ? 2.187   6.770   -12.757 1.00 9.18  ? 149 ALA A CA  1 
ATOM   1063 C  C   . ALA A 1 149 ? 2.983   8.057   -12.678 1.00 8.31  ? 149 ALA A C   1 
ATOM   1064 O  O   . ALA A 1 149 ? 3.001   8.672   -11.612 1.00 7.82  ? 149 ALA A O   1 
ATOM   1065 C  CB  . ALA A 1 149 ? 1.945   6.274   -11.353 1.00 7.80  ? 149 ALA A CB  1 
ATOM   1066 N  N   . SER A 1 150 ? 3.604   8.435   -13.778 1.00 9.32  ? 150 SER A N   1 
ATOM   1067 C  CA  . SER A 1 150 ? 4.566   9.563   -13.835 1.00 10.91 ? 150 SER A CA  1 
ATOM   1068 C  C   . SER A 1 150 ? 4.088   10.841  -13.215 1.00 10.76 ? 150 SER A C   1 
ATOM   1069 O  O   . SER A 1 150 ? 4.835   11.501  -12.527 1.00 11.90 ? 150 SER A O   1 
ATOM   1070 C  CB  . SER A 1 150 ? 4.902   9.904   -15.279 1.00 11.28 ? 150 SER A CB  1 
ATOM   1071 O  OG  . SER A 1 150 ? 5.798   8.940   -15.743 1.00 16.14 ? 150 SER A OG  1 
ATOM   1072 N  N   . THR A 1 151 ? 2.846   11.188  -13.497 1.00 11.21 ? 151 THR A N   1 
ATOM   1073 C  CA  . THR A 1 151 ? 2.323   12.494  -13.144 1.00 11.93 ? 151 THR A CA  1 
ATOM   1074 C  C   . THR A 1 151 ? 1.561   12.422  -11.820 1.00 12.51 ? 151 THR A C   1 
ATOM   1075 O  O   . THR A 1 151 ? 1.058   13.431  -11.330 1.00 13.16 ? 151 THR A O   1 
ATOM   1076 C  CB  . THR A 1 151 ? 1.414   13.004  -14.273 1.00 11.68 ? 151 THR A CB  1 
ATOM   1077 O  OG1 . THR A 1 151 ? 0.233   12.199  -14.356 1.00 16.02 ? 151 THR A OG1 1 
ATOM   1078 C  CG2 . THR A 1 151 ? 2.163   12.940  -15.619 1.00 12.31 ? 151 THR A CG2 1 
ATOM   1079 N  N   . GLU A 1 152 ? 1.535   11.239  -11.218 1.00 11.18 ? 152 GLU A N   1 
ATOM   1080 C  CA  . GLU A 1 152 ? 0.756   11.015  -10.006 1.00 12.09 ? 152 GLU A CA  1 
ATOM   1081 C  C   . GLU A 1 152 ? 1.586   11.263  -8.739  1.00 10.38 ? 152 GLU A C   1 
ATOM   1082 O  O   . GLU A 1 152 ? 2.828   11.176  -8.751  1.00 9.27  ? 152 GLU A O   1 
ATOM   1083 C  CB  . GLU A 1 152 ? 0.210   9.583   -9.968  1.00 12.75 ? 152 GLU A CB  1 
ATOM   1084 C  CG  . GLU A 1 152 ? -0.536  9.133   -11.246 1.00 16.99 ? 152 GLU A CG  1 
ATOM   1085 C  CD  . GLU A 1 152 ? -1.833  9.873   -11.459 1.00 22.47 ? 152 GLU A CD  1 
ATOM   1086 O  OE1 . GLU A 1 152 ? -2.510  10.200  -10.452 1.00 27.37 ? 152 GLU A OE1 1 
ATOM   1087 O  OE2 . GLU A 1 152 ? -2.194  10.112  -12.637 1.00 28.61 ? 152 GLU A OE2 1 
ATOM   1088 N  N   . THR A 1 153 ? 0.867   11.609  -7.683  1.00 8.61  ? 153 THR A N   1 
ATOM   1089 C  CA  . THR A 1 153 ? 1.411   11.665  -6.347  1.00 8.17  ? 153 THR A CA  1 
ATOM   1090 C  C   . THR A 1 153 ? 0.783   10.666  -5.359  1.00 7.39  ? 153 THR A C   1 
ATOM   1091 O  O   . THR A 1 153 ? 1.261   10.534  -4.248  1.00 6.85  ? 153 THR A O   1 
ATOM   1092 C  CB  . THR A 1 153 ? 1.273   13.085  -5.769  1.00 9.87  ? 153 THR A CB  1 
ATOM   1093 O  OG1 . THR A 1 153 ? -0.090  13.331  -5.371  1.00 11.57 ? 153 THR A OG1 1 
ATOM   1094 C  CG2 . THR A 1 153 ? 1.788   14.158  -6.760  1.00 8.33  ? 153 THR A CG2 1 
ATOM   1095 N  N   . ALA A 1 154 ? -0.327  10.022  -5.741  1.00 7.21  ? 154 ALA A N   1 
ATOM   1096 C  CA  . ALA A 1 154 ? -0.979  9.064   -4.879  1.00 8.05  ? 154 ALA A CA  1 
ATOM   1097 C  C   . ALA A 1 154 ? -1.791  8.151   -5.785  1.00 8.79  ? 154 ALA A C   1 
ATOM   1098 O  O   . ALA A 1 154 ? -2.391  8.614   -6.754  1.00 9.38  ? 154 ALA A O   1 
ATOM   1099 C  CB  . ALA A 1 154 ? -1.869  9.769   -3.868  1.00 8.59  ? 154 ALA A CB  1 
HETATM 1100 N  N   . MSE A 1 155 ? -1.821  6.870   -5.470  1.00 7.43  ? 155 MSE A N   1 
HETATM 1101 C  CA  . MSE A 1 155 ? -2.459  5.885   -6.339  1.00 8.77  ? 155 MSE A CA  1 
HETATM 1102 C  C   . MSE A 1 155 ? -2.945  4.748   -5.452  1.00 7.74  ? 155 MSE A C   1 
HETATM 1103 O  O   . MSE A 1 155 ? -2.371  4.482   -4.403  1.00 8.88  ? 155 MSE A O   1 
HETATM 1104 C  CB  . MSE A 1 155 ? -1.463  5.363   -7.393  1.00 8.40  ? 155 MSE A CB  1 
HETATM 1105 C  CG  . MSE A 1 155 ? -2.079  4.632   -8.518  1.00 14.70 ? 155 MSE A CG  1 
HETATM 1106 SE SE  . MSE A 1 155 ? -0.865  3.884   -9.712  1.00 13.72 ? 155 MSE A SE  1 
HETATM 1107 C  CE  . MSE A 1 155 ? -0.244  2.586   -8.622  1.00 13.34 ? 155 MSE A CE  1 
ATOM   1108 N  N   . VAL A 1 156 ? -4.028  4.118   -5.827  1.00 7.50  ? 156 VAL A N   1 
ATOM   1109 C  CA  . VAL A 1 156 ? -4.347  2.801   -5.237  1.00 7.05  ? 156 VAL A CA  1 
ATOM   1110 C  C   . VAL A 1 156 ? -3.771  1.734   -6.146  1.00 6.10  ? 156 VAL A C   1 
ATOM   1111 O  O   . VAL A 1 156 ? -4.118  1.643   -7.312  1.00 7.05  ? 156 VAL A O   1 
ATOM   1112 C  CB  . VAL A 1 156 ? -5.833  2.638   -5.042  1.00 6.82  ? 156 VAL A CB  1 
ATOM   1113 C  CG1 . VAL A 1 156 ? -6.219  1.147   -4.741  1.00 9.48  ? 156 VAL A CG1 1 
ATOM   1114 C  CG2 . VAL A 1 156 ? -6.342  3.521   -3.943  1.00 11.24 ? 156 VAL A CG2 1 
ATOM   1115 N  N   . PHE A 1 157 ? -2.881  0.936   -5.608  1.00 5.68  ? 157 PHE A N   1 
ATOM   1116 C  CA  . PHE A 1 157 ? -2.176  -0.088  -6.368  1.00 5.76  ? 157 PHE A CA  1 
ATOM   1117 C  C   . PHE A 1 157 ? -3.105  -1.241  -6.680  1.00 6.26  ? 157 PHE A C   1 
ATOM   1118 O  O   . PHE A 1 157 ? -3.266  -1.665  -7.841  1.00 6.17  ? 157 PHE A O   1 
ATOM   1119 C  CB  . PHE A 1 157 ? -0.976  -0.531  -5.530  1.00 5.67  ? 157 PHE A CB  1 
ATOM   1120 C  CG  . PHE A 1 157 ? -0.343  -1.820  -5.943  1.00 5.73  ? 157 PHE A CG  1 
ATOM   1121 C  CD1 . PHE A 1 157 ? -0.157  -2.130  -7.248  1.00 8.70  ? 157 PHE A CD1 1 
ATOM   1122 C  CD2 . PHE A 1 157 ? 0.113   -2.694  -4.966  1.00 7.69  ? 157 PHE A CD2 1 
ATOM   1123 C  CE1 . PHE A 1 157 ? 0.457   -3.325  -7.602  1.00 11.02 ? 157 PHE A CE1 1 
ATOM   1124 C  CE2 . PHE A 1 157 ? 0.722   -3.863  -5.324  1.00 8.13  ? 157 PHE A CE2 1 
ATOM   1125 C  CZ  . PHE A 1 157 ? 0.893   -4.156  -6.639  1.00 6.44  ? 157 PHE A CZ  1 
ATOM   1126 N  N   . GLY A 1 158 ? -3.753  -1.726  -5.646  1.00 6.06  ? 158 GLY A N   1 
ATOM   1127 C  CA  . GLY A 1 158 ? -4.615  -2.879  -5.827  1.00 6.11  ? 158 GLY A CA  1 
ATOM   1128 C  C   . GLY A 1 158 ? -5.302  -3.258  -4.546  1.00 5.87  ? 158 GLY A C   1 
ATOM   1129 O  O   . GLY A 1 158 ? -5.271  -2.494  -3.544  1.00 6.07  ? 158 GLY A O   1 
ATOM   1130 N  N   . GLU A 1 159 ? -5.987  -4.395  -4.561  1.00 6.70  ? 159 GLU A N   1 
ATOM   1131 C  CA  . GLU A 1 159 ? -6.647  -4.866  -3.374  1.00 6.69  ? 159 GLU A CA  1 
ATOM   1132 C  C   . GLU A 1 159 ? -6.647  -6.364  -3.275  1.00 5.76  ? 159 GLU A C   1 
ATOM   1133 O  O   . GLU A 1 159 ? -6.778  -7.092  -4.293  1.00 8.62  ? 159 GLU A O   1 
ATOM   1134 C  CB  . GLU A 1 159 ? -8.080  -4.322  -3.284  1.00 8.62  ? 159 GLU A CB  1 
ATOM   1135 C  CG  . GLU A 1 159 ? -8.946  -4.748  -4.392  1.00 9.65  ? 159 GLU A CG  1 
ATOM   1136 C  CD  . GLU A 1 159 ? -10.272 -3.973  -4.494  1.00 21.35 ? 159 GLU A CD  1 
ATOM   1137 O  OE1 . GLU A 1 159 ? -10.537 -3.097  -3.627  1.00 26.37 ? 159 GLU A OE1 1 
ATOM   1138 O  OE2 . GLU A 1 159 ? -11.071 -4.255  -5.454  1.00 24.17 ? 159 GLU A OE2 1 
ATOM   1139 N  N   . LEU A 1 160 ? -6.573  -6.833  -2.048  1.00 4.30  ? 160 LEU A N   1 
ATOM   1140 C  CA  . LEU A 1 160 ? -6.941  -8.234  -1.740  1.00 4.30  ? 160 LEU A CA  1 
ATOM   1141 C  C   . LEU A 1 160 ? -8.420  -8.278  -1.408  1.00 3.62  ? 160 LEU A C   1 
ATOM   1142 O  O   . LEU A 1 160 ? -8.926  -7.394  -0.693  1.00 5.20  ? 160 LEU A O   1 
ATOM   1143 C  CB  . LEU A 1 160 ? -6.162  -8.698  -0.516  1.00 4.38  ? 160 LEU A CB  1 
ATOM   1144 C  CG  . LEU A 1 160 ? -4.657  -8.895  -0.742  1.00 7.42  ? 160 LEU A CG  1 
ATOM   1145 C  CD1 . LEU A 1 160 ? -3.899  -8.928  0.564   1.00 8.59  ? 160 LEU A CD1 1 
ATOM   1146 C  CD2 . LEU A 1 160 ? -4.484  -10.183 -1.571  1.00 6.70  ? 160 LEU A CD2 1 
ATOM   1147 N  N   . TYR A 1 161 ? -9.141  -9.271  -1.918  1.00 2.99  ? 161 TYR A N   1 
ATOM   1148 C  CA  . TYR A 1 161 ? -10.566 -9.328  -1.632  1.00 3.24  ? 161 TYR A CA  1 
ATOM   1149 C  C   . TYR A 1 161 ? -10.981 -10.775 -1.413  1.00 2.88  ? 161 TYR A C   1 
ATOM   1150 O  O   . TYR A 1 161 ? -10.386 -11.666 -1.947  1.00 3.97  ? 161 TYR A O   1 
ATOM   1151 C  CB  . TYR A 1 161 ? -11.403 -8.744  -2.767  1.00 3.01  ? 161 TYR A CB  1 
ATOM   1152 C  CG  . TYR A 1 161 ? -11.233 -9.444  -4.116  1.00 4.21  ? 161 TYR A CG  1 
ATOM   1153 C  CD1 . TYR A 1 161 ? -12.201 -10.354 -4.605  1.00 7.28  ? 161 TYR A CD1 1 
ATOM   1154 C  CD2 . TYR A 1 161 ? -10.107 -9.180  -4.921  1.00 6.73  ? 161 TYR A CD2 1 
ATOM   1155 C  CE1 . TYR A 1 161 ? -12.042 -10.981 -5.848  1.00 8.92  ? 161 TYR A CE1 1 
ATOM   1156 C  CE2 . TYR A 1 161 ? -9.962  -9.831  -6.159  1.00 10.60 ? 161 TYR A CE2 1 
ATOM   1157 C  CZ  . TYR A 1 161 ? -10.929 -10.699 -6.608  1.00 9.81  ? 161 TYR A CZ  1 
ATOM   1158 O  OH  . TYR A 1 161 ? -10.750 -11.315 -7.822  1.00 12.51 ? 161 TYR A OH  1 
ATOM   1159 N  N   . ARG A 1 162 ? -12.029 -10.970 -0.638  1.00 4.13  ? 162 ARG A N   1 
ATOM   1160 C  CA  . ARG A 1 162 ? -12.542 -12.331 -0.405  1.00 5.04  ? 162 ARG A CA  1 
ATOM   1161 C  C   . ARG A 1 162 ? -13.337 -12.803 -1.606  1.00 7.40  ? 162 ARG A C   1 
ATOM   1162 O  O   . ARG A 1 162 ? -14.131 -12.049 -2.203  1.00 6.82  ? 162 ARG A O   1 
ATOM   1163 C  CB  . ARG A 1 162 ? -13.448 -12.342 0.830   1.00 5.09  ? 162 ARG A CB  1 
ATOM   1164 C  CG  . ARG A 1 162 ? -12.762 -12.216 2.131   1.00 2.69  ? 162 ARG A CG  1 
ATOM   1165 C  CD  . ARG A 1 162 ? -13.744 -12.344 3.287   1.00 5.66  ? 162 ARG A CD  1 
ATOM   1166 N  NE  . ARG A 1 162 ? -13.181 -12.032 4.584   1.00 7.30  ? 162 ARG A NE  1 
ATOM   1167 C  CZ  . ARG A 1 162 ? -12.475 -12.842 5.353   1.00 12.02 ? 162 ARG A CZ  1 
ATOM   1168 N  NH1 . ARG A 1 162 ? -12.195 -14.081 4.960   1.00 10.05 ? 162 ARG A NH1 1 
ATOM   1169 N  NH2 . ARG A 1 162 ? -12.026 -12.403 6.509   1.00 14.01 ? 162 ARG A NH2 1 
ATOM   1170 N  N   . HIS A 1 163 ? -13.128 -14.070 -1.941  1.00 8.94  ? 163 HIS A N   1 
ATOM   1171 C  CA  . HIS A 1 163 ? -13.880 -14.744 -2.975  1.00 11.49 ? 163 HIS A CA  1 
ATOM   1172 C  C   . HIS A 1 163 ? -14.233 -16.052 -2.332  1.00 12.01 ? 163 HIS A C   1 
ATOM   1173 O  O   . HIS A 1 163 ? -13.387 -16.936 -2.245  1.00 12.11 ? 163 HIS A O   1 
ATOM   1174 C  CB  . HIS A 1 163 ? -12.959 -14.943 -4.159  1.00 12.42 ? 163 HIS A CB  1 
ATOM   1175 C  CG  . HIS A 1 163 ? -13.579 -15.667 -5.303  1.00 16.05 ? 163 HIS A CG  1 
ATOM   1176 N  ND1 . HIS A 1 163 ? -14.234 -15.012 -6.326  1.00 21.79 ? 163 HIS A ND1 1 
ATOM   1177 C  CD2 . HIS A 1 163 ? -13.633 -16.987 -5.601  1.00 20.67 ? 163 HIS A CD2 1 
ATOM   1178 C  CE1 . HIS A 1 163 ? -14.689 -15.904 -7.194  1.00 23.27 ? 163 HIS A CE1 1 
ATOM   1179 N  NE2 . HIS A 1 163 ? -14.345 -17.111 -6.773  1.00 23.43 ? 163 HIS A NE2 1 
ATOM   1180 N  N   . GLY A 1 164 ? -15.457 -16.149 -1.831  1.00 13.24 ? 164 GLY A N   1 
ATOM   1181 C  CA  . GLY A 1 164 ? -15.892 -17.306 -1.082  1.00 14.78 ? 164 GLY A CA  1 
ATOM   1182 C  C   . GLY A 1 164 ? -14.993 -17.483 0.127   1.00 15.16 ? 164 GLY A C   1 
ATOM   1183 O  O   . GLY A 1 164 ? -14.779 -16.528 0.878   1.00 15.60 ? 164 GLY A O   1 
ATOM   1184 N  N   . ALA A 1 165 ? -14.452 -18.696 0.308   1.00 14.47 ? 165 ALA A N   1 
ATOM   1185 C  CA  . ALA A 1 165 ? -13.552 -18.972 1.435   1.00 14.79 ? 165 ALA A CA  1 
ATOM   1186 C  C   . ALA A 1 165 ? -12.101 -18.590 1.167   1.00 14.18 ? 165 ALA A C   1 
ATOM   1187 O  O   . ALA A 1 165 ? -11.270 -18.724 2.043   1.00 17.47 ? 165 ALA A O   1 
ATOM   1188 C  CB  . ALA A 1 165 ? -13.652 -20.456 1.850   1.00 14.70 ? 165 ALA A CB  1 
ATOM   1189 N  N   . GLU A 1 166 ? -11.780 -18.057 0.002   1.00 12.17 ? 166 GLU A N   1 
ATOM   1190 C  CA  . GLU A 1 166 ? -10.393 -17.755 -0.326  1.00 10.86 ? 166 GLU A CA  1 
ATOM   1191 C  C   . GLU A 1 166 ? -10.170 -16.250 -0.497  1.00 9.69  ? 166 GLU A C   1 
ATOM   1192 O  O   . GLU A 1 166 ? -11.105 -15.460 -0.397  1.00 8.32  ? 166 GLU A O   1 
ATOM   1193 C  CB  . GLU A 1 166 ? -10.004 -18.479 -1.593  1.00 11.92 ? 166 GLU A CB  1 
ATOM   1194 C  CG  . GLU A 1 166 ? -10.180 -19.984 -1.438  1.00 17.74 ? 166 GLU A CG  1 
ATOM   1195 C  CD  . GLU A 1 166 ? -9.425  -20.745 -2.498  1.00 24.71 ? 166 GLU A CD  1 
ATOM   1196 O  OE1 . GLU A 1 166 ? -8.752  -20.093 -3.355  1.00 31.38 ? 166 GLU A OE1 1 
ATOM   1197 O  OE2 . GLU A 1 166 ? -9.499  -21.982 -2.456  1.00 26.81 ? 166 GLU A OE2 1 
ATOM   1198 N  N   . TRP A 1 167 ? -8.927  -15.877 -0.716  1.00 6.71  ? 167 TRP A N   1 
ATOM   1199 C  CA  . TRP A 1 167 ? -8.574  -14.455 -0.996  1.00 7.66  ? 167 TRP A CA  1 
ATOM   1200 C  C   . TRP A 1 167 ? -7.907  -14.361 -2.362  1.00 6.46  ? 167 TRP A C   1 
ATOM   1201 O  O   . TRP A 1 167 ? -7.122  -15.253 -2.750  1.00 7.24  ? 167 TRP A O   1 
ATOM   1202 C  CB  . TRP A 1 167 ? -7.624  -13.953 0.050   1.00 8.24  ? 167 TRP A CB  1 
ATOM   1203 C  CG  . TRP A 1 167 ? -8.216  -13.698 1.378   1.00 7.74  ? 167 TRP A CG  1 
ATOM   1204 C  CD1 . TRP A 1 167 ? -8.332  -14.572 2.404   1.00 9.87  ? 167 TRP A CD1 1 
ATOM   1205 C  CD2 . TRP A 1 167 ? -8.686  -12.439 1.864   1.00 4.78  ? 167 TRP A CD2 1 
ATOM   1206 N  NE1 . TRP A 1 167 ? -8.842  -13.922 3.501   1.00 7.59  ? 167 TRP A NE1 1 
ATOM   1207 C  CE2 . TRP A 1 167 ? -9.091  -12.626 3.182   1.00 6.26  ? 167 TRP A CE2 1 
ATOM   1208 C  CE3 . TRP A 1 167 ? -8.802  -11.169 1.296   1.00 6.61  ? 167 TRP A CE3 1 
ATOM   1209 C  CZ2 . TRP A 1 167 ? -9.636  -11.591 3.949   1.00 5.20  ? 167 TRP A CZ2 1 
ATOM   1210 C  CZ3 . TRP A 1 167 ? -9.323  -10.164 2.030   1.00 7.62  ? 167 TRP A CZ3 1 
ATOM   1211 C  CH2 . TRP A 1 167 ? -9.729  -10.380 3.364   1.00 8.17  ? 167 TRP A CH2 1 
ATOM   1212 N  N   . LYS A 1 168 ? -8.283  -13.368 -3.143  1.00 7.48  ? 168 LYS A N   1 
ATOM   1213 C  CA  . LYS A 1 168 ? -7.538  -13.029 -4.393  1.00 7.91  ? 168 LYS A CA  1 
ATOM   1214 C  C   . LYS A 1 168 ? -6.967  -11.590 -4.398  1.00 8.80  ? 168 LYS A C   1 
ATOM   1215 O  O   . LYS A 1 168 ? -7.396  -10.753 -3.595  1.00 6.66  ? 168 LYS A O   1 
ATOM   1216 C  CB  . LYS A 1 168 ? -8.474  -13.161 -5.588  1.00 8.65  ? 168 LYS A CB  1 
ATOM   1217 C  CG  . LYS A 1 168 ? -9.059  -14.577 -5.797  1.00 12.10 ? 168 LYS A CG  1 
ATOM   1218 C  CD  . LYS A 1 168 ? -9.868  -14.601 -7.097  1.00 15.91 ? 168 LYS A CD  1 
ATOM   1219 C  CE  . LYS A 1 168 ? -9.904  -15.973 -7.736  1.00 21.00 ? 168 LYS A CE  1 
ATOM   1220 N  NZ  . LYS A 1 168 ? -10.526 -15.916 -9.102  1.00 24.37 ? 168 LYS A NZ  1 
ATOM   1221 N  N   . PHE A 1 169 ? -6.035  -11.320 -5.330  1.00 7.70  ? 169 PHE A N   1 
ATOM   1222 C  CA  . PHE A 1 169 ? -5.572  -9.978  -5.593  1.00 8.73  ? 169 PHE A CA  1 
ATOM   1223 C  C   . PHE A 1 169 ? -6.099  -9.411  -6.905  1.00 9.01  ? 169 PHE A C   1 
ATOM   1224 O  O   . PHE A 1 169 ? -6.142  -10.078 -7.920  1.00 9.04  ? 169 PHE A O   1 
ATOM   1225 C  CB  . PHE A 1 169 ? -4.035  -9.936  -5.577  1.00 8.92  ? 169 PHE A CB  1 
ATOM   1226 C  CG  . PHE A 1 169 ? -3.484  -8.560  -5.711  1.00 10.36 ? 169 PHE A CG  1 
ATOM   1227 C  CD1 . PHE A 1 169 ? -3.414  -7.736  -4.601  1.00 11.98 ? 169 PHE A CD1 1 
ATOM   1228 C  CD2 . PHE A 1 169 ? -3.094  -8.059  -6.951  1.00 11.07 ? 169 PHE A CD2 1 
ATOM   1229 C  CE1 . PHE A 1 169 ? -2.926  -6.431  -4.720  1.00 13.40 ? 169 PHE A CE1 1 
ATOM   1230 C  CE2 . PHE A 1 169 ? -2.588  -6.735  -7.054  1.00 13.11 ? 169 PHE A CE2 1 
ATOM   1231 C  CZ  . PHE A 1 169 ? -2.540  -5.945  -5.958  1.00 12.49 ? 169 PHE A CZ  1 
ATOM   1232 N  N   . ARG A 1 170 ? -6.458  -8.135  -6.888  1.00 10.24 ? 170 ARG A N   1 
ATOM   1233 C  CA  . ARG A 1 170 ? -6.874  -7.424  -8.092  1.00 11.39 ? 170 ARG A CA  1 
ATOM   1234 C  C   . ARG A 1 170 ? -6.120  -6.087  -8.243  1.00 10.34 ? 170 ARG A C   1 
ATOM   1235 O  O   . ARG A 1 170 ? -6.199  -5.216  -7.367  1.00 7.84  ? 170 ARG A O   1 
ATOM   1236 C  CB  . ARG A 1 170 ? -8.371  -7.158  -8.032  1.00 13.25 ? 170 ARG A CB  1 
ATOM   1237 C  CG  . ARG A 1 170 ? -8.879  -6.157  -9.056  1.00 18.99 ? 170 ARG A CG  1 
ATOM   1238 C  CD  . ARG A 1 170 ? -10.273 -5.648  -8.714  1.00 22.64 ? 170 ARG A CD  1 
ATOM   1239 N  NE  . ARG A 1 170 ? -11.269 -6.707  -8.794  1.00 25.00 ? 170 ARG A NE  1 
ATOM   1240 C  CZ  . ARG A 1 170 ? -12.159 -6.996  -7.842  1.00 28.49 ? 170 ARG A CZ  1 
ATOM   1241 N  NH1 . ARG A 1 170 ? -12.197 -6.309  -6.707  1.00 28.49 ? 170 ARG A NH1 1 
ATOM   1242 N  NH2 . ARG A 1 170 ? -13.026 -7.982  -8.029  1.00 26.81 ? 170 ARG A NH2 1 
ATOM   1243 N  N   . ALA A 1 171 ? -5.409  -5.935  -9.359  1.00 9.73  ? 171 ALA A N   1 
ATOM   1244 C  CA  . ALA A 1 171 ? -4.676  -4.690  -9.649  1.00 9.68  ? 171 ALA A CA  1 
ATOM   1245 C  C   . ALA A 1 171 ? -5.705  -3.629  -9.946  1.00 9.73  ? 171 ALA A C   1 
ATOM   1246 O  O   . ALA A 1 171 ? -6.712  -3.919  -10.597 1.00 8.99  ? 171 ALA A O   1 
ATOM   1247 C  CB  . ALA A 1 171 ? -3.769  -4.881  -10.884 1.00 11.20 ? 171 ALA A CB  1 
ATOM   1248 N  N   . ILE A 1 172 ? -5.462  -2.403  -9.479  1.00 9.14  ? 172 ILE A N   1 
ATOM   1249 C  CA  . ILE A 1 172 ? -6.397  -1.300  -9.639  1.00 9.43  ? 172 ILE A CA  1 
ATOM   1250 C  C   . ILE A 1 172 ? -5.710  -0.159  -10.396 1.00 10.29 ? 172 ILE A C   1 
ATOM   1251 O  O   . ILE A 1 172 ? -6.159  0.237   -11.459 1.00 11.01 ? 172 ILE A O   1 
ATOM   1252 C  CB  . ILE A 1 172 ? -6.911  -0.833  -8.286  1.00 9.53  ? 172 ILE A CB  1 
ATOM   1253 C  CG1 . ILE A 1 172 ? -7.846  -1.897  -7.651  1.00 10.12 ? 172 ILE A CG1 1 
ATOM   1254 C  CG2 . ILE A 1 172 ? -7.725  0.444   -8.421  1.00 11.74 ? 172 ILE A CG2 1 
ATOM   1255 C  CD1 . ILE A 1 172 ? -8.319  -1.464  -6.297  1.00 13.27 ? 172 ILE A CD1 1 
ATOM   1256 N  N   . GLY A 1 173 ? -4.643  0.372   -9.829  1.00 10.29 ? 173 GLY A N   1 
ATOM   1257 C  CA  . GLY A 1 173 ? -3.845  1.388   -10.511 1.00 11.20 ? 173 GLY A CA  1 
ATOM   1258 C  C   . GLY A 1 173 ? -4.577  2.706   -10.747 1.00 11.55 ? 173 GLY A C   1 
ATOM   1259 O  O   . GLY A 1 173 ? -4.467  3.303   -11.830 1.00 11.88 ? 173 GLY A O   1 
ATOM   1260 N  N   . GLN A 1 174 ? -5.306  3.180   -9.737  1.00 11.30 ? 174 GLN A N   1 
ATOM   1261 C  CA  . GLN A 1 174 ? -6.104  4.414   -9.862  1.00 11.83 ? 174 GLN A CA  1 
ATOM   1262 C  C   . GLN A 1 174 ? -5.435  5.551   -9.158  1.00 11.67 ? 174 GLN A C   1 
ATOM   1263 O  O   . GLN A 1 174 ? -5.195  5.448   -7.971  1.00 11.15 ? 174 GLN A O   1 
ATOM   1264 C  CB  . GLN A 1 174 ? -7.527  4.213   -9.255  1.00 12.35 ? 174 GLN A CB  1 
ATOM   1265 C  CG  . GLN A 1 174 ? -8.324  5.534   -9.209  1.00 16.41 ? 174 GLN A CG  1 
ATOM   1266 C  CD  . GLN A 1 174 ? -8.537  6.108   -10.606 1.00 19.10 ? 174 GLN A CD  1 
ATOM   1267 O  OE1 . GLN A 1 174 ? -9.010  5.379   -11.481 1.00 21.60 ? 174 GLN A OE1 1 
ATOM   1268 N  NE2 . GLN A 1 174 ? -8.152  7.403   -10.842 1.00 21.41 ? 174 GLN A NE2 1 
ATOM   1269 N  N   . GLY A 1 175 ? -5.157  6.631   -9.879  1.00 11.74 ? 175 GLY A N   1 
ATOM   1270 C  CA  . GLY A 1 175 ? -4.576  7.844   -9.303  1.00 13.78 ? 175 GLY A CA  1 
ATOM   1271 C  C   . GLY A 1 175 ? -5.592  8.710   -8.549  1.00 14.84 ? 175 GLY A C   1 
ATOM   1272 O  O   . GLY A 1 175 ? -6.793  8.634   -8.838  1.00 16.08 ? 175 GLY A O   1 
ATOM   1273 N  N   . TYR A 1 176 ? -5.087  9.505   -7.589  1.00 16.49 ? 176 TYR A N   1 
ATOM   1274 C  CA  . TYR A 1 176 ? -5.854  10.479  -6.789  1.00 17.05 ? 176 TYR A CA  1 
ATOM   1275 C  C   . TYR A 1 176 ? -5.094  11.780  -6.659  1.00 17.20 ? 176 TYR A C   1 
ATOM   1276 O  O   . TYR A 1 176 ? -3.963  11.755  -6.219  1.00 18.27 ? 176 TYR A O   1 
ATOM   1277 C  CB  . TYR A 1 176 ? -6.048  9.919   -5.381  1.00 18.08 ? 176 TYR A CB  1 
ATOM   1278 C  CG  . TYR A 1 176 ? -7.030  8.809   -5.311  1.00 19.17 ? 176 TYR A CG  1 
ATOM   1279 C  CD1 . TYR A 1 176 ? -8.313  9.039   -4.858  1.00 23.94 ? 176 TYR A CD1 1 
ATOM   1280 C  CD2 . TYR A 1 176 ? -6.697  7.502   -5.697  1.00 20.86 ? 176 TYR A CD2 1 
ATOM   1281 C  CE1 . TYR A 1 176 ? -9.244  8.031   -4.806  1.00 21.41 ? 176 TYR A CE1 1 
ATOM   1282 C  CE2 . TYR A 1 176 ? -7.630  6.484   -5.652  1.00 20.96 ? 176 TYR A CE2 1 
ATOM   1283 C  CZ  . TYR A 1 176 ? -8.907  6.758   -5.191  1.00 23.61 ? 176 TYR A CZ  1 
ATOM   1284 O  OH  . TYR A 1 176 ? -9.870  5.775   -5.112  1.00 23.40 ? 176 TYR A OH  1 
ATOM   1285 N  N   . ALA A 1 177 ? -5.709  12.906  -7.010  1.00 16.89 ? 177 ALA A N   1 
ATOM   1286 C  CA  . ALA A 1 177 ? -5.065  14.236  -6.935  1.00 16.70 ? 177 ALA A CA  1 
ATOM   1287 C  C   . ALA A 1 177 ? -5.001  14.829  -5.499  1.00 15.54 ? 177 ALA A C   1 
ATOM   1288 O  O   . ALA A 1 177 ? -4.222  15.784  -5.239  1.00 16.23 ? 177 ALA A O   1 
ATOM   1289 C  CB  . ALA A 1 177 ? -5.783  15.237  -7.881  1.00 17.39 ? 177 ALA A CB  1 
ATOM   1290 N  N   . SER A 1 178 ? -5.798  14.282  -4.578  1.00 12.77 ? 178 SER A N   1 
ATOM   1291 C  CA  . SER A 1 178 ? -5.910  14.842  -3.233  1.00 11.24 ? 178 SER A CA  1 
ATOM   1292 C  C   . SER A 1 178 ? -4.999  14.125  -2.198  1.00 9.71  ? 178 SER A C   1 
ATOM   1293 O  O   . SER A 1 178 ? -5.162  14.265  -0.975  1.00 8.48  ? 178 SER A O   1 
ATOM   1294 C  CB  . SER A 1 178 ? -7.364  14.765  -2.825  1.00 11.80 ? 178 SER A CB  1 
ATOM   1295 O  OG  . SER A 1 178 ? -7.788  13.418  -3.070  1.00 16.86 ? 178 SER A OG  1 
ATOM   1296 N  N   . GLY A 1 179 ? -4.046  13.339  -2.688  1.00 7.05  ? 179 GLY A N   1 
ATOM   1297 C  CA  . GLY A 1 179 ? -3.008  12.791  -1.835  1.00 5.63  ? 179 GLY A CA  1 
ATOM   1298 C  C   . GLY A 1 179 ? -3.511  11.582  -1.073  1.00 4.03  ? 179 GLY A C   1 
ATOM   1299 O  O   . GLY A 1 179 ? -4.640  11.112  -1.302  1.00 2.73  ? 179 GLY A O   1 
ATOM   1300 N  N   . LEU A 1 180 ? -2.700  11.122  -0.132  1.00 2.72  ? 180 LEU A N   1 
ATOM   1301 C  CA  . LEU A 1 180 ? -3.123  10.032  0.772   1.00 2.00  ? 180 LEU A CA  1 
ATOM   1302 C  C   . LEU A 1 180 ? -4.341  10.435  1.602   1.00 2.01  ? 180 LEU A C   1 
ATOM   1303 O  O   . LEU A 1 180 ? -5.227  9.578   1.859   1.00 2.00  ? 180 LEU A O   1 
ATOM   1304 C  CB  . LEU A 1 180 ? -2.014  9.607   1.701   1.00 2.02  ? 180 LEU A CB  1 
ATOM   1305 C  CG  . LEU A 1 180 ? -2.241  8.437   2.619   1.00 2.99  ? 180 LEU A CG  1 
ATOM   1306 C  CD1 . LEU A 1 180 ? -2.640  7.130   1.825   1.00 2.00  ? 180 LEU A CD1 1 
ATOM   1307 C  CD2 . LEU A 1 180 ? -0.978  8.252   3.481   1.00 2.00  ? 180 LEU A CD2 1 
ATOM   1308 N  N   . ARG A 1 181 ? -4.389  11.680  2.053   1.00 2.00  ? 181 ARG A N   1 
ATOM   1309 C  CA  . ARG A 1 181 ? -5.556  12.118  2.791   1.00 2.66  ? 181 ARG A CA  1 
ATOM   1310 C  C   . ARG A 1 181 ? -6.839  11.932  1.989   1.00 2.58  ? 181 ARG A C   1 
ATOM   1311 O  O   . ARG A 1 181 ? -7.863  11.463  2.526   1.00 3.30  ? 181 ARG A O   1 
ATOM   1312 C  CB  . ARG A 1 181 ? -5.430  13.593  3.183   1.00 2.21  ? 181 ARG A CB  1 
ATOM   1313 C  CG  . ARG A 1 181 ? -6.552  14.029  4.088   1.00 6.08  ? 181 ARG A CG  1 
ATOM   1314 C  CD  . ARG A 1 181 ? -6.497  15.510  4.419   1.00 10.43 ? 181 ARG A CD  1 
ATOM   1315 N  NE  . ARG A 1 181 ? -5.532  15.804  5.472   1.00 15.67 ? 181 ARG A NE  1 
ATOM   1316 C  CZ  . ARG A 1 181 ? -4.271  16.151  5.268   1.00 22.19 ? 181 ARG A CZ  1 
ATOM   1317 N  NH1 . ARG A 1 181 ? -3.777  16.268  4.030   1.00 26.81 ? 181 ARG A NH1 1 
ATOM   1318 N  NH2 . ARG A 1 181 ? -3.488  16.413  6.310   1.00 21.77 ? 181 ARG A NH2 1 
ATOM   1319 N  N   . GLY A 1 182 ? -6.805  12.284  0.719   1.00 3.11  ? 182 GLY A N   1 
ATOM   1320 C  CA  . GLY A 1 182 ? -7.990  12.160  -0.129  1.00 4.71  ? 182 GLY A CA  1 
ATOM   1321 C  C   . GLY A 1 182 ? -8.452  10.741  -0.313  1.00 3.50  ? 182 GLY A C   1 
ATOM   1322 O  O   . GLY A 1 182 ? -9.641  10.478  -0.349  1.00 2.72  ? 182 GLY A O   1 
ATOM   1323 N  N   . ILE A 1 183 ? -7.502  9.816   -0.425  1.00 2.95  ? 183 ILE A N   1 
ATOM   1324 C  CA  . ILE A 1 183 ? -7.768  8.417   -0.474  1.00 2.72  ? 183 ILE A CA  1 
ATOM   1325 C  C   . ILE A 1 183 ? -8.427  7.937   0.803   1.00 3.96  ? 183 ILE A C   1 
ATOM   1326 O  O   . ILE A 1 183 ? -9.474  7.268   0.733   1.00 3.30  ? 183 ILE A O   1 
ATOM   1327 C  CB  . ILE A 1 183 ? -6.523  7.591   -0.814  1.00 2.00  ? 183 ILE A CB  1 
ATOM   1328 C  CG1 . ILE A 1 183 ? -6.015  7.906   -2.215  1.00 2.73  ? 183 ILE A CG1 1 
ATOM   1329 C  CG2 . ILE A 1 183 ? -6.845  6.064   -0.767  1.00 4.66  ? 183 ILE A CG2 1 
ATOM   1330 C  CD1 . ILE A 1 183 ? -4.647  7.193   -2.540  1.00 2.00  ? 183 ILE A CD1 1 
ATOM   1331 N  N   . ALA A 1 184 ? -7.788  8.215   1.944   1.00 3.39  ? 184 ALA A N   1 
ATOM   1332 C  CA  . ALA A 1 184 ? -8.342  7.906   3.244   1.00 2.36  ? 184 ALA A CA  1 
ATOM   1333 C  C   . ALA A 1 184 ? -9.796  8.397   3.411   1.00 2.06  ? 184 ALA A C   1 
ATOM   1334 O  O   . ALA A 1 184 ? -10.658 7.636   3.859   1.00 2.18  ? 184 ALA A O   1 
ATOM   1335 C  CB  . ALA A 1 184 ? -7.433  8.410   4.335   1.00 2.97  ? 184 ALA A CB  1 
ATOM   1336 N  N   A GLN A 1 185 ? -10.070 9.628   2.991   0.50 2.00  ? 185 GLN A N   1 
ATOM   1337 N  N   B GLN A 1 185 ? -10.105 9.614   2.980   0.50 2.00  ? 185 GLN A N   1 
ATOM   1338 C  CA  A GLN A 1 185 ? -11.415 10.190  3.025   0.50 2.00  ? 185 GLN A CA  1 
ATOM   1339 C  CA  B GLN A 1 185 ? -11.462 10.138  3.127   0.50 2.00  ? 185 GLN A CA  1 
ATOM   1340 C  C   A GLN A 1 185 ? -12.471 9.398   2.264   0.50 2.00  ? 185 GLN A C   1 
ATOM   1341 C  C   B GLN A 1 185 ? -12.510 9.459   2.233   0.50 2.00  ? 185 GLN A C   1 
ATOM   1342 O  O   A GLN A 1 185 ? -13.574 9.192   2.774   0.50 2.00  ? 185 GLN A O   1 
ATOM   1343 O  O   B GLN A 1 185 ? -13.671 9.347   2.628   0.50 2.00  ? 185 GLN A O   1 
ATOM   1344 C  CB  A GLN A 1 185 ? -11.406 11.572  2.396   0.50 2.01  ? 185 GLN A CB  1 
ATOM   1345 C  CB  B GLN A 1 185 ? -11.457 11.624  2.845   0.50 2.00  ? 185 GLN A CB  1 
ATOM   1346 C  CG  A GLN A 1 185 ? -11.354 12.665  3.378   0.50 4.16  ? 185 GLN A CG  1 
ATOM   1347 C  CG  B GLN A 1 185 ? -10.504 12.312  3.744   0.50 2.00  ? 185 GLN A CG  1 
ATOM   1348 C  CD  A GLN A 1 185 ? -11.123 14.014  2.705   0.50 6.28  ? 185 GLN A CD  1 
ATOM   1349 C  CD  B GLN A 1 185 ? -10.343 13.758  3.374   0.50 4.31  ? 185 GLN A CD  1 
ATOM   1350 O  OE1 A GLN A 1 185 ? -11.507 14.223  1.549   0.50 5.85  ? 185 GLN A OE1 1 
ATOM   1351 O  OE1 B GLN A 1 185 ? -10.409 14.108  2.183   0.50 6.16  ? 185 GLN A OE1 1 
ATOM   1352 N  NE2 A GLN A 1 185 ? -10.456 14.923  3.419   0.50 7.83  ? 185 GLN A NE2 1 
ATOM   1353 N  NE2 B GLN A 1 185 ? -10.152 14.617  4.384   0.50 2.53  ? 185 GLN A NE2 1 
ATOM   1354 N  N   A ASP A 1 186 ? -12.127 9.036   1.039   0.50 2.00  ? 186 ASP A N   1 
ATOM   1355 N  N   B ASP A 1 186 ? -12.080 9.067   1.044   0.50 2.00  ? 186 ASP A N   1 
ATOM   1356 C  CA  A ASP A 1 186 ? -13.036 8.279   0.182   0.50 2.00  ? 186 ASP A CA  1 
ATOM   1357 C  CA  B ASP A 1 186 ? -12.909 8.292   0.127   0.50 2.00  ? 186 ASP A CA  1 
ATOM   1358 C  C   A ASP A 1 186 ? -13.440 6.996   0.826   0.50 2.00  ? 186 ASP A C   1 
ATOM   1359 C  C   B ASP A 1 186 ? -13.398 7.025   0.791   0.50 2.00  ? 186 ASP A C   1 
ATOM   1360 O  O   A ASP A 1 186 ? -14.574 6.526   0.604   0.50 2.00  ? 186 ASP A O   1 
ATOM   1361 O  O   B ASP A 1 186 ? -14.554 6.610   0.561   0.50 2.00  ? 186 ASP A O   1 
ATOM   1362 C  CB  A ASP A 1 186 ? -12.360 7.991   -1.143  0.50 2.84  ? 186 ASP A CB  1 
ATOM   1363 C  CB  B ASP A 1 186 ? -12.074 7.946   -1.110  0.50 3.13  ? 186 ASP A CB  1 
ATOM   1364 C  CG  A ASP A 1 186 ? -12.164 9.231   -1.936  0.50 2.77  ? 186 ASP A CG  1 
ATOM   1365 C  CG  B ASP A 1 186 ? -12.775 7.007   -2.041  0.50 3.84  ? 186 ASP A CG  1 
ATOM   1366 O  OD1 A ASP A 1 186 ? -13.157 9.889   -2.194  0.50 10.95 ? 186 ASP A OD1 1 
ATOM   1367 O  OD1 B ASP A 1 186 ? -13.967 7.191   -2.294  0.50 12.40 ? 186 ASP A OD1 1 
ATOM   1368 O  OD2 A ASP A 1 186 ? -11.037 9.545   -2.296  0.50 14.07 ? 186 ASP A OD2 1 
ATOM   1369 O  OD2 B ASP A 1 186 ? -12.125 6.101   -2.565  0.50 13.52 ? 186 ASP A OD2 1 
ATOM   1370 N  N   . PHE A 1 187 ? -12.510 6.378   1.557   1.00 2.00  ? 187 PHE A N   1 
ATOM   1371 C  CA  . PHE A 1 187 ? -12.810 5.072   2.216   1.00 2.00  ? 187 PHE A CA  1 
ATOM   1372 C  C   . PHE A 1 187 ? -13.258 5.239   3.625   1.00 2.29  ? 187 PHE A C   1 
ATOM   1373 O  O   . PHE A 1 187 ? -13.431 4.266   4.329   1.00 3.29  ? 187 PHE A O   1 
ATOM   1374 C  CB  . PHE A 1 187 ? -11.595 4.154   2.122   1.00 2.00  ? 187 PHE A CB  1 
ATOM   1375 C  CG  . PHE A 1 187 ? -11.331 3.691   0.733   1.00 2.00  ? 187 PHE A CG  1 
ATOM   1376 C  CD1 . PHE A 1 187 ? -12.078 2.664   0.167   1.00 3.32  ? 187 PHE A CD1 1 
ATOM   1377 C  CD2 . PHE A 1 187 ? -10.380 4.298   -0.059  1.00 2.38  ? 187 PHE A CD2 1 
ATOM   1378 C  CE1 . PHE A 1 187 ? -11.833 2.277   -1.131  1.00 4.08  ? 187 PHE A CE1 1 
ATOM   1379 C  CE2 . PHE A 1 187 ? -10.138 3.923   -1.322  1.00 2.00  ? 187 PHE A CE2 1 
ATOM   1380 C  CZ  . PHE A 1 187 ? -10.904 2.861   -1.879  1.00 3.79  ? 187 PHE A CZ  1 
ATOM   1381 N  N   . GLY A 1 188 ? -13.584 6.465   4.024   1.00 2.00  ? 188 GLY A N   1 
ATOM   1382 C  CA  . GLY A 1 188 ? -14.366 6.711   5.215   1.00 2.27  ? 188 GLY A CA  1 
ATOM   1383 C  C   . GLY A 1 188 ? -13.527 6.923   6.468   1.00 2.93  ? 188 GLY A C   1 
ATOM   1384 O  O   . GLY A 1 188 ? -14.053 6.859   7.598   1.00 4.72  ? 188 GLY A O   1 
ATOM   1385 N  N   . VAL A 1 189 ? -12.220 7.158   6.324   1.00 2.00  ? 189 VAL A N   1 
ATOM   1386 C  CA  . VAL A 1 189 ? -11.370 7.475   7.489   1.00 2.00  ? 189 VAL A CA  1 
ATOM   1387 C  C   . VAL A 1 189 ? -11.638 8.922   7.928   1.00 3.72  ? 189 VAL A C   1 
ATOM   1388 O  O   . VAL A 1 189 ? -11.737 9.820   7.091   1.00 5.77  ? 189 VAL A O   1 
ATOM   1389 C  CB  . VAL A 1 189 ? -9.892  7.379   7.178   1.00 2.00  ? 189 VAL A CB  1 
ATOM   1390 C  CG1 . VAL A 1 189 ? -9.031  7.693   8.428   1.00 3.73  ? 189 VAL A CG1 1 
ATOM   1391 C  CG2 . VAL A 1 189 ? -9.477  5.978   6.697   1.00 2.09  ? 189 VAL A CG2 1 
ATOM   1392 N  N   . ASN A 1 190 ? -11.727 9.129   9.218   1.00 5.25  ? 190 ASN A N   1 
ATOM   1393 C  CA  . ASN A 1 190 ? -11.867 10.464  9.771   1.00 9.31  ? 190 ASN A CA  1 
ATOM   1394 C  C   . ASN A 1 190 ? -10.517 11.133  9.761   1.00 11.77 ? 190 ASN A C   1 
ATOM   1395 O  O   . ASN A 1 190 ? -9.805  11.030  10.709  1.00 13.68 ? 190 ASN A O   1 
ATOM   1396 C  CB  . ASN A 1 190 ? -12.295 10.361  11.199  1.00 10.21 ? 190 ASN A CB  1 
ATOM   1397 C  CG  . ASN A 1 190 ? -13.717 10.074  11.328  1.00 13.19 ? 190 ASN A CG  1 
ATOM   1398 O  OD1 . ASN A 1 190 ? -14.532 10.745  10.732  1.00 20.14 ? 190 ASN A OD1 1 
ATOM   1399 N  ND2 . ASN A 1 190 ? -14.055 9.084   12.134  1.00 17.41 ? 190 ASN A ND2 1 
ATOM   1400 N  N   . VAL A 1 191 ? -10.154 11.764  8.668   1.00 15.77 ? 191 VAL A N   1 
ATOM   1401 C  CA  . VAL A 1 191 ? -8.849  12.430  8.555   1.00 17.59 ? 191 VAL A CA  1 
ATOM   1402 C  C   . VAL A 1 191 ? -8.946  13.723  7.713   1.00 19.79 ? 191 VAL A C   1 
ATOM   1403 O  O   . VAL A 1 191 ? -9.697  13.790  6.717   1.00 21.55 ? 191 VAL A O   1 
ATOM   1404 C  CB  . VAL A 1 191 ? -7.768  11.507  7.960   1.00 17.13 ? 191 VAL A CB  1 
ATOM   1405 C  CG1 . VAL A 1 191 ? -8.077  11.211  6.541   1.00 17.71 ? 191 VAL A CG1 1 
ATOM   1406 C  CG2 . VAL A 1 191 ? -6.368  12.194  8.080   1.00 21.86 ? 191 VAL A CG2 1 
HETATM 1407 CA CA  . CA  B 2 .   ? 7.999   6.662   3.687   1.00 15.70 ? 192 CA  A CA  1 
HETATM 1408 CA CA  . CA  C 2 .   ? 15.581  1.929   -2.129  1.00 23.65 ? 193 CA  A CA  1 
HETATM 1409 S  S   . SO4 D 3 .   ? 13.263  21.360  -2.841  1.00 76.54 ? 194 SO4 A S   1 
HETATM 1410 O  O1  . SO4 D 3 .   ? 13.571  20.265  -1.944  1.00 75.57 ? 194 SO4 A O1  1 
HETATM 1411 O  O2  . SO4 D 3 .   ? 13.247  20.889  -4.237  1.00 74.52 ? 194 SO4 A O2  1 
HETATM 1412 O  O3  . SO4 D 3 .   ? 11.976  21.928  -2.424  1.00 76.52 ? 194 SO4 A O3  1 
HETATM 1413 O  O4  . SO4 D 3 .   ? 14.304  22.379  -2.708  1.00 76.36 ? 194 SO4 A O4  1 
HETATM 1414 S  S   . SO4 E 3 .   ? -0.053  15.955  -0.410  1.00 76.13 ? 195 SO4 A S   1 
HETATM 1415 O  O1  . SO4 E 3 .   ? 0.624   14.683  -0.110  1.00 76.85 ? 195 SO4 A O1  1 
HETATM 1416 O  O2  . SO4 E 3 .   ? -1.517  15.820  -0.433  1.00 76.35 ? 195 SO4 A O2  1 
HETATM 1417 O  O3  . SO4 E 3 .   ? 0.334   16.918  0.620   1.00 76.01 ? 195 SO4 A O3  1 
HETATM 1418 O  O4  . SO4 E 3 .   ? 0.370   16.432  -1.727  1.00 75.73 ? 195 SO4 A O4  1 
HETATM 1419 S  S   . SO4 F 3 .   ? -3.006  16.355  9.753   1.00 82.27 ? 196 SO4 A S   1 
HETATM 1420 O  O1  . SO4 F 3 .   ? -2.353  15.837  10.962  1.00 82.98 ? 196 SO4 A O1  1 
HETATM 1421 O  O2  . SO4 F 3 .   ? -3.861  15.318  9.153   1.00 83.98 ? 196 SO4 A O2  1 
HETATM 1422 O  O3  . SO4 F 3 .   ? -3.844  17.514  10.061  1.00 83.47 ? 196 SO4 A O3  1 
HETATM 1423 O  O4  . SO4 F 3 .   ? -1.986  16.760  8.786   1.00 83.12 ? 196 SO4 A O4  1 
HETATM 1424 O  O   . HOH G 4 .   ? 8.487   13.318  -0.458  1.00 2.01  ? 197 HOH A O   1 
HETATM 1425 O  O   . HOH G 4 .   ? 0.267   5.544   0.993   1.00 8.94  ? 198 HOH A O   1 
HETATM 1426 O  O   . HOH G 4 .   ? -10.997 12.824  -1.378  1.00 8.71  ? 199 HOH A O   1 
HETATM 1427 O  O   . HOH G 4 .   ? 9.612   13.163  4.781   1.00 6.14  ? 200 HOH A O   1 
HETATM 1428 O  O   . HOH G 4 .   ? 2.400   5.014   5.301   1.00 6.97  ? 201 HOH A O   1 
HETATM 1429 O  O   . HOH G 4 .   ? 15.468  10.678  -1.466  1.00 2.00  ? 202 HOH A O   1 
HETATM 1430 O  O   . HOH G 4 .   ? 0.564   -0.166  -0.103  1.00 8.76  ? 203 HOH A O   1 
HETATM 1431 O  O   . HOH G 4 .   ? 15.119  8.608   -7.283  1.00 5.90  ? 204 HOH A O   1 
HETATM 1432 O  O   . HOH G 4 .   ? 2.284   9.877   2.008   1.00 9.43  ? 205 HOH A O   1 
HETATM 1433 O  O   . HOH G 4 .   ? 5.068   4.818   5.325   1.00 9.84  ? 206 HOH A O   1 
HETATM 1434 O  O   . HOH G 4 .   ? 8.066   3.867   11.189  1.00 10.55 ? 207 HOH A O   1 
HETATM 1435 O  O   . HOH G 4 .   ? -4.928  -13.608 -6.853  1.00 14.52 ? 208 HOH A O   1 
HETATM 1436 O  O   . HOH G 4 .   ? -10.106 0.947   16.256  1.00 11.89 ? 209 HOH A O   1 
HETATM 1437 O  O   . HOH G 4 .   ? 3.499   -1.074  -14.350 1.00 9.74  ? 210 HOH A O   1 
HETATM 1438 O  O   . HOH G 4 .   ? -1.963  11.684  -7.986  1.00 15.48 ? 211 HOH A O   1 
HETATM 1439 O  O   . HOH G 4 .   ? 2.030   2.873   14.985  1.00 8.55  ? 212 HOH A O   1 
HETATM 1440 O  O   . HOH G 4 .   ? -9.736  -15.359 10.573  1.00 11.24 ? 213 HOH A O   1 
HETATM 1441 O  O   . HOH G 4 .   ? 15.558  -0.897  1.765   1.00 16.15 ? 214 HOH A O   1 
HETATM 1442 O  O   . HOH G 4 .   ? -5.132  5.051   11.404  1.00 9.62  ? 215 HOH A O   1 
HETATM 1443 O  O   . HOH G 4 .   ? 1.211   14.698  2.666   1.00 21.43 ? 216 HOH A O   1 
HETATM 1444 O  O   . HOH G 4 .   ? 14.310  6.412   6.542   1.00 8.19  ? 217 HOH A O   1 
HETATM 1445 O  O   . HOH G 4 .   ? 13.898  0.577   4.607   1.00 10.35 ? 218 HOH A O   1 
HETATM 1446 O  O   . HOH G 4 .   ? -15.195 -1.394  -2.375  1.00 20.51 ? 219 HOH A O   1 
HETATM 1447 O  O   . HOH G 4 .   ? 1.838   -7.272  -12.566 1.00 17.02 ? 220 HOH A O   1 
HETATM 1448 O  O   . HOH G 4 .   ? 2.058   19.065  0.469   1.00 9.83  ? 221 HOH A O   1 
HETATM 1449 O  O   . HOH G 4 .   ? -20.326 -3.524  6.528   1.00 18.37 ? 222 HOH A O   1 
HETATM 1450 O  O   . HOH G 4 .   ? -13.906 5.797   10.124  1.00 18.76 ? 223 HOH A O   1 
HETATM 1451 O  O   . HOH G 4 .   ? 12.348  20.021  2.766   1.00 14.70 ? 224 HOH A O   1 
HETATM 1452 O  O   . HOH G 4 .   ? 12.124  12.897  3.645   1.00 7.53  ? 225 HOH A O   1 
HETATM 1453 O  O   . HOH G 4 .   ? 21.548  19.104  -7.792  1.00 17.36 ? 226 HOH A O   1 
HETATM 1454 O  O   . HOH G 4 .   ? 7.165   8.294   10.148  1.00 18.02 ? 227 HOH A O   1 
HETATM 1455 O  O   . HOH G 4 .   ? 14.378  0.867   -6.233  1.00 7.39  ? 228 HOH A O   1 
HETATM 1456 O  O   . HOH G 4 .   ? -16.924 -2.397  10.147  1.00 22.84 ? 229 HOH A O   1 
HETATM 1457 O  O   . HOH G 4 .   ? 0.740   11.964  2.770   1.00 15.20 ? 230 HOH A O   1 
HETATM 1458 O  O   . HOH G 4 .   ? 17.326  2.062   -3.773  1.00 2.00  ? 231 HOH A O   1 
HETATM 1459 O  O   . HOH G 4 .   ? -14.636 10.244  4.987   1.00 11.99 ? 232 HOH A O   1 
HETATM 1460 O  O   . HOH G 4 .   ? -18.370 -6.539  6.714   1.00 9.16  ? 233 HOH A O   1 
HETATM 1461 O  O   . HOH G 4 .   ? -15.021 3.218   10.379  1.00 19.21 ? 234 HOH A O   1 
HETATM 1462 O  O   . HOH G 4 .   ? 18.708  15.499  -1.998  1.00 15.53 ? 235 HOH A O   1 
HETATM 1463 O  O   . HOH G 4 .   ? -2.181  13.653  2.001   1.00 8.12  ? 236 HOH A O   1 
HETATM 1464 O  O   . HOH G 4 .   ? -20.443 2.223   2.931   1.00 16.20 ? 237 HOH A O   1 
HETATM 1465 O  O   . HOH G 4 .   ? -0.113  12.335  0.113   1.00 17.11 ? 238 HOH A O   1 
HETATM 1466 O  O   . HOH G 4 .   ? 12.339  -5.755  -4.071  1.00 18.73 ? 239 HOH A O   1 
HETATM 1467 O  O   . HOH G 4 .   ? 14.724  0.086   -3.544  1.00 2.00  ? 240 HOH A O   1 
HETATM 1468 O  O   . HOH G 4 .   ? -1.571  11.092  11.013  1.00 22.22 ? 241 HOH A O   1 
HETATM 1469 O  O   . HOH G 4 .   ? -12.475 -15.426 2.232   1.00 14.19 ? 242 HOH A O   1 
HETATM 1470 O  O   . HOH G 4 .   ? 13.650  -6.644  -0.524  1.00 20.47 ? 243 HOH A O   1 
HETATM 1471 O  O   . HOH G 4 .   ? 6.308   5.838   11.502  1.00 20.45 ? 244 HOH A O   1 
HETATM 1472 O  O   . HOH G 4 .   ? -12.930 4.564   14.446  1.00 30.97 ? 245 HOH A O   1 
HETATM 1473 O  O   . HOH G 4 .   ? 5.544   -2.598  12.830  1.00 32.70 ? 246 HOH A O   1 
HETATM 1474 O  O   . HOH G 4 .   ? 14.836  -1.606  -7.357  1.00 23.58 ? 247 HOH A O   1 
HETATM 1475 O  O   . HOH G 4 .   ? -15.818 -4.394  0.588   1.00 21.29 ? 248 HOH A O   1 
HETATM 1476 O  O   . HOH G 4 .   ? -18.969 -9.313  6.554   1.00 33.20 ? 249 HOH A O   1 
HETATM 1477 O  O   . HOH G 4 .   ? 18.993  4.273   -3.517  1.00 8.90  ? 250 HOH A O   1 
HETATM 1478 O  O   . HOH G 4 .   ? 11.395  18.472  -3.651  1.00 10.88 ? 251 HOH A O   1 
HETATM 1479 O  O   . HOH G 4 .   ? -4.479  6.077   13.653  1.00 30.64 ? 252 HOH A O   1 
HETATM 1480 O  O   . HOH G 4 .   ? 18.912  12.749  -1.399  1.00 23.83 ? 253 HOH A O   1 
HETATM 1481 O  O   . HOH G 4 .   ? 17.168  11.463  -8.376  1.00 31.58 ? 254 HOH A O   1 
HETATM 1482 O  O   . HOH G 4 .   ? 13.199  4.892   -13.228 1.00 15.18 ? 255 HOH A O   1 
HETATM 1483 O  O   . HOH G 4 .   ? -17.428 -14.023 -1.426  1.00 35.59 ? 256 HOH A O   1 
HETATM 1484 O  O   . HOH G 4 .   ? 3.203   -12.164 5.443   1.00 5.96  ? 257 HOH A O   1 
HETATM 1485 O  O   . HOH G 4 .   ? -6.706  -11.492 13.872  1.00 21.62 ? 258 HOH A O   1 
HETATM 1486 O  O   . HOH G 4 .   ? -2.066  -5.313  16.866  1.00 21.16 ? 259 HOH A O   1 
HETATM 1487 O  O   . HOH G 4 .   ? 12.016  8.260   -13.347 1.00 16.22 ? 260 HOH A O   1 
HETATM 1488 O  O   . HOH G 4 .   ? -6.171  -17.594 -3.345  1.00 4.40  ? 261 HOH A O   1 
HETATM 1489 O  O   . HOH G 4 .   ? 0.083   -17.151 0.370   1.00 13.36 ? 262 HOH A O   1 
HETATM 1490 O  O   . HOH G 4 .   ? -6.427  -17.638 3.821   1.00 6.80  ? 263 HOH A O   1 
HETATM 1491 O  O   . HOH G 4 .   ? -8.924  -20.148 6.286   1.00 15.44 ? 264 HOH A O   1 
HETATM 1492 O  O   . HOH G 4 .   ? -9.815  -17.488 8.020   1.00 25.01 ? 265 HOH A O   1 
HETATM 1493 O  O   . HOH G 4 .   ? -9.688  -14.522 7.034   1.00 22.82 ? 266 HOH A O   1 
HETATM 1494 O  O   . HOH G 4 .   ? 20.485  4.420   -5.433  1.00 22.68 ? 267 HOH A O   1 
HETATM 1495 O  O   . HOH G 4 .   ? 20.461  2.954   -1.258  1.00 16.87 ? 268 HOH A O   1 
HETATM 1496 O  O   . HOH G 4 .   ? 19.895  7.213   -6.379  1.00 18.58 ? 269 HOH A O   1 
HETATM 1497 O  O   . HOH G 4 .   ? -23.063 -5.428  7.660   1.00 43.47 ? 270 HOH A O   1 
HETATM 1498 O  O   . HOH G 4 .   ? -21.782 -1.519  5.691   1.00 28.02 ? 271 HOH A O   1 
HETATM 1499 O  O   . HOH G 4 .   ? -0.787  0.612   15.199  1.00 14.65 ? 272 HOH A O   1 
HETATM 1500 O  O   . HOH G 4 .   ? -17.083 -2.852  -1.407  1.00 24.57 ? 273 HOH A O   1 
HETATM 1501 O  O   . HOH G 4 .   ? -14.955 -9.265  -1.927  1.00 26.39 ? 274 HOH A O   1 
HETATM 1502 O  O   . HOH G 4 .   ? -17.374 6.871   11.751  1.00 30.65 ? 275 HOH A O   1 
HETATM 1503 O  O   . HOH G 4 .   ? 10.011  -0.419  6.279   1.00 31.98 ? 276 HOH A O   1 
HETATM 1504 O  O   . HOH G 4 .   ? 1.191   -10.125 9.500   1.00 22.40 ? 277 HOH A O   1 
HETATM 1505 O  O   . HOH G 4 .   ? 3.261   17.523  -6.923  1.00 26.04 ? 278 HOH A O   1 
HETATM 1506 O  O   . HOH G 4 .   ? 15.143  13.133  -9.871  1.00 32.50 ? 279 HOH A O   1 
HETATM 1507 O  O   . HOH G 4 .   ? 4.121   -10.297 -11.589 1.00 35.97 ? 280 HOH A O   1 
HETATM 1508 O  O   . HOH G 4 .   ? -0.122  -4.233  -11.502 1.00 21.04 ? 281 HOH A O   1 
HETATM 1509 O  O   . HOH G 4 .   ? 2.916   7.657   -16.642 1.00 19.95 ? 282 HOH A O   1 
HETATM 1510 O  O   . HOH G 4 .   ? 0.866   9.484   -15.098 1.00 23.55 ? 283 HOH A O   1 
HETATM 1511 O  O   . HOH G 4 .   ? -5.107  6.650   -12.999 1.00 16.01 ? 284 HOH A O   1 
HETATM 1512 O  O   . HOH G 4 .   ? -13.070 -13.464 -8.659  1.00 26.57 ? 285 HOH A O   1 
HETATM 1513 O  O   . HOH G 4 .   ? -5.233  -8.144  -11.360 1.00 18.94 ? 286 HOH A O   1 
HETATM 1514 O  O   . HOH G 4 .   ? -13.225 12.058  6.434   1.00 12.72 ? 287 HOH A O   1 
HETATM 1515 O  O   . HOH G 4 .   ? -6.931  15.182  10.290  1.00 44.81 ? 288 HOH A O   1 
HETATM 1516 O  O   . HOH G 4 .   ? -3.121  -26.669 0.733   1.00 21.08 ? 289 HOH A O   1 
HETATM 1517 O  O   . HOH G 4 .   ? 13.898  14.588  4.784   1.00 24.16 ? 290 HOH A O   1 
HETATM 1518 O  O   . HOH G 4 .   ? -3.083  17.236  -2.220  1.00 39.68 ? 291 HOH A O   1 
HETATM 1519 O  O   . HOH G 4 .   ? -6.200  16.011  0.367   1.00 32.73 ? 292 HOH A O   1 
HETATM 1520 O  O   . HOH G 4 .   ? 11.202  -0.482  -11.127 1.00 27.45 ? 293 HOH A O   1 
HETATM 1521 O  O   . HOH G 4 .   ? 8.057   -14.262 -9.151  1.00 21.70 ? 294 HOH A O   1 
HETATM 1522 O  O   . HOH G 4 .   ? -0.390  0.887   -16.368 1.00 32.86 ? 295 HOH A O   1 
HETATM 1523 O  O   . HOH G 4 .   ? -16.241 -13.023 5.807   1.00 20.73 ? 296 HOH A O   1 
HETATM 1524 O  O   . HOH G 4 .   ? -14.726 -20.786 -1.227  1.00 20.76 ? 297 HOH A O   1 
HETATM 1525 O  O   . HOH G 4 .   ? -16.382 -14.855 1.709   1.00 27.39 ? 298 HOH A O   1 
HETATM 1526 O  O   . HOH G 4 .   ? -11.294 -19.260 -8.317  1.00 34.35 ? 299 HOH A O   1 
HETATM 1527 O  O   . HOH G 4 .   ? 3.637   4.903   14.129  1.00 26.81 ? 300 HOH A O   1 
HETATM 1528 O  O   . HOH G 4 .   ? 11.465  -3.163  4.221   1.00 31.47 ? 301 HOH A O   1 
HETATM 1529 O  O   . HOH G 4 .   ? -3.504  20.302  9.550   1.00 44.70 ? 302 HOH A O   1 
HETATM 1530 O  O   . HOH G 4 .   ? 20.083  -2.195  2.181   1.00 36.50 ? 303 HOH A O   1 
HETATM 1531 O  O   . HOH G 4 .   ? -7.187  -17.693 0.433   1.00 2.00  ? 304 HOH A O   1 
HETATM 1532 O  O   . HOH G 4 .   ? -19.153 -3.431  9.432   1.00 28.76 ? 305 HOH A O   1 
HETATM 1533 O  O   . HOH G 4 .   ? -5.936  10.448  12.342  1.00 38.98 ? 306 HOH A O   1 
HETATM 1534 O  O   . HOH G 4 .   ? -5.887  12.655  11.045  1.00 46.53 ? 307 HOH A O   1 
HETATM 1535 O  O   . HOH G 4 .   ? 12.292  -6.294  -6.548  1.00 32.66 ? 308 HOH A O   1 
HETATM 1536 O  O   . HOH G 4 .   ? 0.747   12.471  -2.176  1.00 23.86 ? 309 HOH A O   1 
HETATM 1537 O  O   . HOH G 4 .   ? 19.210  2.375   -12.553 1.00 28.86 ? 310 HOH A O   1 
HETATM 1538 O  O   . HOH G 4 .   ? -3.136  -12.370 -9.129  1.00 33.82 ? 311 HOH A O   1 
HETATM 1539 O  O   . HOH G 4 .   ? -8.246  -11.260 -9.319  1.00 25.96 ? 312 HOH A O   1 
HETATM 1540 O  O   . HOH G 4 .   ? 6.014   -3.613  -14.046 1.00 32.96 ? 313 HOH A O   1 
HETATM 1541 O  O   . HOH G 4 .   ? -10.152 -17.406 4.318   1.00 31.58 ? 314 HOH A O   1 
HETATM 1542 O  O   . HOH G 4 .   ? -9.739  2.270   -5.948  1.00 45.70 ? 315 HOH A O   1 
HETATM 1543 O  O   . HOH G 4 .   ? 13.787  23.740  -0.643  1.00 50.07 ? 316 HOH A O   1 
HETATM 1544 O  O   . HOH G 4 .   ? -15.238 -11.726 -8.072  1.00 53.46 ? 317 HOH A O   1 
HETATM 1545 O  O   . HOH G 4 .   ? -21.571 -9.282  4.961   1.00 53.48 ? 318 HOH A O   1 
HETATM 1546 O  O   . HOH G 4 .   ? -23.229 -4.071  3.198   1.00 32.26 ? 319 HOH A O   1 
HETATM 1547 O  O   . HOH G 4 .   ? 15.331  16.961  -10.120 1.00 45.63 ? 320 HOH A O   1 
HETATM 1548 O  O   . HOH G 4 .   ? 18.783  7.970   3.639   1.00 44.62 ? 321 HOH A O   1 
HETATM 1549 O  O   . HOH G 4 .   ? -0.230  2.786   16.563  1.00 42.78 ? 322 HOH A O   1 
# 
